data_7OM7
#
_entry.id   7OM7
#
_cell.length_a   67.480
_cell.length_b   206.266
_cell.length_c   115.590
_cell.angle_alpha   90.000
_cell.angle_beta   90.745
_cell.angle_gamma   90.000
#
_symmetry.space_group_name_H-M   'P 1 21 1'
#
loop_
_entity.id
_entity.type
_entity.pdbx_description
1 polymer 'RNA-dependent RNA polymerase'
2 polymer "RNA (5'-R(P*AP*AP*AP*UP*UP*U)-3')"
3 non-polymer "5'-O-[(S)-hydroxy{[(S)-hydroxy(phosphonooxy)phosphoryl]amino}phosphoryl]uridine"
4 non-polymer 'MANGANESE (II) ION'
5 non-polymer DI(HYDROXYETHYL)ETHER
6 water water
#
loop_
_entity_poly.entity_id
_entity_poly.type
_entity_poly.pdbx_seq_one_letter_code
_entity_poly.pdbx_strand_id
1 'polypeptide(L)'
;MGSSHHHHHHSQDLENLYFQGGSTRLSLEAMLAERAMVARQDLAGLKRKLAGADRVLAPQSPEQCGRESAQAQARSVTSE
LKSAVKEAQGLEHQTLDFLEQLGEYPVCGILHGDHPVHPSGTHNNNGKVSVKRQFAAGVNTSDALTCAFRFEDSDLVRET
ALKTTYTDGTWAGFVQRLKMQTTRKCVQEKVSRKLLKQLFPYDPQKLVDVSGELSELVLGIKTNAIASAGPPYWRTKRDA
LPDMLDCVLPLLYDHIVRKDLTTLRNKHPELFLAECKNKTDRYEVESLGEKTRPYFSHPFHLSALVSVLSQSFSGALKIM
TEDSTSFNAYGFSWTNGGAEDLAIWARQAGEAGKKPPRIACYGDDTDIYYRKDGKLYRICPDFKQMDGSVDATTIEAVVD
YVVDAHVKQYPTARQFWEEVGKLWVEMATQSPFLIDGTKVYRKMQKDGLMTGVVGTTLFDTVKSALAYNDWADQLMFGSL
NLLEEKYAIEFFKNKHGLVIKEGTWKPALVNEDPGFGELWTEQKFLGLQLKVVRRENEKVYVPNLPFEDWLTMWVTPRSK
YRSKETETMRERTLFDRARGLLVTGAVFDERARGLMGAVINSTAPEVVCMRVQEGGGRGAPPAYAFLTRDGVFEFPISDG
YPSYDWVVSLYSRDHPCDMPRVFPEAATLIASYRKQVMDTRVVI
;
A,B,C,D
2 'polyribonucleotide' CAAAAUUU E,F,G,H,I,J,K,L
#
loop_
_chem_comp.id
_chem_comp.type
_chem_comp.name
_chem_comp.formula
2KH non-polymer 5'-O-[(S)-hydroxy{[(S)-hydroxy(phosphonooxy)phosphoryl]amino}phosphoryl]uridine 'C9 H16 N3 O14 P3'
A RNA linking ADENOSINE-5'-MONOPHOSPHATE 'C10 H14 N5 O7 P'
C RNA linking CYTIDINE-5'-MONOPHOSPHATE 'C9 H14 N3 O8 P'
MN non-polymer 'MANGANESE (II) ION' 'Mn 2'
PEG non-polymer DI(HYDROXYETHYL)ETHER 'C4 H10 O3'
U RNA linking URIDINE-5'-MONOPHOSPHATE 'C9 H13 N2 O9 P'
#
# COMPACT_ATOMS: atom_id res chain seq x y z
N THR A 24 11.79 30.23 28.03
CA THR A 24 11.43 31.53 27.42
C THR A 24 12.27 31.76 26.16
N ARG A 25 13.53 32.17 26.32
CA ARG A 25 14.43 32.40 25.17
C ARG A 25 14.64 31.08 24.41
N LEU A 26 13.97 30.92 23.26
CA LEU A 26 14.05 29.65 22.49
C LEU A 26 14.04 29.96 20.99
N SER A 27 14.70 29.12 20.18
CA SER A 27 14.63 29.31 18.71
C SER A 27 13.22 28.90 18.23
N LEU A 28 12.76 29.47 17.11
CA LEU A 28 11.40 29.16 16.66
C LEU A 28 11.29 27.68 16.30
N GLU A 29 12.36 27.14 15.72
CA GLU A 29 12.43 25.72 15.37
C GLU A 29 12.21 24.87 16.61
N ALA A 30 12.90 25.21 17.70
CA ALA A 30 12.77 24.52 18.98
C ALA A 30 11.37 24.67 19.54
N MET A 31 10.83 25.90 19.51
CA MET A 31 9.48 26.19 19.94
C MET A 31 8.45 25.33 19.20
N LEU A 32 8.59 25.18 17.89
CA LEU A 32 7.73 24.27 17.11
C LEU A 32 7.81 22.83 17.58
N ALA A 33 9.02 22.35 17.88
CA ALA A 33 9.23 21.01 18.38
C ALA A 33 8.53 20.79 19.74
N GLU A 34 8.67 21.77 20.66
CA GLU A 34 7.99 21.70 21.95
C GLU A 34 6.47 21.63 21.77
N ARG A 35 5.91 22.49 20.93
CA ARG A 35 4.46 22.49 20.58
C ARG A 35 4.03 21.13 20.03
N ALA A 36 4.89 20.48 19.23
CA ALA A 36 4.59 19.18 18.62
C ALA A 36 4.36 18.10 19.68
N MET A 37 5.34 17.97 20.61
CA MET A 37 5.24 17.02 21.72
C MET A 37 3.99 17.25 22.60
N VAL A 38 3.80 18.50 23.02
CA VAL A 38 2.63 18.87 23.82
C VAL A 38 1.31 18.53 23.09
N ALA A 39 1.24 18.87 21.80
CA ALA A 39 0.01 18.69 21.00
C ALA A 39 -0.48 17.24 20.95
N ARG A 40 0.46 16.29 20.91
CA ARG A 40 0.17 14.83 20.80
C ARG A 40 -0.32 14.27 22.14
N GLN A 41 -0.39 15.09 23.20
CA GLN A 41 -0.97 14.71 24.48
C GLN A 41 -2.37 15.25 24.70
N ASP A 42 -2.79 16.16 23.82
CA ASP A 42 -4.11 16.78 23.89
C ASP A 42 -5.07 16.09 22.91
N LEU A 43 -5.72 15.03 23.39
CA LEU A 43 -6.67 14.24 22.62
C LEU A 43 -7.73 15.06 21.90
N ALA A 44 -8.33 16.01 22.62
CA ALA A 44 -9.41 16.85 22.08
C ALA A 44 -8.90 17.71 20.92
N GLY A 45 -7.67 18.21 21.04
CA GLY A 45 -7.02 19.01 20.02
C GLY A 45 -6.59 18.19 18.81
N LEU A 46 -6.08 16.99 19.05
CA LEU A 46 -5.78 16.03 18.01
C LEU A 46 -7.04 15.69 17.19
N LYS A 47 -8.13 15.36 17.90
CA LYS A 47 -9.41 15.04 17.29
C LYS A 47 -9.83 16.15 16.32
N ARG A 48 -9.72 17.40 16.78
CA ARG A 48 -10.11 18.61 16.00
C ARG A 48 -9.17 18.76 14.80
N LYS A 49 -7.86 18.65 15.00
CA LYS A 49 -6.91 18.88 13.90
C LYS A 49 -6.88 17.78 12.86
N LEU A 50 -7.24 16.55 13.26
CA LEU A 50 -7.18 15.41 12.35
C LEU A 50 -8.51 15.19 11.61
N ALA A 51 -9.57 15.90 12.05
CA ALA A 51 -10.94 15.66 11.62
C ALA A 51 -11.19 15.63 10.09
N GLY A 52 -10.35 16.33 9.32
CA GLY A 52 -10.47 16.37 7.87
C GLY A 52 -9.43 15.55 7.12
N ALA A 53 -8.53 14.92 7.86
CA ALA A 53 -7.30 14.38 7.30
C ALA A 53 -7.57 13.17 6.43
N ASP A 54 -6.80 13.07 5.34
CA ASP A 54 -6.73 11.85 4.53
C ASP A 54 -6.21 10.72 5.44
N ARG A 55 -6.97 9.62 5.47
CA ARG A 55 -6.63 8.39 6.22
C ARG A 55 -6.29 7.25 5.24
N VAL A 56 -5.10 6.69 5.37
CA VAL A 56 -4.68 5.49 4.66
C VAL A 56 -5.25 4.30 5.41
N LEU A 57 -6.43 3.84 4.96
CA LEU A 57 -7.18 2.81 5.64
C LEU A 57 -6.53 1.46 5.41
N ALA A 58 -6.60 0.60 6.41
CA ALA A 58 -6.17 -0.78 6.27
C ALA A 58 -7.25 -1.53 5.51
N PRO A 59 -6.92 -2.62 4.78
CA PRO A 59 -7.94 -3.48 4.19
C PRO A 59 -8.80 -4.11 5.30
N GLN A 60 -10.10 -4.04 5.13
CA GLN A 60 -11.03 -4.58 6.14
C GLN A 60 -12.21 -5.31 5.51
N SER A 61 -12.70 -6.27 6.26
CA SER A 61 -13.93 -7.00 5.86
C SER A 61 -15.10 -6.19 6.40
N PRO A 62 -16.30 -6.27 5.81
CA PRO A 62 -17.44 -5.46 6.25
C PRO A 62 -18.05 -5.97 7.57
N GLU A 63 -18.74 -5.08 8.26
CA GLU A 63 -19.48 -5.33 9.47
C GLU A 63 -20.49 -6.44 9.25
N GLN A 64 -20.69 -7.28 10.27
CA GLN A 64 -21.67 -8.37 10.26
C GLN A 64 -22.89 -8.09 11.11
N CYS A 65 -22.69 -7.37 12.20
CA CYS A 65 -23.81 -6.91 13.03
C CYS A 65 -23.38 -5.67 13.77
N GLY A 66 -24.35 -4.98 14.39
CA GLY A 66 -24.11 -3.73 15.07
C GLY A 66 -23.52 -3.92 16.46
N ARG A 67 -23.09 -2.82 17.07
CA ARG A 67 -22.46 -2.76 18.42
C ARG A 67 -23.30 -3.53 19.44
N GLU A 68 -24.59 -3.20 19.55
CA GLU A 68 -25.43 -3.72 20.61
C GLU A 68 -25.51 -5.24 20.54
N SER A 69 -25.70 -5.77 19.33
CA SER A 69 -25.77 -7.21 19.12
C SER A 69 -24.44 -7.90 19.44
N ALA A 70 -23.34 -7.30 19.01
CA ALA A 70 -22.01 -7.84 19.23
C ALA A 70 -21.65 -7.88 20.73
N GLN A 71 -22.01 -6.80 21.45
CA GLN A 71 -21.76 -6.72 22.89
C GLN A 71 -22.57 -7.77 23.63
N ALA A 72 -23.83 -7.97 23.22
CA ALA A 72 -24.71 -8.95 23.82
C ALA A 72 -24.16 -10.37 23.65
N GLN A 73 -23.66 -10.67 22.45
CA GLN A 73 -23.07 -11.98 22.17
C GLN A 73 -21.78 -12.19 22.93
N ALA A 74 -20.97 -11.14 23.05
CA ALA A 74 -19.76 -11.16 23.87
C ALA A 74 -20.07 -11.43 25.36
N ARG A 75 -21.07 -10.71 25.89
CA ARG A 75 -21.59 -10.87 27.28
C ARG A 75 -21.99 -12.33 27.51
N SER A 76 -22.76 -12.89 26.59
CA SER A 76 -23.26 -14.24 26.68
C SER A 76 -22.12 -15.27 26.76
N VAL A 77 -21.11 -15.13 25.90
CA VAL A 77 -19.95 -16.02 25.90
C VAL A 77 -19.14 -15.88 27.19
N THR A 78 -18.92 -14.61 27.58
CA THR A 78 -18.16 -14.29 28.78
C THR A 78 -18.80 -14.89 30.03
N SER A 79 -20.13 -14.89 30.04
CA SER A 79 -20.92 -15.44 31.13
C SER A 79 -20.73 -16.94 31.30
N GLU A 80 -20.67 -17.67 30.17
CA GLU A 80 -20.45 -19.12 30.19
C GLU A 80 -19.06 -19.48 30.63
N LEU A 81 -18.07 -18.76 30.10
CA LEU A 81 -16.69 -18.94 30.47
C LEU A 81 -16.48 -18.72 31.98
N LYS A 82 -17.14 -17.68 32.52
CA LYS A 82 -16.98 -17.31 33.92
C LYS A 82 -17.47 -18.44 34.83
N SER A 83 -18.62 -19.04 34.50
CA SER A 83 -19.14 -20.16 35.29
C SER A 83 -18.26 -21.40 35.16
N ALA A 84 -17.79 -21.72 33.95
CA ALA A 84 -16.89 -22.86 33.73
C ALA A 84 -15.61 -22.73 34.55
N VAL A 85 -15.02 -21.53 34.55
CA VAL A 85 -13.80 -21.24 35.30
C VAL A 85 -14.06 -21.31 36.80
N LYS A 86 -15.16 -20.69 37.25
CA LYS A 86 -15.50 -20.66 38.68
C LYS A 86 -15.74 -22.08 39.23
N GLU A 87 -16.40 -22.93 38.45
CA GLU A 87 -16.62 -24.34 38.78
C GLU A 87 -15.31 -25.13 38.92
N ALA A 88 -14.41 -24.95 37.94
CA ALA A 88 -13.15 -25.70 37.93
C ALA A 88 -12.24 -25.23 39.07
N GLN A 89 -12.33 -23.94 39.41
CA GLN A 89 -11.54 -23.35 40.51
C GLN A 89 -12.04 -23.83 41.86
N GLY A 90 -13.31 -24.24 41.92
CA GLY A 90 -13.93 -24.79 43.11
C GLY A 90 -13.57 -26.24 43.42
N LEU A 91 -12.89 -26.91 42.48
CA LEU A 91 -12.52 -28.32 42.61
C LEU A 91 -11.45 -28.49 43.67
N GLU A 92 -11.57 -29.56 44.46
CA GLU A 92 -10.58 -29.89 45.47
C GLU A 92 -9.28 -30.30 44.80
N HIS A 93 -8.17 -29.91 45.42
CA HIS A 93 -6.84 -30.20 44.91
C HIS A 93 -6.27 -31.31 45.76
N GLN A 94 -5.43 -32.14 45.13
CA GLN A 94 -4.79 -33.25 45.81
C GLN A 94 -3.67 -32.73 46.75
N THR A 95 -3.34 -33.56 47.73
CA THR A 95 -2.35 -33.26 48.77
C THR A 95 -0.96 -33.01 48.19
N LEU A 96 -0.16 -32.22 48.92
CA LEU A 96 1.21 -31.89 48.53
C LEU A 96 2.26 -32.82 49.15
N ASP A 97 1.85 -34.05 49.47
CA ASP A 97 2.71 -35.08 50.10
C ASP A 97 3.89 -35.56 49.30
N PHE A 98 3.85 -35.36 47.98
CA PHE A 98 4.89 -35.81 47.05
C PHE A 98 6.14 -34.95 47.11
N LEU A 99 6.06 -33.83 47.83
CA LEU A 99 7.19 -32.94 48.08
C LEU A 99 7.75 -33.14 49.46
N GLU A 100 9.03 -32.82 49.63
CA GLU A 100 9.70 -32.79 50.93
C GLU A 100 9.21 -31.54 51.68
N GLN A 101 8.91 -31.68 52.97
CA GLN A 101 8.50 -30.60 53.85
C GLN A 101 9.72 -30.14 54.64
N LEU A 102 9.90 -28.82 54.77
CA LEU A 102 11.04 -28.26 55.50
C LEU A 102 10.64 -27.30 56.63
N GLY A 103 9.35 -27.30 56.99
CA GLY A 103 8.81 -26.46 58.04
C GLY A 103 8.52 -25.05 57.56
N GLU A 104 8.52 -24.11 58.52
CA GLU A 104 8.32 -22.70 58.26
C GLU A 104 9.66 -22.00 58.32
N TYR A 105 9.81 -20.91 57.55
CA TYR A 105 11.03 -20.07 57.54
C TYR A 105 10.69 -18.76 58.26
N PRO A 106 11.60 -18.23 59.12
CA PRO A 106 11.42 -16.90 59.69
C PRO A 106 11.57 -15.81 58.61
N VAL A 107 10.81 -14.72 58.73
CA VAL A 107 10.98 -13.58 57.83
C VAL A 107 12.36 -13.01 58.03
N CYS A 108 12.98 -12.59 56.92
CA CYS A 108 14.30 -12.01 56.93
C CYS A 108 14.32 -10.75 57.76
N GLY A 109 15.33 -10.64 58.64
CA GLY A 109 15.49 -9.51 59.52
C GLY A 109 16.45 -8.46 58.99
N ILE A 110 17.04 -8.69 57.80
CA ILE A 110 18.04 -7.78 57.26
C ILE A 110 17.46 -6.39 57.01
N LEU A 111 18.17 -5.37 57.52
CA LEU A 111 17.82 -3.97 57.34
C LEU A 111 18.77 -3.34 56.34
N HIS A 112 18.21 -2.54 55.43
CA HIS A 112 18.98 -1.66 54.58
C HIS A 112 18.65 -0.23 54.99
N GLY A 113 19.49 0.34 55.88
CA GLY A 113 19.28 1.64 56.45
C GLY A 113 18.13 1.63 57.43
N ASP A 114 17.13 2.49 57.15
CA ASP A 114 15.98 2.74 58.03
C ASP A 114 14.77 1.79 57.84
N HIS A 115 14.88 0.82 56.91
CA HIS A 115 13.79 -0.12 56.60
C HIS A 115 14.26 -1.57 56.42
N PRO A 116 13.41 -2.57 56.73
CA PRO A 116 13.73 -3.97 56.44
C PRO A 116 13.62 -4.25 54.93
N VAL A 117 14.45 -5.17 54.42
CA VAL A 117 14.41 -5.61 53.03
C VAL A 117 13.12 -6.37 52.76
N HIS A 118 12.63 -7.05 53.79
CA HIS A 118 11.31 -7.69 53.75
C HIS A 118 10.33 -6.66 54.32
N PRO A 119 9.42 -6.08 53.52
CA PRO A 119 8.55 -5.02 54.03
C PRO A 119 7.71 -5.46 55.25
N SER A 120 7.55 -4.57 56.22
CA SER A 120 6.88 -4.85 57.53
C SER A 120 5.52 -5.53 57.46
N GLY A 121 4.60 -5.07 56.62
CA GLY A 121 3.24 -5.65 56.67
C GLY A 121 2.93 -6.67 55.60
N THR A 122 3.95 -7.29 55.01
CA THR A 122 3.72 -8.17 53.85
C THR A 122 4.34 -9.55 54.00
N HIS A 123 3.65 -10.58 53.55
CA HIS A 123 4.23 -11.93 53.44
C HIS A 123 4.82 -12.39 54.77
N ASN A 124 4.04 -12.21 55.82
CA ASN A 124 4.45 -12.45 57.19
C ASN A 124 3.25 -12.90 58.00
N ASN A 125 3.24 -14.18 58.40
CA ASN A 125 2.27 -14.75 59.32
C ASN A 125 3.01 -15.06 60.61
N ASN A 126 2.77 -14.26 61.65
CA ASN A 126 3.40 -14.40 62.94
C ASN A 126 4.89 -14.71 62.85
N GLY A 127 5.60 -13.88 62.08
CA GLY A 127 7.06 -13.95 61.96
C GLY A 127 7.58 -14.97 60.97
N LYS A 128 6.66 -15.69 60.29
CA LYS A 128 7.01 -16.68 59.27
C LYS A 128 6.66 -16.18 57.87
N VAL A 129 7.49 -16.48 56.89
CA VAL A 129 7.22 -16.07 55.49
C VAL A 129 5.94 -16.77 55.02
N SER A 130 5.05 -16.01 54.40
CA SER A 130 3.81 -16.60 53.82
C SER A 130 3.55 -16.04 52.43
N VAL A 131 2.80 -16.79 51.62
CA VAL A 131 2.39 -16.35 50.27
C VAL A 131 0.94 -16.78 50.08
N LYS A 132 0.21 -16.09 49.23
CA LYS A 132 -1.17 -16.53 48.91
C LYS A 132 -1.31 -16.64 47.39
N ARG A 133 -1.59 -17.84 46.89
CA ARG A 133 -1.87 -18.01 45.46
C ARG A 133 -3.17 -17.31 45.10
N GLN A 134 -3.22 -16.72 43.91
CA GLN A 134 -4.42 -16.10 43.42
C GLN A 134 -5.00 -16.90 42.25
N PHE A 135 -6.26 -17.31 42.42
CA PHE A 135 -7.04 -17.87 41.32
C PHE A 135 -8.35 -17.10 41.20
N ALA A 136 -8.34 -16.05 40.39
CA ALA A 136 -9.51 -15.21 40.16
C ALA A 136 -10.24 -15.69 38.91
N ALA A 137 -11.51 -15.30 38.77
CA ALA A 137 -12.21 -15.42 37.49
C ALA A 137 -12.02 -14.17 36.64
N SER A 142 -15.06 -8.44 27.30
CA SER A 142 -13.95 -8.39 26.35
C SER A 142 -14.29 -7.51 25.16
N ASP A 143 -13.43 -6.50 24.95
CA ASP A 143 -13.47 -5.63 23.79
C ASP A 143 -13.13 -6.42 22.53
N ALA A 144 -12.12 -7.28 22.65
CA ALA A 144 -11.67 -8.11 21.54
C ALA A 144 -12.80 -9.01 21.00
N LEU A 145 -13.53 -9.63 21.94
CA LEU A 145 -14.58 -10.57 21.61
C LEU A 145 -15.72 -9.85 20.89
N THR A 146 -16.04 -8.64 21.35
CA THR A 146 -17.05 -7.80 20.72
C THR A 146 -16.68 -7.51 19.27
N CYS A 147 -15.43 -7.07 19.03
CA CYS A 147 -14.92 -6.89 17.67
C CYS A 147 -15.10 -8.14 16.80
N ALA A 148 -14.77 -9.32 17.35
CA ALA A 148 -14.86 -10.56 16.61
C ALA A 148 -16.29 -10.79 16.11
N PHE A 149 -17.26 -10.62 17.02
CA PHE A 149 -18.68 -10.77 16.69
C PHE A 149 -19.17 -9.70 15.70
N ARG A 150 -18.60 -8.50 15.82
CA ARG A 150 -18.91 -7.34 14.93
C ARG A 150 -18.54 -7.70 13.50
N PHE A 151 -17.44 -8.43 13.28
CA PHE A 151 -16.89 -8.64 11.94
C PHE A 151 -16.78 -10.08 11.44
N GLU A 152 -17.22 -11.07 12.23
CA GLU A 152 -17.11 -12.48 11.84
C GLU A 152 -18.36 -13.28 12.16
N ASP A 153 -18.45 -14.47 11.57
CA ASP A 153 -19.54 -15.41 11.78
C ASP A 153 -19.69 -15.77 13.28
N SER A 154 -20.88 -15.54 13.81
CA SER A 154 -21.21 -15.82 15.24
C SER A 154 -20.83 -17.23 15.71
N ASP A 155 -21.27 -18.25 14.99
CA ASP A 155 -21.03 -19.65 15.41
C ASP A 155 -19.53 -19.91 15.56
N LEU A 156 -18.74 -19.51 14.56
CA LEU A 156 -17.26 -19.65 14.62
C LEU A 156 -16.71 -18.86 15.81
N VAL A 157 -17.07 -17.58 15.96
CA VAL A 157 -16.51 -16.79 17.05
C VAL A 157 -16.84 -17.45 18.38
N ARG A 158 -18.12 -17.83 18.52
CA ARG A 158 -18.67 -18.43 19.77
C ARG A 158 -17.93 -19.72 20.11
N GLU A 159 -17.82 -20.66 19.16
CA GLU A 159 -17.15 -21.92 19.45
C GLU A 159 -15.64 -21.70 19.72
N THR A 160 -15.02 -20.76 19.02
CA THR A 160 -13.63 -20.40 19.25
C THR A 160 -13.39 -19.83 20.67
N ALA A 161 -14.26 -18.91 21.11
CA ALA A 161 -14.10 -18.25 22.39
C ALA A 161 -14.39 -19.18 23.57
N LEU A 162 -15.26 -20.18 23.36
CA LEU A 162 -15.61 -21.13 24.40
C LEU A 162 -14.56 -22.23 24.59
N LYS A 163 -13.61 -22.38 23.67
CA LYS A 163 -12.59 -23.47 23.75
C LYS A 163 -11.38 -23.06 24.60
N THR A 164 -10.96 -21.80 24.54
CA THR A 164 -9.74 -21.33 25.24
C THR A 164 -10.05 -20.10 26.08
N THR A 165 -9.41 -19.95 27.23
CA THR A 165 -9.56 -18.72 28.06
C THR A 165 -8.23 -18.33 28.70
N TYR A 166 -7.98 -17.04 28.79
CA TYR A 166 -6.80 -16.49 29.51
C TYR A 166 -7.16 -16.41 31.00
N THR A 167 -6.55 -17.26 31.81
CA THR A 167 -6.99 -17.42 33.18
C THR A 167 -5.84 -17.82 34.11
N ASP A 168 -5.97 -17.46 35.39
CA ASP A 168 -5.09 -17.92 36.48
C ASP A 168 -5.02 -19.45 36.63
N GLY A 169 -6.03 -20.16 36.09
CA GLY A 169 -6.10 -21.62 36.18
C GLY A 169 -6.82 -22.06 37.43
N THR A 170 -6.44 -23.22 37.97
CA THR A 170 -7.13 -23.82 39.11
C THR A 170 -6.14 -24.46 40.07
N TRP A 171 -6.53 -24.53 41.35
CA TRP A 171 -5.78 -25.29 42.35
C TRP A 171 -5.57 -26.75 41.96
N ALA A 172 -6.64 -27.39 41.51
CA ALA A 172 -6.60 -28.80 41.15
C ALA A 172 -5.57 -29.01 40.03
N GLY A 173 -5.68 -28.20 38.98
CA GLY A 173 -4.77 -28.26 37.85
C GLY A 173 -3.33 -27.91 38.19
N PHE A 174 -3.16 -26.87 39.01
CA PHE A 174 -1.86 -26.43 39.52
C PHE A 174 -1.12 -27.56 40.23
N VAL A 175 -1.79 -28.22 41.17
CA VAL A 175 -1.15 -29.26 41.96
C VAL A 175 -0.82 -30.50 41.11
N GLN A 176 -1.75 -30.87 40.21
CA GLN A 176 -1.54 -32.00 39.32
C GLN A 176 -0.30 -31.80 38.46
N ARG A 177 -0.17 -30.63 37.83
CA ARG A 177 1.00 -30.32 36.97
C ARG A 177 2.26 -30.21 37.84
N LEU A 178 2.17 -29.62 39.03
CA LEU A 178 3.29 -29.56 39.95
C LEU A 178 3.85 -30.96 40.27
N LYS A 179 2.95 -31.89 40.59
CA LYS A 179 3.34 -33.28 40.85
C LYS A 179 4.04 -33.90 39.65
N MET A 180 3.46 -33.75 38.46
CA MET A 180 4.01 -34.26 37.21
C MET A 180 5.41 -33.67 36.91
N GLN A 181 5.60 -32.40 37.29
CA GLN A 181 6.86 -31.69 37.09
C GLN A 181 7.96 -32.10 38.08
N THR A 182 7.58 -32.56 39.28
CA THR A 182 8.52 -32.79 40.37
C THR A 182 8.84 -34.26 40.69
N THR A 183 8.13 -35.19 40.04
CA THR A 183 8.21 -36.61 40.38
C THR A 183 8.34 -37.53 39.18
N ARG A 184 8.84 -37.02 38.06
CA ARG A 184 8.97 -37.84 36.83
C ARG A 184 10.28 -38.62 36.89
N LYS A 185 10.25 -39.88 36.45
CA LYS A 185 11.43 -40.73 36.36
C LYS A 185 12.21 -40.28 35.13
N CYS A 186 13.41 -39.74 35.36
CA CYS A 186 14.25 -39.21 34.30
C CYS A 186 15.34 -40.19 33.93
N VAL A 187 16.01 -39.90 32.81
CA VAL A 187 17.17 -40.66 32.36
C VAL A 187 18.33 -39.69 32.23
N GLN A 188 19.48 -40.06 32.78
CA GLN A 188 20.67 -39.21 32.73
C GLN A 188 21.20 -39.24 31.30
N GLU A 189 21.49 -38.07 30.75
CA GLU A 189 22.06 -37.98 29.42
C GLU A 189 23.53 -38.25 29.46
N LYS A 190 24.05 -38.82 28.37
CA LYS A 190 25.47 -39.04 28.17
C LYS A 190 26.00 -37.80 27.49
N VAL A 191 26.68 -36.95 28.24
CA VAL A 191 27.08 -35.64 27.75
C VAL A 191 28.52 -35.34 28.13
N SER A 192 29.19 -34.54 27.30
CA SER A 192 30.53 -34.03 27.55
C SER A 192 30.63 -32.65 26.91
N ARG A 193 31.68 -31.91 27.27
CA ARG A 193 32.03 -30.59 26.68
C ARG A 193 32.18 -30.74 25.17
N LYS A 194 32.90 -31.78 24.74
CA LYS A 194 33.09 -32.08 23.31
C LYS A 194 31.75 -32.13 22.56
N LEU A 195 30.77 -32.86 23.14
CA LEU A 195 29.47 -33.01 22.53
C LEU A 195 28.67 -31.70 22.51
N LEU A 196 28.74 -30.93 23.59
CA LEU A 196 28.07 -29.61 23.63
C LEU A 196 28.70 -28.60 22.67
N LYS A 197 30.04 -28.61 22.53
CA LYS A 197 30.77 -27.79 21.54
C LYS A 197 30.20 -28.05 20.13
N GLN A 198 29.91 -29.31 19.84
CA GLN A 198 29.35 -29.73 18.56
C GLN A 198 27.91 -29.27 18.30
N LEU A 199 27.03 -29.50 19.27
CA LEU A 199 25.60 -29.21 19.17
C LEU A 199 25.24 -27.74 19.46
N PHE A 200 26.01 -27.11 20.36
CA PHE A 200 25.77 -25.74 20.82
C PHE A 200 27.03 -24.88 20.68
N PRO A 201 27.55 -24.73 19.45
CA PRO A 201 28.71 -23.86 19.21
C PRO A 201 28.38 -22.39 19.49
N TYR A 202 29.40 -21.63 19.90
CA TYR A 202 29.29 -20.20 20.28
C TYR A 202 30.57 -19.46 19.82
N ASP A 203 30.51 -18.13 19.75
CA ASP A 203 31.67 -17.30 19.48
C ASP A 203 32.32 -16.87 20.80
N PRO A 204 33.50 -17.41 21.18
CA PRO A 204 34.14 -17.08 22.45
C PRO A 204 34.38 -15.57 22.63
N GLN A 205 34.59 -14.85 21.51
CA GLN A 205 34.92 -13.43 21.55
C GLN A 205 33.75 -12.56 21.89
N LYS A 206 32.54 -13.09 21.76
CA LYS A 206 31.31 -12.37 22.12
C LYS A 206 30.93 -12.52 23.59
N LEU A 207 31.60 -13.41 24.31
CA LEU A 207 31.37 -13.62 25.73
C LEU A 207 31.83 -12.40 26.51
N VAL A 208 31.04 -12.01 27.49
CA VAL A 208 31.39 -10.87 28.37
C VAL A 208 32.62 -11.21 29.22
N ASP A 209 33.55 -10.27 29.35
CA ASP A 209 34.74 -10.44 30.22
C ASP A 209 34.28 -10.47 31.68
N VAL A 210 34.06 -11.66 32.19
CA VAL A 210 33.55 -11.84 33.58
C VAL A 210 34.70 -11.78 34.57
N SER A 211 35.92 -11.45 34.13
CA SER A 211 37.09 -11.23 35.01
C SER A 211 37.04 -9.80 35.51
N GLY A 212 36.09 -9.03 34.99
CA GLY A 212 35.89 -7.64 35.41
C GLY A 212 35.20 -7.55 36.76
N GLU A 213 35.07 -6.34 37.24
CA GLU A 213 34.48 -6.11 38.55
C GLU A 213 32.98 -6.49 38.51
N LEU A 214 32.51 -7.13 39.59
CA LEU A 214 31.19 -7.74 39.64
C LEU A 214 30.03 -6.77 39.53
N SER A 215 30.11 -5.62 40.21
CA SER A 215 29.03 -4.63 40.19
C SER A 215 28.71 -4.20 38.76
N GLU A 216 29.76 -3.85 38.01
CA GLU A 216 29.63 -3.45 36.59
C GLU A 216 28.99 -4.56 35.75
N LEU A 217 29.39 -5.82 36.00
CA LEU A 217 28.83 -6.95 35.27
C LEU A 217 27.34 -7.12 35.55
N VAL A 218 26.96 -7.01 36.84
CA VAL A 218 25.57 -7.16 37.24
C VAL A 218 24.74 -6.01 36.67
N LEU A 219 25.29 -4.80 36.69
CA LEU A 219 24.59 -3.63 36.14
C LEU A 219 24.30 -3.76 34.64
N GLY A 220 25.08 -4.61 33.97
CA GLY A 220 24.92 -4.89 32.55
C GLY A 220 23.82 -5.87 32.16
N ILE A 221 23.27 -6.61 33.13
CA ILE A 221 22.24 -7.60 32.79
C ILE A 221 20.91 -6.89 32.56
N LYS A 222 20.11 -7.45 31.65
CA LYS A 222 18.77 -6.96 31.38
C LYS A 222 17.79 -7.76 32.21
N THR A 223 16.70 -7.13 32.64
CA THR A 223 15.63 -7.84 33.33
C THR A 223 14.29 -7.12 33.19
N ASN A 224 13.23 -7.79 33.66
CA ASN A 224 11.90 -7.22 33.70
C ASN A 224 11.71 -6.40 34.97
N ALA A 225 11.68 -5.08 34.81
CA ALA A 225 11.56 -4.15 35.93
C ALA A 225 10.35 -4.40 36.83
N ILE A 226 9.23 -4.89 36.27
CA ILE A 226 8.03 -5.14 37.06
C ILE A 226 7.78 -6.58 37.48
N ALA A 227 8.68 -7.50 37.10
CA ALA A 227 8.69 -8.84 37.67
C ALA A 227 9.01 -8.78 39.16
N SER A 228 8.44 -9.71 39.92
CA SER A 228 8.73 -9.87 41.33
C SER A 228 10.24 -10.06 41.52
N ALA A 229 10.80 -9.40 42.54
CA ALA A 229 12.19 -9.60 42.93
C ALA A 229 12.36 -10.85 43.80
N GLY A 230 11.23 -11.48 44.15
CA GLY A 230 11.26 -12.71 44.97
C GLY A 230 11.54 -12.44 46.44
N PRO A 231 11.68 -13.50 47.27
CA PRO A 231 12.05 -13.32 48.69
C PRO A 231 13.46 -12.75 48.83
N PRO A 232 13.75 -11.90 49.84
CA PRO A 232 12.73 -11.34 50.74
C PRO A 232 12.19 -9.96 50.34
N TYR A 233 12.52 -9.48 49.14
CA TYR A 233 12.11 -8.12 48.71
C TYR A 233 10.59 -8.00 48.67
N TRP A 234 9.89 -9.00 48.12
CA TRP A 234 8.44 -8.99 47.97
C TRP A 234 7.93 -7.72 47.34
N ARG A 235 8.62 -7.26 46.30
CA ARG A 235 8.17 -6.13 45.45
C ARG A 235 8.86 -6.23 44.09
N THR A 236 8.57 -5.30 43.19
CA THR A 236 9.14 -5.35 41.86
C THR A 236 10.65 -5.22 41.90
N LYS A 237 11.31 -5.73 40.87
CA LYS A 237 12.74 -5.58 40.72
C LYS A 237 13.16 -4.12 40.74
N ARG A 238 12.36 -3.27 40.10
CA ARG A 238 12.58 -1.79 40.06
C ARG A 238 12.63 -1.25 41.49
N ASP A 239 11.66 -1.63 42.34
CA ASP A 239 11.58 -1.12 43.70
C ASP A 239 12.65 -1.72 44.59
N ALA A 240 12.97 -3.00 44.37
CA ALA A 240 13.95 -3.72 45.19
C ALA A 240 15.42 -3.49 44.78
N LEU A 241 15.64 -2.81 43.64
CA LEU A 241 16.99 -2.74 43.06
C LEU A 241 18.07 -2.27 44.03
N PRO A 242 17.86 -1.13 44.75
CA PRO A 242 18.88 -0.64 45.68
C PRO A 242 19.15 -1.62 46.84
N ASP A 243 18.09 -2.16 47.45
CA ASP A 243 18.22 -3.14 48.49
C ASP A 243 19.06 -4.32 48.01
N MET A 244 18.84 -4.76 46.77
CA MET A 244 19.58 -5.88 46.19
C MET A 244 21.06 -5.53 45.99
N LEU A 245 21.34 -4.44 45.27
CA LEU A 245 22.71 -4.06 44.92
C LEU A 245 23.58 -3.61 46.09
N ASP A 246 22.99 -2.84 47.00
CA ASP A 246 23.74 -2.11 48.03
C ASP A 246 23.91 -2.92 49.32
N CYS A 247 22.97 -3.84 49.57
CA CYS A 247 22.86 -4.54 50.83
C CYS A 247 23.05 -6.07 50.64
N VAL A 248 22.15 -6.71 49.89
CA VAL A 248 22.13 -8.18 49.82
C VAL A 248 23.25 -8.79 48.99
N LEU A 249 23.54 -8.19 47.83
CA LEU A 249 24.56 -8.67 46.92
C LEU A 249 25.97 -8.68 47.52
N PRO A 250 26.43 -7.60 48.19
CA PRO A 250 27.72 -7.63 48.89
C PRO A 250 27.77 -8.71 49.97
N LEU A 251 26.69 -8.85 50.74
CA LEU A 251 26.58 -9.88 51.74
C LEU A 251 26.74 -11.27 51.12
N LEU A 252 26.05 -11.51 49.99
CA LEU A 252 26.13 -12.77 49.26
C LEU A 252 27.55 -12.98 48.75
N TYR A 253 28.14 -11.97 48.10
CA TYR A 253 29.53 -12.00 47.58
C TYR A 253 30.51 -12.37 48.71
N ASP A 254 30.43 -11.68 49.87
CA ASP A 254 31.34 -11.94 50.99
C ASP A 254 31.31 -13.40 51.40
N HIS A 255 30.09 -13.96 51.48
CA HIS A 255 29.91 -15.33 51.93
C HIS A 255 30.31 -16.35 50.85
N ILE A 256 30.16 -15.99 49.58
CA ILE A 256 30.61 -16.85 48.48
C ILE A 256 32.12 -16.99 48.53
N VAL A 257 32.81 -15.85 48.59
CA VAL A 257 34.26 -15.81 48.46
C VAL A 257 34.98 -16.36 49.71
N ARG A 258 34.27 -16.44 50.85
CA ARG A 258 34.76 -17.05 52.13
C ARG A 258 34.24 -18.48 52.30
N LYS A 259 33.60 -19.06 51.28
CA LYS A 259 33.09 -20.44 51.36
C LYS A 259 32.13 -20.62 52.54
N ASP A 260 31.32 -19.58 52.81
CA ASP A 260 30.56 -19.49 54.03
C ASP A 260 29.05 -19.44 53.79
N LEU A 261 28.59 -19.99 52.66
CA LEU A 261 27.18 -19.85 52.29
C LEU A 261 26.21 -20.52 53.27
N THR A 262 26.63 -21.63 53.90
CA THR A 262 25.78 -22.37 54.84
C THR A 262 25.47 -21.56 56.09
N THR A 263 26.45 -20.76 56.58
CA THR A 263 26.21 -19.83 57.67
C THR A 263 25.12 -18.86 57.27
N LEU A 264 25.26 -18.27 56.09
CA LEU A 264 24.31 -17.30 55.57
C LEU A 264 22.91 -17.89 55.40
N ARG A 265 22.83 -19.07 54.78
CA ARG A 265 21.58 -19.86 54.59
C ARG A 265 20.89 -20.07 55.95
N ASN A 266 21.63 -20.48 56.97
CA ASN A 266 21.06 -20.78 58.29
C ASN A 266 20.57 -19.54 59.02
N LYS A 267 21.33 -18.44 58.88
CA LYS A 267 21.00 -17.21 59.56
C LYS A 267 19.87 -16.46 58.84
N HIS A 268 19.84 -16.52 57.50
CA HIS A 268 18.86 -15.82 56.69
C HIS A 268 18.27 -16.70 55.59
N PRO A 269 17.42 -17.69 55.96
CA PRO A 269 16.93 -18.70 55.00
C PRO A 269 16.14 -18.11 53.82
N GLU A 270 15.44 -16.99 54.07
CA GLU A 270 14.64 -16.35 53.05
C GLU A 270 15.49 -15.86 51.87
N LEU A 271 16.79 -15.67 52.07
CA LEU A 271 17.69 -15.28 50.97
C LEU A 271 17.87 -16.36 49.90
N PHE A 272 17.49 -17.60 50.22
CA PHE A 272 17.61 -18.75 49.30
C PHE A 272 16.28 -19.46 49.02
N LEU A 273 15.18 -18.72 49.19
CA LEU A 273 13.84 -19.24 49.07
C LEU A 273 13.24 -18.75 47.75
N ALA A 274 12.53 -19.65 47.07
CA ALA A 274 11.78 -19.36 45.88
C ALA A 274 10.28 -19.39 46.19
N GLU A 275 9.49 -18.84 45.27
CA GLU A 275 8.04 -18.92 45.31
C GLU A 275 7.56 -19.70 44.10
N CYS A 276 6.76 -20.73 44.36
CA CYS A 276 6.10 -21.50 43.31
C CYS A 276 4.77 -20.85 42.98
N LYS A 277 4.60 -20.44 41.72
CA LYS A 277 3.44 -19.69 41.25
C LYS A 277 2.68 -20.38 40.13
N ASN A 278 1.38 -20.11 40.06
CA ASN A 278 0.54 -20.54 38.94
C ASN A 278 0.66 -19.53 37.82
N LYS A 279 0.91 -20.01 36.61
CA LYS A 279 1.02 -19.16 35.44
C LYS A 279 -0.36 -18.86 34.88
N THR A 280 -0.67 -17.55 34.80
CA THR A 280 -1.81 -17.09 34.07
C THR A 280 -1.46 -17.28 32.59
N ASP A 281 -2.37 -17.93 31.86
CA ASP A 281 -2.08 -18.37 30.50
C ASP A 281 -3.35 -18.68 29.73
N ARG A 282 -3.20 -18.90 28.43
CA ARG A 282 -4.28 -19.41 27.54
C ARG A 282 -4.43 -20.91 27.81
N TYR A 283 -5.47 -21.27 28.53
CA TYR A 283 -5.72 -22.69 28.90
C TYR A 283 -6.99 -23.19 28.21
N GLU A 284 -7.01 -24.47 27.88
CA GLU A 284 -8.22 -25.09 27.30
C GLU A 284 -9.27 -25.20 28.41
N VAL A 285 -10.45 -24.65 28.17
CA VAL A 285 -11.56 -24.70 29.16
C VAL A 285 -11.82 -26.15 29.56
N GLU A 286 -11.81 -27.07 28.59
CA GLU A 286 -12.10 -28.47 28.89
C GLU A 286 -11.20 -29.04 29.98
N SER A 287 -9.92 -28.66 29.97
CA SER A 287 -8.92 -29.27 30.86
C SER A 287 -8.42 -28.37 31.99
N LEU A 288 -9.23 -27.38 32.39
CA LEU A 288 -8.85 -26.40 33.42
C LEU A 288 -8.47 -27.04 34.75
N GLY A 289 -9.26 -28.03 35.18
CA GLY A 289 -9.04 -28.74 36.42
C GLY A 289 -7.89 -29.74 36.42
N GLU A 290 -7.34 -30.04 35.24
CA GLU A 290 -6.21 -30.97 35.10
C GLU A 290 -4.86 -30.31 34.79
N LYS A 291 -4.88 -29.03 34.39
CA LYS A 291 -3.69 -28.39 33.85
C LYS A 291 -3.65 -26.90 34.16
N THR A 292 -2.68 -26.52 35.00
CA THR A 292 -2.25 -25.13 35.23
C THR A 292 -0.74 -25.20 35.47
N ARG A 293 0.03 -24.45 34.70
CA ARG A 293 1.52 -24.52 34.69
C ARG A 293 2.06 -23.84 35.95
N PRO A 294 2.93 -24.54 36.70
CA PRO A 294 3.72 -23.93 37.77
C PRO A 294 5.07 -23.40 37.26
N TYR A 295 5.54 -22.30 37.84
CA TYR A 295 6.92 -21.79 37.67
C TYR A 295 7.43 -21.29 39.02
N PHE A 296 8.73 -20.99 39.08
CA PHE A 296 9.38 -20.62 40.31
C PHE A 296 10.02 -19.24 40.13
N SER A 297 9.74 -18.35 41.09
CA SER A 297 10.28 -17.02 41.15
C SER A 297 11.39 -17.05 42.22
N HIS A 298 12.63 -16.73 41.79
CA HIS A 298 13.77 -16.77 42.68
C HIS A 298 14.18 -15.40 43.23
N PRO A 299 15.00 -15.37 44.30
CA PRO A 299 15.56 -14.12 44.80
C PRO A 299 16.34 -13.33 43.74
N PHE A 300 16.11 -12.02 43.68
CA PHE A 300 16.76 -11.13 42.71
C PHE A 300 18.29 -11.25 42.72
N HIS A 301 18.88 -11.26 43.92
CA HIS A 301 20.34 -11.33 44.05
C HIS A 301 20.94 -12.58 43.42
N LEU A 302 20.27 -13.71 43.56
CA LEU A 302 20.71 -14.97 42.91
C LEU A 302 20.52 -14.98 41.41
N SER A 303 19.33 -14.57 40.94
CA SER A 303 19.03 -14.58 39.48
C SER A 303 19.91 -13.58 38.70
N ALA A 304 20.16 -12.42 39.33
CA ALA A 304 20.95 -11.37 38.69
C ALA A 304 22.39 -11.86 38.48
N LEU A 305 22.90 -12.58 39.49
CA LEU A 305 24.26 -13.11 39.50
C LEU A 305 24.44 -14.16 38.40
N VAL A 306 23.51 -15.11 38.34
CA VAL A 306 23.51 -16.15 37.29
C VAL A 306 23.27 -15.58 35.88
N SER A 307 22.40 -14.56 35.78
CA SER A 307 22.16 -13.89 34.50
C SER A 307 23.43 -13.33 33.83
N VAL A 308 24.45 -12.98 34.63
CA VAL A 308 25.70 -12.48 34.07
C VAL A 308 26.26 -13.52 33.10
N LEU A 309 26.27 -14.78 33.56
CA LEU A 309 26.78 -15.89 32.76
C LEU A 309 25.80 -16.25 31.63
N SER A 310 24.53 -16.40 31.98
CA SER A 310 23.51 -16.86 31.07
C SER A 310 23.28 -15.89 29.88
N GLN A 311 23.08 -14.60 30.17
CA GLN A 311 22.90 -13.58 29.13
C GLN A 311 24.16 -13.40 28.27
N SER A 312 25.34 -13.45 28.89
CA SER A 312 26.58 -13.42 28.13
C SER A 312 26.63 -14.60 27.14
N PHE A 313 26.30 -15.79 27.64
CA PHE A 313 26.32 -16.98 26.82
C PHE A 313 25.31 -16.93 25.67
N SER A 314 24.08 -16.44 25.95
CA SER A 314 23.05 -16.23 24.93
C SER A 314 23.55 -15.34 23.81
N GLY A 315 24.30 -14.31 24.16
CA GLY A 315 24.83 -13.38 23.19
C GLY A 315 25.88 -13.96 22.28
N ALA A 316 26.53 -15.04 22.72
CA ALA A 316 27.60 -15.69 21.97
C ALA A 316 27.14 -16.88 21.15
N LEU A 317 26.00 -17.47 21.54
CA LEU A 317 25.48 -18.71 20.95
C LEU A 317 25.15 -18.54 19.49
N LYS A 318 25.57 -19.51 18.67
CA LYS A 318 25.17 -19.56 17.29
C LYS A 318 23.83 -20.27 17.20
N ILE A 319 23.13 -20.07 16.07
CA ILE A 319 21.91 -20.82 15.75
C ILE A 319 22.16 -21.73 14.56
N MET A 320 21.25 -22.67 14.32
CA MET A 320 21.43 -23.70 13.27
C MET A 320 21.68 -23.16 11.86
N THR A 321 21.13 -21.98 11.57
CA THR A 321 21.28 -21.39 10.23
C THR A 321 22.66 -20.76 10.00
N GLU A 322 23.45 -20.60 11.07
CA GLU A 322 24.80 -20.02 11.01
C GLU A 322 25.92 -21.05 11.07
N ASP A 323 25.60 -22.25 11.55
CA ASP A 323 26.59 -23.31 11.74
C ASP A 323 25.90 -24.66 11.57
N SER A 324 26.36 -25.42 10.58
CA SER A 324 25.66 -26.62 10.15
C SER A 324 25.66 -27.76 11.19
N THR A 325 26.53 -27.67 12.22
CA THR A 325 26.55 -28.67 13.29
C THR A 325 25.57 -28.36 14.42
N SER A 326 25.17 -27.09 14.54
CA SER A 326 24.33 -26.65 15.64
C SER A 326 22.91 -27.19 15.57
N PHE A 327 22.41 -27.62 16.73
CA PHE A 327 20.99 -28.04 16.85
C PHE A 327 20.21 -26.92 17.54
N ASN A 328 20.73 -25.71 17.55
CA ASN A 328 20.11 -24.64 18.33
C ASN A 328 19.23 -23.68 17.53
N ALA A 329 17.99 -23.46 17.98
CA ALA A 329 17.09 -22.46 17.36
C ALA A 329 16.82 -21.34 18.37
N TYR A 330 17.27 -21.50 19.61
CA TYR A 330 17.22 -20.43 20.65
C TYR A 330 18.01 -19.24 20.13
N GLY A 331 17.31 -18.21 19.65
CA GLY A 331 17.93 -17.09 18.94
C GLY A 331 17.45 -16.87 17.52
N PHE A 332 16.76 -17.86 16.95
CA PHE A 332 16.21 -17.77 15.59
C PHE A 332 15.15 -16.67 15.48
N SER A 333 15.16 -15.93 14.37
CA SER A 333 14.13 -14.91 14.03
C SER A 333 13.55 -15.27 12.68
N TRP A 334 12.24 -15.20 12.54
CA TRP A 334 11.57 -15.38 11.25
C TRP A 334 11.82 -14.19 10.29
N THR A 335 12.06 -13.01 10.86
CA THR A 335 12.18 -11.78 10.06
C THR A 335 13.54 -11.67 9.41
N ASN A 336 13.67 -10.70 8.50
CA ASN A 336 14.92 -10.40 7.84
C ASN A 336 15.58 -11.62 7.20
N GLY A 337 14.77 -12.43 6.50
CA GLY A 337 15.23 -13.57 5.73
C GLY A 337 15.27 -14.89 6.51
N GLY A 338 14.99 -14.80 7.81
CA GLY A 338 15.02 -15.94 8.69
C GLY A 338 14.14 -17.09 8.21
N ALA A 339 12.92 -16.76 7.78
CA ALA A 339 11.99 -17.80 7.32
C ALA A 339 12.57 -18.57 6.13
N GLU A 340 13.23 -17.85 5.20
CA GLU A 340 13.91 -18.47 4.08
C GLU A 340 15.17 -19.24 4.49
N ASP A 341 15.91 -18.69 5.47
CA ASP A 341 17.09 -19.36 6.03
C ASP A 341 16.76 -20.75 6.58
N LEU A 342 15.60 -20.87 7.25
CA LEU A 342 15.15 -22.14 7.77
C LEU A 342 15.02 -23.15 6.61
N ALA A 343 14.37 -22.72 5.52
CA ALA A 343 14.13 -23.58 4.37
C ALA A 343 15.45 -24.01 3.70
N ILE A 344 16.37 -23.04 3.54
CA ILE A 344 17.66 -23.29 2.92
C ILE A 344 18.45 -24.31 3.77
N TRP A 345 18.49 -24.07 5.07
CA TRP A 345 19.10 -24.99 6.01
C TRP A 345 18.47 -26.39 5.93
N ALA A 346 17.14 -26.45 5.89
CA ALA A 346 16.42 -27.74 5.90
C ALA A 346 16.76 -28.61 4.68
N ARG A 347 16.91 -27.96 3.52
CA ARG A 347 17.05 -28.63 2.21
C ARG A 347 18.36 -29.41 2.14
N GLN A 348 19.39 -28.95 2.86
CA GLN A 348 20.68 -29.64 2.86
C GLN A 348 20.69 -30.92 3.73
N ALA A 349 19.54 -31.27 4.33
CA ALA A 349 19.38 -32.55 5.02
C ALA A 349 19.59 -33.71 4.04
N GLY A 350 20.20 -34.78 4.56
CA GLY A 350 20.58 -35.93 3.77
C GLY A 350 19.72 -37.15 4.01
N GLU A 351 20.01 -38.18 3.21
CA GLU A 351 19.36 -39.46 3.24
C GLU A 351 19.51 -40.09 4.63
N ALA A 352 18.38 -40.47 5.23
CA ALA A 352 18.33 -41.10 6.52
C ALA A 352 19.10 -42.41 6.52
N GLY A 353 20.01 -42.57 7.49
CA GLY A 353 20.86 -43.73 7.59
C GLY A 353 22.17 -43.62 6.82
N LYS A 354 22.38 -42.51 6.12
CA LYS A 354 23.57 -42.29 5.27
C LYS A 354 24.26 -40.95 5.53
N LYS A 355 23.47 -39.87 5.59
CA LYS A 355 23.98 -38.51 5.76
C LYS A 355 23.21 -37.78 6.86
N PRO A 356 23.78 -36.70 7.44
CA PRO A 356 23.15 -36.02 8.58
C PRO A 356 21.76 -35.46 8.28
N PRO A 357 20.79 -35.63 9.20
CA PRO A 357 19.53 -34.90 9.10
C PRO A 357 19.77 -33.44 9.52
N ARG A 358 18.72 -32.62 9.45
CA ARG A 358 18.70 -31.23 9.93
C ARG A 358 17.70 -31.17 11.07
N ILE A 359 18.22 -30.96 12.29
CA ILE A 359 17.46 -30.96 13.51
C ILE A 359 17.77 -29.67 14.25
N ALA A 360 16.73 -28.97 14.70
CA ALA A 360 16.90 -27.71 15.43
C ALA A 360 15.83 -27.63 16.49
N CYS A 361 16.27 -27.24 17.70
CA CYS A 361 15.48 -27.26 18.92
C CYS A 361 15.38 -25.88 19.53
N TYR A 362 14.19 -25.58 20.06
CA TYR A 362 13.87 -24.40 20.88
C TYR A 362 12.99 -24.90 22.02
N GLY A 363 13.54 -25.00 23.24
CA GLY A 363 12.84 -25.66 24.31
C GLY A 363 12.36 -27.05 23.91
N ASP A 364 11.06 -27.31 24.09
CA ASP A 364 10.47 -28.61 23.80
C ASP A 364 10.02 -28.77 22.33
N ASP A 365 10.33 -27.77 21.50
CA ASP A 365 9.82 -27.64 20.15
C ASP A 365 10.98 -27.90 19.18
N THR A 366 10.79 -28.84 18.27
CA THR A 366 11.85 -29.30 17.38
C THR A 366 11.36 -29.42 15.93
N ASP A 367 12.21 -28.99 14.99
CA ASP A 367 12.03 -29.18 13.54
C ASP A 367 13.07 -30.19 13.04
N ILE A 368 12.58 -31.27 12.37
CA ILE A 368 13.41 -32.37 11.88
C ILE A 368 13.19 -32.60 10.39
N TYR A 369 14.29 -32.60 9.62
CA TYR A 369 14.34 -32.86 8.17
C TYR A 369 15.28 -34.03 7.88
N TYR A 370 14.81 -34.95 7.03
CA TYR A 370 15.57 -36.13 6.54
C TYR A 370 15.04 -36.48 5.15
N ARG A 371 15.76 -37.31 4.40
CA ARG A 371 15.35 -37.76 3.05
C ARG A 371 15.19 -39.28 3.06
N LYS A 372 14.12 -39.76 2.43
CA LYS A 372 13.86 -41.17 2.15
C LYS A 372 13.80 -41.25 0.63
N ASP A 373 14.74 -41.98 0.03
CA ASP A 373 14.87 -42.10 -1.42
C ASP A 373 14.99 -40.72 -2.06
N GLY A 374 15.77 -39.85 -1.43
CA GLY A 374 16.03 -38.51 -1.92
C GLY A 374 14.95 -37.45 -1.72
N LYS A 375 13.80 -37.85 -1.15
CA LYS A 375 12.67 -36.94 -0.96
C LYS A 375 12.71 -36.40 0.46
N LEU A 376 12.48 -35.09 0.61
CA LEU A 376 12.58 -34.39 1.88
C LEU A 376 11.32 -34.56 2.72
N TYR A 377 11.48 -35.06 3.95
CA TYR A 377 10.40 -35.24 4.95
C TYR A 377 10.66 -34.29 6.14
N ARG A 378 9.59 -33.95 6.87
CA ARG A 378 9.62 -33.05 8.04
C ARG A 378 8.79 -33.65 9.17
N ILE A 379 9.33 -33.59 10.40
CA ILE A 379 8.61 -33.92 11.60
C ILE A 379 8.73 -32.69 12.52
N CYS A 380 7.64 -32.38 13.24
CA CYS A 380 7.63 -31.24 14.16
C CYS A 380 7.08 -31.70 15.50
N PRO A 381 7.81 -32.60 16.20
CA PRO A 381 7.33 -33.16 17.46
C PRO A 381 7.48 -32.19 18.64
N ASP A 382 6.65 -32.39 19.68
CA ASP A 382 6.77 -31.68 20.95
C ASP A 382 6.80 -32.66 22.09
N PHE A 383 7.43 -32.23 23.19
CA PHE A 383 7.47 -33.00 24.42
C PHE A 383 6.47 -32.43 25.43
N LYS A 384 5.81 -33.34 26.15
CA LYS A 384 4.85 -33.03 27.20
C LYS A 384 5.53 -32.81 28.57
N GLN A 385 5.10 -31.77 29.28
CA GLN A 385 5.66 -31.31 30.57
C GLN A 385 7.15 -31.62 30.65
N MET A 386 7.89 -31.00 29.75
CA MET A 386 9.27 -31.34 29.50
C MET A 386 10.21 -31.06 30.65
N ASP A 387 9.99 -29.94 31.35
CA ASP A 387 10.85 -29.56 32.46
C ASP A 387 11.01 -30.66 33.49
N GLY A 388 9.92 -31.42 33.73
CA GLY A 388 9.93 -32.56 34.64
C GLY A 388 10.89 -33.69 34.22
N SER A 389 11.18 -33.76 32.91
CA SER A 389 12.04 -34.79 32.33
C SER A 389 13.51 -34.36 32.21
N VAL A 390 13.84 -33.11 32.55
CA VAL A 390 15.21 -32.63 32.41
C VAL A 390 16.04 -33.14 33.60
N ASP A 391 16.97 -34.05 33.32
CA ASP A 391 17.76 -34.74 34.31
C ASP A 391 18.86 -33.84 34.87
N ALA A 392 19.24 -34.12 36.10
CA ALA A 392 20.31 -33.42 36.81
C ALA A 392 21.65 -33.40 36.09
N THR A 393 21.97 -34.46 35.34
CA THR A 393 23.24 -34.51 34.61
C THR A 393 23.26 -33.44 33.54
N THR A 394 22.19 -33.36 32.74
CA THR A 394 22.03 -32.32 31.71
C THR A 394 22.14 -30.91 32.30
N ILE A 395 21.47 -30.68 33.43
CA ILE A 395 21.52 -29.38 34.09
C ILE A 395 22.95 -29.02 34.51
N GLU A 396 23.62 -29.99 35.16
CA GLU A 396 25.01 -29.82 35.59
C GLU A 396 25.98 -29.61 34.43
N ALA A 397 25.75 -30.33 33.33
CA ALA A 397 26.61 -30.25 32.14
C ALA A 397 26.46 -28.89 31.44
N VAL A 398 25.23 -28.39 31.36
CA VAL A 398 24.97 -27.07 30.78
C VAL A 398 25.62 -25.96 31.61
N VAL A 399 25.48 -26.03 32.94
CA VAL A 399 26.12 -25.04 33.82
C VAL A 399 27.63 -25.09 33.64
N ASP A 400 28.20 -26.31 33.64
CA ASP A 400 29.63 -26.53 33.41
C ASP A 400 30.10 -25.93 32.10
N TYR A 401 29.33 -26.17 31.04
CA TYR A 401 29.67 -25.72 29.65
C TYR A 401 29.69 -24.20 29.61
N VAL A 402 28.68 -23.57 30.20
CA VAL A 402 28.62 -22.11 30.26
C VAL A 402 29.75 -21.53 31.13
N VAL A 403 29.93 -22.07 32.33
CA VAL A 403 30.99 -21.60 33.21
C VAL A 403 32.36 -21.78 32.54
N ASP A 404 32.60 -22.98 31.99
CA ASP A 404 33.87 -23.31 31.37
C ASP A 404 34.16 -22.44 30.17
N ALA A 405 33.14 -22.17 29.36
CA ALA A 405 33.30 -21.30 28.21
C ALA A 405 33.86 -19.94 28.63
N HIS A 406 33.39 -19.43 29.76
CA HIS A 406 33.83 -18.13 30.27
C HIS A 406 35.25 -18.18 30.86
N VAL A 407 35.53 -19.18 31.69
CA VAL A 407 36.82 -19.26 32.37
C VAL A 407 37.98 -19.68 31.44
N LYS A 408 37.68 -20.32 30.31
CA LYS A 408 38.70 -20.61 29.30
C LYS A 408 39.14 -19.33 28.63
N GLN A 409 38.18 -18.40 28.48
CA GLN A 409 38.41 -17.14 27.80
C GLN A 409 38.97 -16.08 28.75
N TYR A 410 38.58 -16.15 30.03
CA TYR A 410 38.96 -15.17 31.09
C TYR A 410 39.38 -15.95 32.34
N PRO A 411 40.54 -16.64 32.31
CA PRO A 411 40.92 -17.59 33.35
C PRO A 411 41.14 -17.01 34.75
N THR A 412 41.37 -15.70 34.86
CA THR A 412 41.66 -15.07 36.14
C THR A 412 40.49 -15.12 37.12
N ALA A 413 39.28 -15.42 36.63
CA ALA A 413 38.08 -15.43 37.47
C ALA A 413 37.40 -16.80 37.65
N ARG A 414 38.18 -17.88 37.49
CA ARG A 414 37.68 -19.27 37.47
C ARG A 414 36.87 -19.56 38.75
N GLN A 415 37.50 -19.35 39.92
CA GLN A 415 36.94 -19.87 41.17
C GLN A 415 35.60 -19.25 41.51
N PHE A 416 35.53 -17.92 41.44
CA PHE A 416 34.28 -17.21 41.73
C PHE A 416 33.13 -17.76 40.89
N TRP A 417 33.32 -17.83 39.58
CA TRP A 417 32.24 -18.27 38.67
C TRP A 417 31.87 -19.74 38.79
N GLU A 418 32.81 -20.59 39.24
CA GLU A 418 32.49 -21.96 39.59
C GLU A 418 31.56 -22.03 40.81
N GLU A 419 31.75 -21.11 41.76
CA GLU A 419 30.88 -21.03 42.94
C GLU A 419 29.48 -20.60 42.54
N VAL A 420 29.40 -19.64 41.61
CA VAL A 420 28.12 -19.20 41.07
C VAL A 420 27.44 -20.35 40.31
N GLY A 421 28.25 -21.15 39.60
CA GLY A 421 27.79 -22.36 38.95
C GLY A 421 27.04 -23.29 39.89
N LYS A 422 27.56 -23.45 41.11
CA LYS A 422 26.94 -24.32 42.10
C LYS A 422 25.59 -23.79 42.55
N LEU A 423 25.52 -22.48 42.82
CA LEU A 423 24.24 -21.82 43.11
C LEU A 423 23.24 -21.98 42.00
N TRP A 424 23.72 -21.80 40.77
CA TRP A 424 22.89 -21.98 39.60
C TRP A 424 22.20 -23.36 39.62
N VAL A 425 23.02 -24.41 39.77
CA VAL A 425 22.54 -25.78 39.75
C VAL A 425 21.53 -26.01 40.85
N GLU A 426 21.82 -25.47 42.05
CA GLU A 426 20.93 -25.60 43.19
C GLU A 426 19.57 -24.97 42.89
N MET A 427 19.58 -23.75 42.33
CA MET A 427 18.35 -23.06 41.99
C MET A 427 17.52 -23.83 40.97
N ALA A 428 18.21 -24.50 40.05
CA ALA A 428 17.56 -25.21 38.96
C ALA A 428 16.91 -26.52 39.41
N THR A 429 17.40 -27.09 40.52
CA THR A 429 17.04 -28.45 40.94
C THR A 429 16.48 -28.62 42.34
N GLN A 430 16.93 -27.78 43.28
CA GLN A 430 16.74 -28.05 44.71
C GLN A 430 16.35 -26.90 45.59
N SER A 431 15.96 -25.77 44.98
CA SER A 431 15.68 -24.58 45.78
C SER A 431 14.47 -24.90 46.66
N PRO A 432 14.49 -24.58 47.98
CA PRO A 432 13.28 -24.63 48.77
C PRO A 432 12.29 -23.56 48.27
N PHE A 433 10.99 -23.78 48.47
CA PHE A 433 9.98 -22.88 47.97
C PHE A 433 8.67 -22.91 48.72
N LEU A 434 7.99 -21.74 48.70
CA LEU A 434 6.64 -21.61 49.19
C LEU A 434 5.68 -21.85 48.03
N ILE A 435 4.44 -22.21 48.37
CA ILE A 435 3.35 -22.39 47.45
C ILE A 435 2.16 -21.50 47.89
N ASP A 436 1.63 -21.82 49.07
CA ASP A 436 0.50 -21.11 49.65
C ASP A 436 0.60 -21.33 51.16
N GLY A 437 0.62 -20.22 51.92
CA GLY A 437 0.80 -20.25 53.35
C GLY A 437 2.28 -20.22 53.70
N THR A 438 2.61 -20.77 54.87
CA THR A 438 3.96 -20.71 55.45
C THR A 438 4.83 -21.93 55.22
N LYS A 439 4.24 -23.03 54.74
CA LYS A 439 4.96 -24.30 54.58
C LYS A 439 5.95 -24.21 53.44
N VAL A 440 7.19 -24.61 53.72
CA VAL A 440 8.29 -24.57 52.75
C VAL A 440 8.51 -25.99 52.27
N TYR A 441 8.59 -26.15 50.95
CA TYR A 441 8.74 -27.46 50.28
C TYR A 441 10.06 -27.51 49.53
N ARG A 442 10.44 -28.71 49.14
CA ARG A 442 11.56 -28.95 48.19
C ARG A 442 11.25 -30.20 47.38
N LYS A 443 11.69 -30.21 46.12
CA LYS A 443 11.61 -31.37 45.25
C LYS A 443 12.46 -32.49 45.87
N MET A 444 11.86 -33.67 46.04
CA MET A 444 12.56 -34.80 46.65
C MET A 444 13.77 -35.26 45.85
N GLN A 445 13.64 -35.32 44.52
CA GLN A 445 14.73 -35.76 43.66
C GLN A 445 15.43 -34.52 43.08
N LYS A 446 16.71 -34.67 42.72
CA LYS A 446 17.46 -33.61 42.06
C LYS A 446 17.02 -33.44 40.60
N ASP A 447 16.71 -34.57 39.93
CA ASP A 447 16.18 -34.54 38.57
C ASP A 447 14.92 -33.67 38.47
N GLY A 448 14.74 -33.02 37.32
CA GLY A 448 13.59 -32.17 37.04
C GLY A 448 13.98 -30.70 37.19
N LEU A 449 13.66 -29.93 36.15
CA LEU A 449 14.03 -28.53 36.08
C LEU A 449 12.98 -27.69 36.78
N MET A 450 13.42 -26.80 37.65
CA MET A 450 12.55 -25.82 38.33
C MET A 450 12.36 -24.60 37.44
N THR A 451 11.45 -24.76 36.49
CA THR A 451 10.99 -23.75 35.53
C THR A 451 10.92 -22.37 36.14
N GLY A 452 11.66 -21.42 35.59
CA GLY A 452 11.73 -20.07 36.12
C GLY A 452 13.12 -19.64 36.54
N VAL A 453 13.98 -20.63 36.83
CA VAL A 453 15.39 -20.38 37.03
C VAL A 453 15.95 -19.74 35.77
N VAL A 454 16.94 -18.86 35.95
CA VAL A 454 17.71 -18.32 34.85
C VAL A 454 18.24 -19.50 34.04
N GLY A 455 18.13 -19.40 32.70
CA GLY A 455 18.58 -20.44 31.80
C GLY A 455 17.59 -21.55 31.51
N THR A 456 16.35 -21.41 32.00
CA THR A 456 15.30 -22.43 31.86
C THR A 456 15.21 -22.95 30.43
N THR A 457 15.06 -22.02 29.48
CA THR A 457 14.90 -22.37 28.09
C THR A 457 16.12 -23.07 27.49
N LEU A 458 17.32 -22.63 27.89
CA LEU A 458 18.55 -23.25 27.40
C LEU A 458 18.64 -24.72 27.87
N PHE A 459 18.32 -24.95 29.14
CA PHE A 459 18.31 -26.29 29.73
C PHE A 459 17.36 -27.23 28.95
N ASP A 460 16.15 -26.75 28.65
CA ASP A 460 15.18 -27.54 27.92
C ASP A 460 15.69 -27.84 26.51
N THR A 461 16.26 -26.81 25.87
CA THR A 461 16.78 -26.90 24.50
C THR A 461 17.88 -27.97 24.43
N VAL A 462 18.79 -27.98 25.41
CA VAL A 462 19.93 -28.88 25.43
C VAL A 462 19.49 -30.33 25.64
N LYS A 463 18.60 -30.56 26.60
CA LYS A 463 18.04 -31.88 26.88
C LYS A 463 17.42 -32.41 25.61
N SER A 464 16.56 -31.61 25.00
CA SER A 464 15.89 -31.94 23.76
C SER A 464 16.91 -32.30 22.67
N ALA A 465 17.95 -31.47 22.50
CA ALA A 465 18.96 -31.69 21.45
C ALA A 465 19.83 -32.94 21.67
N LEU A 466 20.18 -33.23 22.93
CA LEU A 466 20.89 -34.45 23.26
C LEU A 466 20.09 -35.69 22.87
N ALA A 467 18.78 -35.66 23.14
CA ALA A 467 17.89 -36.76 22.80
C ALA A 467 17.85 -36.97 21.29
N TYR A 468 17.65 -35.88 20.54
CA TYR A 468 17.55 -35.93 19.06
C TYR A 468 18.92 -36.26 18.44
N ASN A 469 20.02 -35.85 19.08
CA ASN A 469 21.36 -36.21 18.63
C ASN A 469 21.58 -37.73 18.73
N ASP A 470 21.08 -38.32 19.81
CA ASP A 470 21.12 -39.75 20.02
C ASP A 470 20.22 -40.46 18.98
N TRP A 471 19.00 -39.96 18.84
CA TRP A 471 18.07 -40.41 17.81
C TRP A 471 18.77 -40.49 16.46
N ALA A 472 19.46 -39.42 16.07
CA ALA A 472 20.14 -39.35 14.77
C ALA A 472 21.29 -40.36 14.68
N ASP A 473 22.01 -40.59 15.78
CA ASP A 473 23.08 -41.58 15.83
C ASP A 473 22.52 -42.96 15.56
N GLN A 474 21.37 -43.29 16.16
CA GLN A 474 20.73 -44.56 15.97
C GLN A 474 20.29 -44.76 14.51
N LEU A 475 19.90 -43.68 13.83
CA LEU A 475 19.60 -43.76 12.39
C LEU A 475 20.82 -44.19 11.61
N MET A 476 21.99 -43.64 11.96
CA MET A 476 23.25 -44.01 11.30
C MET A 476 23.64 -45.46 11.54
N PHE A 477 23.35 -45.97 12.74
CA PHE A 477 23.61 -47.38 13.08
C PHE A 477 22.63 -48.35 12.38
N GLY A 478 21.67 -47.81 11.63
CA GLY A 478 20.76 -48.57 10.80
C GLY A 478 19.29 -48.66 11.24
N SER A 479 18.99 -48.16 12.44
CA SER A 479 17.64 -48.30 13.04
C SER A 479 16.64 -47.30 12.45
N LEU A 480 16.36 -47.44 11.15
CA LEU A 480 15.46 -46.59 10.41
C LEU A 480 13.98 -46.64 10.83
N ASN A 481 13.59 -47.60 11.68
CA ASN A 481 12.22 -47.62 12.19
C ASN A 481 11.94 -46.54 13.25
N LEU A 482 13.01 -45.91 13.74
CA LEU A 482 12.93 -44.75 14.62
C LEU A 482 12.32 -43.52 13.94
N LEU A 483 12.16 -43.59 12.61
CA LEU A 483 11.41 -42.61 11.83
C LEU A 483 9.91 -42.75 12.04
N GLU A 484 9.48 -43.90 12.57
CA GLU A 484 8.07 -44.23 12.73
C GLU A 484 7.58 -43.92 14.13
N GLU A 485 6.42 -43.27 14.19
CA GLU A 485 5.74 -42.87 15.42
C GLU A 485 5.88 -43.85 16.57
N LYS A 486 5.55 -45.12 16.31
CA LYS A 486 5.47 -46.15 17.36
C LYS A 486 6.79 -46.30 18.12
N TYR A 487 7.87 -46.40 17.35
CA TYR A 487 9.25 -46.70 17.83
C TYR A 487 9.92 -45.41 18.31
N ALA A 488 9.60 -44.27 17.67
CA ALA A 488 10.09 -42.97 18.10
C ALA A 488 9.61 -42.68 19.53
N ILE A 489 8.31 -42.85 19.79
CA ILE A 489 7.72 -42.57 21.09
C ILE A 489 8.32 -43.46 22.15
N GLU A 490 8.45 -44.75 21.81
CA GLU A 490 9.09 -45.73 22.67
C GLU A 490 10.52 -45.31 23.00
N PHE A 491 11.28 -44.91 21.98
CA PHE A 491 12.70 -44.54 22.10
C PHE A 491 12.89 -43.36 23.06
N PHE A 492 12.15 -42.27 22.83
CA PHE A 492 12.30 -41.07 23.64
C PHE A 492 11.89 -41.28 25.09
N LYS A 493 10.86 -42.09 25.31
CA LYS A 493 10.41 -42.48 26.66
C LYS A 493 11.48 -43.32 27.37
N ASN A 494 11.80 -44.48 26.78
CA ASN A 494 12.72 -45.45 27.40
C ASN A 494 14.13 -44.95 27.52
N LYS A 495 14.66 -44.36 26.45
CA LYS A 495 16.06 -43.93 26.40
C LYS A 495 16.35 -42.51 26.89
N HIS A 496 15.32 -41.64 26.98
CA HIS A 496 15.54 -40.25 27.38
C HIS A 496 14.57 -39.64 28.37
N GLY A 497 13.57 -40.43 28.80
CA GLY A 497 12.58 -40.01 29.78
C GLY A 497 11.70 -38.88 29.29
N LEU A 498 11.54 -38.80 27.96
CA LEU A 498 10.80 -37.73 27.32
C LEU A 498 9.55 -38.27 26.67
N VAL A 499 8.44 -37.55 26.87
CA VAL A 499 7.13 -37.96 26.37
C VAL A 499 6.72 -37.11 25.18
N ILE A 500 6.61 -37.75 24.01
CA ILE A 500 6.14 -37.09 22.80
C ILE A 500 4.66 -36.78 22.94
N LYS A 501 4.32 -35.49 22.77
CA LYS A 501 2.94 -35.03 22.83
C LYS A 501 2.12 -35.71 21.74
N GLU A 502 0.94 -36.23 22.13
CA GLU A 502 0.05 -36.97 21.23
C GLU A 502 -0.16 -36.24 19.90
N GLY A 503 -0.03 -36.99 18.79
CA GLY A 503 -0.25 -36.49 17.46
C GLY A 503 0.79 -35.54 16.89
N THR A 504 1.96 -35.42 17.53
CA THR A 504 3.02 -34.54 17.04
C THR A 504 4.11 -35.22 16.20
N TRP A 505 4.13 -36.56 16.19
CA TRP A 505 5.04 -37.32 15.33
C TRP A 505 4.29 -37.79 14.08
N LYS A 506 4.25 -36.91 13.07
CA LYS A 506 3.52 -37.14 11.80
C LYS A 506 4.40 -36.66 10.65
N PRO A 507 5.38 -37.48 10.21
CA PRO A 507 6.26 -37.08 9.11
C PRO A 507 5.42 -36.64 7.89
N ALA A 508 5.90 -35.61 7.19
CA ALA A 508 5.21 -35.04 6.06
C ALA A 508 6.19 -34.75 4.91
N LEU A 509 5.74 -34.99 3.68
CA LEU A 509 6.47 -34.64 2.46
C LEU A 509 6.54 -33.12 2.42
N VAL A 510 7.76 -32.59 2.28
CA VAL A 510 7.97 -31.16 2.22
C VAL A 510 7.81 -30.67 0.80
N ASN A 511 7.15 -29.52 0.64
CA ASN A 511 7.11 -28.81 -0.61
C ASN A 511 8.38 -27.97 -0.76
N GLU A 512 9.45 -28.62 -1.19
CA GLU A 512 10.81 -28.05 -1.21
C GLU A 512 10.99 -26.73 -1.93
N ASP A 513 10.17 -26.51 -2.96
CA ASP A 513 10.20 -25.28 -3.73
C ASP A 513 8.75 -24.81 -3.91
N PRO A 514 8.14 -24.17 -2.89
CA PRO A 514 6.71 -23.93 -2.90
C PRO A 514 6.28 -22.93 -3.98
N GLY A 515 5.06 -23.08 -4.51
CA GLY A 515 4.45 -22.13 -5.42
C GLY A 515 3.96 -20.91 -4.64
N PHE A 516 3.68 -19.82 -5.37
CA PHE A 516 3.11 -18.63 -4.79
C PHE A 516 1.86 -19.00 -3.98
N GLY A 517 1.84 -18.62 -2.70
CA GLY A 517 0.70 -18.88 -1.85
C GLY A 517 0.64 -20.27 -1.25
N GLU A 518 1.62 -21.12 -1.58
CA GLU A 518 1.69 -22.47 -1.03
C GLU A 518 2.53 -22.57 0.25
N LEU A 519 2.26 -23.60 1.05
CA LEU A 519 2.99 -23.83 2.32
C LEU A 519 4.16 -24.81 2.16
N TRP A 520 5.19 -24.69 3.00
CA TRP A 520 6.31 -25.67 3.06
C TRP A 520 5.68 -26.99 3.47
N THR A 521 4.95 -26.99 4.57
CA THR A 521 4.14 -28.13 5.06
C THR A 521 2.99 -27.50 5.87
N GLU A 522 2.06 -28.30 6.34
CA GLU A 522 0.95 -27.80 7.18
C GLU A 522 1.36 -27.76 8.66
N GLN A 523 2.50 -28.35 9.00
CA GLN A 523 2.98 -28.42 10.40
C GLN A 523 3.45 -27.06 10.95
N LYS A 524 3.41 -26.92 12.27
CA LYS A 524 3.84 -25.72 12.98
C LYS A 524 5.19 -25.98 13.63
N PHE A 525 6.12 -25.04 13.45
CA PHE A 525 7.36 -24.98 14.23
C PHE A 525 7.38 -23.57 14.87
N LEU A 526 7.69 -23.51 16.15
CA LEU A 526 7.62 -22.25 16.92
C LEU A 526 6.23 -21.58 16.76
N GLY A 527 5.18 -22.40 16.77
CA GLY A 527 3.80 -21.96 16.70
C GLY A 527 3.26 -21.50 15.34
N LEU A 528 4.08 -21.57 14.28
CA LEU A 528 3.73 -21.01 12.97
C LEU A 528 4.03 -21.94 11.80
N GLN A 529 3.22 -21.83 10.75
CA GLN A 529 3.49 -22.50 9.49
C GLN A 529 4.39 -21.61 8.65
N LEU A 530 5.10 -22.22 7.70
CA LEU A 530 5.95 -21.52 6.75
C LEU A 530 5.27 -21.57 5.38
N LYS A 531 5.22 -20.40 4.72
CA LYS A 531 4.48 -20.21 3.49
C LYS A 531 5.29 -19.29 2.60
N VAL A 532 5.06 -19.39 1.30
CA VAL A 532 5.68 -18.53 0.32
C VAL A 532 4.60 -17.63 -0.25
N VAL A 533 4.91 -16.35 -0.34
CA VAL A 533 4.01 -15.35 -0.95
C VAL A 533 4.78 -14.63 -2.07
N ARG A 534 4.06 -13.99 -2.98
CA ARG A 534 4.68 -13.37 -4.16
C ARG A 534 5.00 -11.89 -3.96
N ARG A 535 6.12 -11.46 -4.50
CA ARG A 535 6.44 -10.01 -4.54
C ARG A 535 7.06 -9.81 -5.91
N GLU A 536 6.34 -9.15 -6.82
CA GLU A 536 6.77 -9.03 -8.23
C GLU A 536 6.87 -10.47 -8.75
N ASN A 537 8.06 -10.93 -9.07
CA ASN A 537 8.22 -12.36 -9.45
C ASN A 537 9.11 -13.07 -8.44
N GLU A 538 9.50 -12.39 -7.35
CA GLU A 538 10.25 -13.03 -6.27
C GLU A 538 9.30 -13.83 -5.34
N LYS A 539 9.86 -14.85 -4.67
CA LYS A 539 9.20 -15.56 -3.59
C LYS A 539 9.76 -15.06 -2.24
N VAL A 540 8.87 -14.62 -1.34
CA VAL A 540 9.22 -14.29 0.02
C VAL A 540 8.58 -15.31 0.95
N TYR A 541 9.43 -15.88 1.82
CA TYR A 541 9.07 -16.86 2.87
C TYR A 541 8.56 -16.10 4.10
N VAL A 542 7.38 -16.46 4.59
CA VAL A 542 6.70 -15.75 5.67
C VAL A 542 5.97 -16.70 6.59
N PRO A 543 5.72 -16.32 7.85
CA PRO A 543 4.93 -17.15 8.77
C PRO A 543 3.45 -17.09 8.40
N ASN A 544 2.68 -18.07 8.87
CA ASN A 544 1.29 -18.22 8.52
C ASN A 544 0.58 -19.09 9.53
N LEU A 545 -0.70 -18.79 9.74
CA LEU A 545 -1.62 -19.70 10.44
C LEU A 545 -2.99 -19.62 9.81
N PRO A 546 -3.83 -20.66 9.99
CA PRO A 546 -5.24 -20.57 9.60
C PRO A 546 -5.99 -19.55 10.48
N PHE A 547 -7.08 -19.00 9.94
CA PHE A 547 -7.88 -17.98 10.60
C PHE A 547 -8.21 -18.34 12.05
N GLU A 548 -8.63 -19.58 12.28
CA GLU A 548 -9.07 -20.05 13.60
C GLU A 548 -8.04 -19.77 14.70
N ASP A 549 -6.76 -20.00 14.37
CA ASP A 549 -5.66 -19.77 15.31
C ASP A 549 -5.48 -18.28 15.61
N TRP A 550 -5.47 -17.45 14.55
CA TRP A 550 -5.38 -15.99 14.73
C TRP A 550 -6.55 -15.49 15.55
N LEU A 551 -7.74 -16.06 15.32
CA LEU A 551 -8.95 -15.67 16.02
C LEU A 551 -8.90 -16.03 17.50
N THR A 552 -8.35 -17.20 17.81
CA THR A 552 -8.12 -17.63 19.19
C THR A 552 -7.24 -16.64 19.93
N MET A 553 -6.11 -16.27 19.31
CA MET A 553 -5.20 -15.29 19.85
C MET A 553 -5.92 -13.94 20.02
N TRP A 554 -6.68 -13.53 19.02
CA TRP A 554 -7.37 -12.26 19.07
C TRP A 554 -8.31 -12.17 20.27
N VAL A 555 -9.15 -13.19 20.46
CA VAL A 555 -10.21 -13.14 21.48
C VAL A 555 -9.74 -13.54 22.88
N THR A 556 -8.49 -14.00 23.02
CA THR A 556 -7.91 -14.24 24.36
C THR A 556 -6.70 -13.36 24.65
N PRO A 557 -6.88 -12.03 24.82
CA PRO A 557 -5.75 -11.16 25.10
C PRO A 557 -5.03 -11.60 26.38
N ARG A 558 -3.69 -11.54 26.37
CA ARG A 558 -2.83 -11.78 27.56
C ARG A 558 -2.71 -10.49 28.37
N SER A 559 -3.80 -10.04 29.00
CA SER A 559 -3.82 -8.83 29.82
C SER A 559 -3.18 -9.10 31.21
N THR A 566 -8.86 3.43 31.35
CA THR A 566 -9.76 4.32 30.61
C THR A 566 -10.20 3.76 29.26
N GLU A 567 -11.29 4.33 28.72
CA GLU A 567 -11.80 3.98 27.41
C GLU A 567 -10.73 4.21 26.34
N THR A 568 -9.94 5.28 26.51
CA THR A 568 -8.91 5.63 25.55
C THR A 568 -7.81 4.57 25.45
N MET A 569 -7.32 4.11 26.62
CA MET A 569 -6.28 3.09 26.67
C MET A 569 -6.77 1.76 26.12
N ARG A 570 -8.06 1.45 26.33
CA ARG A 570 -8.71 0.22 25.81
C ARG A 570 -8.78 0.30 24.29
N GLU A 571 -9.23 1.44 23.73
CA GLU A 571 -9.25 1.64 22.30
C GLU A 571 -7.86 1.51 21.68
N ARG A 572 -6.86 2.07 22.37
CA ARG A 572 -5.44 2.04 21.92
C ARG A 572 -4.90 0.60 21.97
N THR A 573 -5.22 -0.16 23.02
CA THR A 573 -4.80 -1.55 23.12
C THR A 573 -5.35 -2.40 21.94
N LEU A 574 -6.62 -2.22 21.58
CA LEU A 574 -7.20 -2.90 20.43
C LEU A 574 -6.36 -2.64 19.18
N PHE A 575 -6.04 -1.36 18.96
CA PHE A 575 -5.19 -0.93 17.84
C PHE A 575 -3.86 -1.63 17.84
N ASP A 576 -3.18 -1.62 18.99
CA ASP A 576 -1.86 -2.22 19.11
C ASP A 576 -1.85 -3.73 18.91
N ARG A 577 -2.85 -4.42 19.46
CA ARG A 577 -2.94 -5.91 19.37
C ARG A 577 -3.18 -6.29 17.91
N ALA A 578 -4.08 -5.55 17.23
CA ALA A 578 -4.38 -5.79 15.83
C ALA A 578 -3.13 -5.63 14.97
N ARG A 579 -2.34 -4.60 15.24
CA ARG A 579 -1.06 -4.35 14.51
C ARG A 579 -0.13 -5.54 14.79
N GLY A 580 0.07 -5.87 16.07
CA GLY A 580 0.93 -6.97 16.45
C GLY A 580 0.63 -8.26 15.69
N LEU A 581 -0.65 -8.65 15.68
CA LEU A 581 -1.06 -9.88 15.04
C LEU A 581 -0.79 -9.86 13.53
N LEU A 582 -1.14 -8.77 12.86
CA LEU A 582 -0.79 -8.56 11.47
C LEU A 582 0.70 -8.84 11.20
N VAL A 583 1.57 -8.22 12.00
CA VAL A 583 3.02 -8.36 11.88
C VAL A 583 3.51 -9.82 12.06
N THR A 584 2.93 -10.51 13.05
CA THR A 584 3.27 -11.89 13.34
C THR A 584 2.93 -12.82 12.16
N GLY A 585 1.94 -12.43 11.36
CA GLY A 585 1.56 -13.17 10.17
C GLY A 585 0.09 -13.18 9.79
N ALA A 586 -0.76 -12.57 10.63
CA ALA A 586 -2.20 -12.48 10.36
C ALA A 586 -2.51 -11.78 9.04
N VAL A 587 -1.60 -10.94 8.57
CA VAL A 587 -1.78 -10.24 7.31
C VAL A 587 -1.83 -11.19 6.10
N PHE A 588 -1.31 -12.40 6.27
CA PHE A 588 -1.22 -13.39 5.15
C PHE A 588 -2.42 -14.33 5.21
N ASP A 589 -3.31 -14.15 6.18
CA ASP A 589 -4.61 -14.88 6.19
C ASP A 589 -5.67 -13.87 5.78
N GLU A 590 -6.43 -14.15 4.72
CA GLU A 590 -7.40 -13.17 4.17
C GLU A 590 -8.45 -12.74 5.20
N ARG A 591 -8.98 -13.68 5.98
CA ARG A 591 -10.01 -13.35 6.99
C ARG A 591 -9.37 -12.61 8.18
N ALA A 592 -8.23 -13.05 8.68
CA ALA A 592 -7.57 -12.37 9.81
C ALA A 592 -7.17 -10.94 9.42
N ARG A 593 -6.60 -10.77 8.24
CA ARG A 593 -6.17 -9.45 7.71
C ARG A 593 -7.38 -8.51 7.73
N GLY A 594 -8.54 -9.03 7.32
CA GLY A 594 -9.78 -8.26 7.28
C GLY A 594 -10.29 -7.84 8.67
N LEU A 595 -10.11 -8.74 9.65
CA LEU A 595 -10.53 -8.49 11.01
C LEU A 595 -9.65 -7.41 11.64
N MET A 596 -8.33 -7.63 11.61
CA MET A 596 -7.36 -6.69 12.17
C MET A 596 -7.50 -5.30 11.52
N GLY A 597 -7.73 -5.26 10.21
CA GLY A 597 -7.90 -4.01 9.51
C GLY A 597 -9.14 -3.26 9.96
N ALA A 598 -10.23 -4.01 10.18
CA ALA A 598 -11.47 -3.44 10.68
C ALA A 598 -11.25 -2.77 12.05
N VAL A 599 -10.49 -3.44 12.92
CA VAL A 599 -10.21 -2.91 14.25
C VAL A 599 -9.36 -1.63 14.13
N ILE A 600 -8.30 -1.72 13.34
CA ILE A 600 -7.46 -0.57 13.02
C ILE A 600 -8.26 0.62 12.50
N ASN A 601 -9.09 0.40 11.47
CA ASN A 601 -9.89 1.47 10.91
C ASN A 601 -10.92 2.03 11.88
N SER A 602 -11.35 1.23 12.87
CA SER A 602 -12.27 1.68 13.93
C SER A 602 -11.62 2.58 14.96
N THR A 603 -10.30 2.59 15.01
CA THR A 603 -9.59 3.36 16.02
C THR A 603 -9.64 4.83 15.62
N ALA A 604 -10.10 5.69 16.54
CA ALA A 604 -10.26 7.12 16.25
C ALA A 604 -8.90 7.74 15.90
N PRO A 605 -8.86 8.77 15.01
CA PRO A 605 -7.59 9.39 14.60
C PRO A 605 -6.72 9.84 15.79
N GLU A 606 -7.34 10.46 16.79
CA GLU A 606 -6.64 10.93 17.98
C GLU A 606 -5.97 9.81 18.74
N VAL A 607 -6.59 8.63 18.77
CA VAL A 607 -6.02 7.45 19.44
C VAL A 607 -4.84 6.88 18.65
N VAL A 608 -4.96 6.87 17.33
CA VAL A 608 -3.86 6.47 16.45
C VAL A 608 -2.63 7.37 16.65
N CYS A 609 -2.87 8.67 16.77
CA CYS A 609 -1.80 9.68 16.74
C CYS A 609 -1.29 10.21 18.10
N MET A 610 -1.94 9.81 19.20
CA MET A 610 -1.53 10.23 20.54
C MET A 610 -0.16 9.69 20.90
N ARG A 611 0.51 10.38 21.81
CA ARG A 611 1.80 9.97 22.41
C ARG A 611 1.55 8.72 23.26
N VAL A 612 2.44 7.72 23.18
CA VAL A 612 2.28 6.44 23.87
C VAL A 612 3.66 5.93 24.36
N GLN A 613 3.67 5.04 25.36
CA GLN A 613 4.93 4.39 25.81
C GLN A 613 5.36 3.27 24.86
N ILE A 637 4.54 8.51 20.12
CA ILE A 637 3.69 8.38 18.93
C ILE A 637 4.10 7.22 18.00
N SER A 638 3.33 6.13 18.00
CA SER A 638 3.38 5.12 16.91
C SER A 638 2.06 5.14 16.14
N ASP A 639 2.09 5.87 15.02
CA ASP A 639 0.92 6.15 14.24
C ASP A 639 1.02 5.55 12.83
N GLY A 640 1.85 4.51 12.69
CA GLY A 640 1.92 3.68 11.51
C GLY A 640 1.09 2.43 11.65
N TYR A 641 0.94 1.67 10.55
CA TYR A 641 0.19 0.38 10.55
C TYR A 641 0.92 -0.61 9.64
N PRO A 642 0.84 -1.91 9.95
CA PRO A 642 1.46 -2.91 9.10
C PRO A 642 0.62 -3.26 7.86
N SER A 643 0.96 -2.65 6.73
CA SER A 643 0.41 -3.02 5.43
C SER A 643 1.02 -4.34 5.01
N TYR A 644 0.34 -5.05 4.12
CA TYR A 644 0.80 -6.32 3.50
C TYR A 644 2.22 -6.11 2.99
N ASP A 645 2.43 -5.08 2.17
CA ASP A 645 3.73 -4.81 1.57
C ASP A 645 4.83 -4.60 2.60
N TRP A 646 4.54 -3.86 3.68
CA TRP A 646 5.51 -3.59 4.71
C TRP A 646 5.88 -4.86 5.46
N VAL A 647 4.88 -5.70 5.76
CA VAL A 647 5.11 -6.96 6.46
C VAL A 647 5.95 -7.90 5.60
N VAL A 648 5.64 -7.99 4.30
CA VAL A 648 6.42 -8.77 3.35
C VAL A 648 7.87 -8.31 3.36
N SER A 649 8.06 -6.99 3.36
CA SER A 649 9.39 -6.39 3.44
C SER A 649 10.12 -6.81 4.73
N LEU A 650 9.38 -6.83 5.84
CA LEU A 650 9.96 -7.19 7.12
C LEU A 650 10.56 -8.60 7.10
N TYR A 651 9.85 -9.56 6.48
CA TYR A 651 10.26 -11.00 6.44
C TYR A 651 11.32 -11.23 5.36
N SER A 652 11.34 -10.38 4.32
CA SER A 652 12.39 -10.41 3.30
C SER A 652 13.70 -9.89 3.86
N ARG A 653 14.73 -9.88 3.03
CA ARG A 653 16.08 -9.37 3.36
C ARG A 653 16.20 -7.86 3.10
N ASP A 654 15.10 -7.15 2.82
CA ASP A 654 15.11 -5.70 2.66
C ASP A 654 15.76 -5.02 3.86
N HIS A 655 16.26 -3.79 3.63
CA HIS A 655 16.71 -2.93 4.71
C HIS A 655 15.50 -2.62 5.58
N PRO A 656 15.66 -2.36 6.89
CA PRO A 656 14.54 -1.99 7.75
C PRO A 656 13.94 -0.65 7.30
N CYS A 657 12.62 -0.49 7.42
CA CYS A 657 11.96 0.80 7.20
C CYS A 657 10.73 0.88 8.09
N ASP A 658 10.25 2.12 8.28
CA ASP A 658 9.11 2.36 9.12
C ASP A 658 7.85 1.91 8.43
N MET A 659 6.90 1.45 9.24
CA MET A 659 5.55 1.19 8.82
C MET A 659 4.98 2.42 8.16
N PRO A 660 4.12 2.28 7.12
CA PRO A 660 3.45 3.43 6.53
C PRO A 660 2.54 4.15 7.54
N ARG A 661 2.46 5.48 7.44
CA ARG A 661 1.62 6.33 8.30
C ARG A 661 0.15 6.10 7.97
N VAL A 662 -0.69 5.97 9.02
CA VAL A 662 -2.15 5.96 8.86
C VAL A 662 -2.65 7.32 8.37
N PHE A 663 -2.04 8.39 8.86
CA PHE A 663 -2.38 9.78 8.47
C PHE A 663 -1.10 10.47 7.95
N PRO A 664 -0.82 10.44 6.63
CA PRO A 664 0.41 11.01 6.07
C PRO A 664 0.63 12.51 6.35
N GLU A 665 -0.43 13.29 6.52
CA GLU A 665 -0.32 14.74 6.87
C GLU A 665 -0.46 15.00 8.38
N ALA A 666 -0.40 13.98 9.24
CA ALA A 666 -0.55 14.15 10.67
C ALA A 666 0.44 15.16 11.22
N ALA A 667 1.73 15.00 10.89
CA ALA A 667 2.78 15.86 11.44
C ALA A 667 2.46 17.35 11.25
N THR A 668 2.13 17.70 10.00
CA THR A 668 1.85 19.08 9.64
C THR A 668 0.53 19.60 10.17
N LEU A 669 -0.49 18.74 10.20
CA LEU A 669 -1.81 19.10 10.73
C LEU A 669 -1.73 19.35 12.21
N ILE A 670 -0.96 18.53 12.92
CA ILE A 670 -0.79 18.65 14.36
C ILE A 670 -0.05 19.94 14.69
N ALA A 671 0.94 20.29 13.89
CA ALA A 671 1.71 21.53 14.07
C ALA A 671 1.01 22.79 13.60
N SER A 672 -0.07 22.64 12.83
CA SER A 672 -0.77 23.73 12.14
C SER A 672 0.16 24.56 11.23
N TYR A 673 1.18 23.89 10.68
CA TYR A 673 2.23 24.49 9.81
C TYR A 673 2.70 23.44 8.79
N ARG A 674 2.59 23.77 7.51
CA ARG A 674 3.24 23.06 6.38
C ARG A 674 4.23 24.03 5.75
N LYS A 675 5.52 23.70 5.79
CA LYS A 675 6.55 24.52 5.19
C LYS A 675 6.19 24.88 3.76
N GLN A 676 6.37 26.15 3.42
CA GLN A 676 6.26 26.66 2.06
C GLN A 676 7.59 27.32 1.76
N VAL A 677 8.19 26.98 0.63
CA VAL A 677 9.43 27.58 0.19
C VAL A 677 9.17 29.03 -0.17
N MET A 678 9.94 29.93 0.46
CA MET A 678 9.95 31.35 0.14
C MET A 678 11.38 31.73 -0.15
N ASP A 679 11.63 32.12 -1.40
CA ASP A 679 12.95 32.36 -1.93
C ASP A 679 13.31 33.82 -1.73
N THR A 680 14.46 34.04 -1.10
CA THR A 680 14.99 35.37 -0.78
C THR A 680 15.76 35.99 -1.97
N ARG A 681 15.96 35.20 -3.04
CA ARG A 681 16.75 35.63 -4.23
C ARG A 681 15.83 36.18 -5.33
N VAL A 682 14.52 36.14 -5.10
CA VAL A 682 13.51 36.61 -6.10
C VAL A 682 13.81 38.03 -6.59
N VAL A 683 13.42 38.31 -7.83
CA VAL A 683 13.57 39.69 -8.37
C VAL A 683 12.31 40.45 -7.99
N ILE A 684 12.47 41.68 -7.52
CA ILE A 684 11.33 42.50 -7.05
C ILE A 684 11.34 43.80 -7.85
N THR B 24 9.03 -3.83 28.63
CA THR B 24 9.49 -3.26 29.93
C THR B 24 10.84 -3.83 30.39
N ARG B 25 11.69 -4.24 29.42
CA ARG B 25 12.94 -4.97 29.70
C ARG B 25 14.16 -4.07 29.53
N LEU B 26 14.84 -3.78 30.63
CA LEU B 26 15.99 -2.85 30.60
C LEU B 26 17.18 -3.40 31.39
N SER B 27 18.33 -2.82 31.14
CA SER B 27 19.54 -3.14 31.93
C SER B 27 19.36 -2.57 33.33
N LEU B 28 20.06 -3.15 34.29
CA LEU B 28 20.03 -2.65 35.66
C LEU B 28 20.59 -1.23 35.71
N GLU B 29 21.62 -0.97 34.91
CA GLU B 29 22.23 0.35 34.78
C GLU B 29 21.18 1.37 34.38
N ALA B 30 20.39 1.02 33.36
CA ALA B 30 19.31 1.87 32.87
C ALA B 30 18.24 2.08 33.94
N MET B 31 17.84 0.98 34.60
CA MET B 31 16.89 1.01 35.71
C MET B 31 17.35 1.98 36.82
N LEU B 32 18.64 1.95 37.18
CA LEU B 32 19.21 2.89 38.15
C LEU B 32 19.07 4.35 37.70
N ALA B 33 19.33 4.59 36.41
CA ALA B 33 19.19 5.92 35.83
C ALA B 33 17.76 6.43 35.90
N GLU B 34 16.79 5.57 35.55
CA GLU B 34 15.38 5.93 35.63
C GLU B 34 15.00 6.31 37.05
N ARG B 35 15.39 5.48 38.03
CA ARG B 35 15.15 5.73 39.48
C ARG B 35 15.76 7.08 39.89
N ALA B 36 16.94 7.43 39.35
CA ALA B 36 17.62 8.68 39.69
C ALA B 36 16.78 9.91 39.29
N MET B 37 16.35 9.94 38.02
CA MET B 37 15.49 11.01 37.51
C MET B 37 14.19 11.15 38.29
N VAL B 38 13.46 10.03 38.46
CA VAL B 38 12.22 10.01 39.23
C VAL B 38 12.43 10.52 40.65
N ALA B 39 13.50 10.07 41.32
CA ALA B 39 13.77 10.40 42.72
C ALA B 39 13.90 11.91 42.98
N ARG B 40 14.49 12.63 42.05
CA ARG B 40 14.76 14.10 42.17
C ARG B 40 13.46 14.89 41.94
N GLN B 41 12.36 14.24 41.59
CA GLN B 41 11.05 14.86 41.46
C GLN B 41 10.13 14.51 42.60
N ASP B 42 10.54 13.55 43.44
CA ASP B 42 9.76 13.11 44.59
C ASP B 42 10.27 13.86 45.83
N LEU B 43 9.68 15.05 46.07
CA LEU B 43 10.14 15.99 47.09
C LEU B 43 10.10 15.34 48.45
N ALA B 44 9.02 14.58 48.73
CA ALA B 44 8.81 13.93 50.00
C ALA B 44 9.91 12.90 50.29
N GLY B 45 10.32 12.17 49.24
CA GLY B 45 11.38 11.18 49.33
C GLY B 45 12.76 11.80 49.48
N LEU B 46 13.01 12.88 48.72
CA LEU B 46 14.22 13.68 48.88
C LEU B 46 14.37 14.22 50.32
N LYS B 47 13.28 14.79 50.84
CA LYS B 47 13.23 15.35 52.19
C LYS B 47 13.65 14.33 53.20
N ARG B 48 13.10 13.12 53.07
CA ARG B 48 13.37 11.98 54.00
C ARG B 48 14.84 11.56 53.86
N LYS B 49 15.33 11.35 52.62
CA LYS B 49 16.68 10.84 52.44
C LYS B 49 17.78 11.85 52.78
N LEU B 50 17.53 13.14 52.62
CA LEU B 50 18.63 14.10 52.81
C LEU B 50 18.55 14.76 54.19
N ALA B 51 17.60 14.30 55.01
CA ALA B 51 17.40 14.92 56.34
C ALA B 51 18.59 14.62 57.24
N GLY B 52 19.44 15.61 57.45
CA GLY B 52 20.64 15.44 58.27
C GLY B 52 21.86 15.24 57.45
N ALA B 53 21.74 15.32 56.13
CA ALA B 53 22.89 15.01 55.28
C ALA B 53 24.01 16.04 55.43
N ASP B 54 25.25 15.56 55.33
CA ASP B 54 26.44 16.39 55.39
C ASP B 54 26.39 17.51 54.37
N ARG B 55 26.47 18.73 54.87
CA ARG B 55 26.09 19.96 54.14
C ARG B 55 27.29 20.90 54.17
N VAL B 56 27.75 21.33 52.98
CA VAL B 56 28.80 22.30 52.83
C VAL B 56 28.16 23.68 52.96
N LEU B 57 28.21 24.27 54.14
CA LEU B 57 27.54 25.54 54.42
C LEU B 57 28.25 26.72 53.79
N ALA B 58 27.48 27.67 53.26
CA ALA B 58 28.01 28.92 52.75
C ALA B 58 28.34 29.80 53.95
N PRO B 59 29.30 30.74 53.84
CA PRO B 59 29.48 31.80 54.83
C PRO B 59 28.21 32.65 54.95
N GLN B 60 27.77 32.93 56.17
CA GLN B 60 26.55 33.69 56.41
C GLN B 60 26.69 34.59 57.61
N SER B 61 25.92 35.69 57.62
CA SER B 61 25.79 36.51 58.81
C SER B 61 24.70 35.88 59.66
N PRO B 62 24.70 36.16 60.98
CA PRO B 62 23.79 35.48 61.89
C PRO B 62 22.35 36.01 61.81
N GLU B 63 21.39 35.21 62.24
CA GLU B 63 20.00 35.61 62.38
C GLU B 63 19.88 36.82 63.29
N GLN B 64 19.00 37.76 62.93
CA GLN B 64 18.72 38.97 63.70
C GLN B 64 17.37 38.86 64.40
N CYS B 65 16.38 38.26 63.72
CA CYS B 65 15.11 37.96 64.33
C CYS B 65 14.48 36.77 63.63
N GLY B 66 13.39 36.29 64.20
CA GLY B 66 12.77 35.08 63.65
C GLY B 66 11.81 35.35 62.52
N ARG B 67 11.23 34.28 62.01
CA ARG B 67 10.32 34.39 60.86
C ARG B 67 9.13 35.30 61.16
N GLU B 68 8.42 35.07 62.25
CA GLU B 68 7.17 35.82 62.54
C GLU B 68 7.46 37.32 62.64
N SER B 69 8.53 37.68 63.32
CA SER B 69 8.91 39.09 63.41
C SER B 69 9.29 39.68 62.05
N ALA B 70 10.05 38.91 61.27
CA ALA B 70 10.49 39.31 59.96
C ALA B 70 9.32 39.48 58.98
N GLN B 71 8.35 38.56 59.04
CA GLN B 71 7.15 38.62 58.22
C GLN B 71 6.33 39.84 58.54
N ALA B 72 6.20 40.13 59.84
CA ALA B 72 5.44 41.30 60.31
C ALA B 72 6.06 42.60 59.80
N GLN B 73 7.40 42.69 59.86
CA GLN B 73 8.12 43.85 59.38
C GLN B 73 8.04 44.00 57.87
N ALA B 74 8.11 42.87 57.16
CA ALA B 74 7.91 42.82 55.72
C ALA B 74 6.50 43.32 55.30
N ARG B 75 5.48 42.82 56.00
CA ARG B 75 4.06 43.22 55.82
C ARG B 75 3.92 44.73 56.01
N SER B 76 4.50 45.27 57.07
CA SER B 76 4.44 46.68 57.38
C SER B 76 5.04 47.55 56.26
N VAL B 77 6.22 47.16 55.75
CA VAL B 77 6.86 47.87 54.65
C VAL B 77 6.03 47.77 53.36
N THR B 78 5.56 46.56 53.08
CA THR B 78 4.76 46.28 51.89
C THR B 78 3.48 47.11 51.87
N SER B 79 2.91 47.31 53.04
CA SER B 79 1.70 48.10 53.24
C SER B 79 1.90 49.57 52.90
N GLU B 80 3.04 50.13 53.28
CA GLU B 80 3.40 51.52 52.97
C GLU B 80 3.68 51.71 51.49
N LEU B 81 4.42 50.78 50.90
CA LEU B 81 4.71 50.80 49.47
C LEU B 81 3.43 50.76 48.66
N LYS B 82 2.47 49.94 49.09
CA LYS B 82 1.20 49.77 48.38
C LYS B 82 0.43 51.11 48.34
N SER B 83 0.37 51.82 49.47
CA SER B 83 -0.27 53.13 49.53
C SER B 83 0.45 54.17 48.67
N ALA B 84 1.79 54.21 48.74
CA ALA B 84 2.59 55.13 47.93
C ALA B 84 2.34 54.93 46.42
N VAL B 85 2.33 53.66 45.99
CA VAL B 85 2.09 53.30 44.60
C VAL B 85 0.65 53.64 44.19
N LYS B 86 -0.33 53.31 45.04
CA LYS B 86 -1.72 53.55 44.75
C LYS B 86 -2.02 55.06 44.60
N GLU B 87 -1.39 55.87 45.47
CA GLU B 87 -1.47 57.31 45.39
C GLU B 87 -0.89 57.88 44.10
N ALA B 88 0.30 57.40 43.72
CA ALA B 88 0.97 57.89 42.52
C ALA B 88 0.21 57.48 41.26
N GLN B 89 -0.43 56.31 41.31
CA GLN B 89 -1.22 55.80 40.18
C GLN B 89 -2.53 56.58 40.01
N GLY B 90 -2.97 57.23 41.10
CA GLY B 90 -4.13 58.10 41.11
C GLY B 90 -3.92 59.48 40.51
N LEU B 91 -2.66 59.83 40.21
CA LEU B 91 -2.29 61.14 39.66
C LEU B 91 -2.78 61.28 38.24
N GLU B 92 -3.27 62.47 37.89
CA GLU B 92 -3.78 62.74 36.55
C GLU B 92 -2.59 62.74 35.57
N HIS B 93 -2.84 62.24 34.36
CA HIS B 93 -1.84 62.22 33.33
C HIS B 93 -2.16 63.27 32.33
N GLN B 94 -1.12 63.82 31.68
CA GLN B 94 -1.34 64.84 30.69
C GLN B 94 -1.86 64.27 29.38
N THR B 95 -2.55 65.10 28.59
CA THR B 95 -3.30 64.63 27.40
C THR B 95 -2.32 64.18 26.31
N LEU B 96 -2.78 63.30 25.42
CA LEU B 96 -1.94 62.68 24.39
C LEU B 96 -2.00 63.42 23.03
N ASP B 97 -2.25 64.73 23.10
CA ASP B 97 -2.33 65.62 21.95
C ASP B 97 -1.01 65.86 21.23
N PHE B 98 0.12 65.48 21.84
CA PHE B 98 1.43 65.68 21.21
C PHE B 98 1.72 64.62 20.15
N LEU B 99 0.82 63.63 20.04
CA LEU B 99 0.90 62.60 19.00
C LEU B 99 -0.12 62.86 17.89
N GLU B 100 0.19 62.35 16.70
CA GLU B 100 -0.75 62.33 15.59
C GLU B 100 -1.84 61.30 15.84
N GLN B 101 -3.09 61.64 15.54
CA GLN B 101 -4.24 60.74 15.67
C GLN B 101 -4.54 60.15 14.30
N LEU B 102 -4.82 58.85 14.24
CA LEU B 102 -5.14 58.15 12.99
C LEU B 102 -6.49 57.46 12.97
N GLY B 103 -7.33 57.71 13.99
CA GLY B 103 -8.64 57.09 14.13
C GLY B 103 -8.57 55.69 14.70
N GLU B 104 -9.60 54.88 14.42
CA GLU B 104 -9.68 53.50 14.89
C GLU B 104 -9.35 52.56 13.75
N TYR B 105 -8.79 51.39 14.07
CA TYR B 105 -8.45 50.33 13.09
C TYR B 105 -9.46 49.20 13.27
N PRO B 106 -9.98 48.59 12.17
CA PRO B 106 -10.80 47.40 12.26
C PRO B 106 -9.98 46.18 12.72
N VAL B 107 -10.57 45.27 13.50
CA VAL B 107 -9.89 44.03 13.87
C VAL B 107 -9.66 43.22 12.60
N CYS B 108 -8.50 42.57 12.54
CA CYS B 108 -8.10 41.74 11.41
C CYS B 108 -9.08 40.59 11.22
N GLY B 109 -9.51 40.39 9.98
CA GLY B 109 -10.44 39.33 9.63
C GLY B 109 -9.79 38.05 9.14
N ILE B 110 -8.46 38.01 9.06
CA ILE B 110 -7.74 36.88 8.50
C ILE B 110 -7.96 35.60 9.32
N LEU B 111 -8.31 34.51 8.61
CA LEU B 111 -8.52 33.21 9.22
C LEU B 111 -7.35 32.29 8.88
N HIS B 112 -6.91 31.51 9.87
CA HIS B 112 -6.00 30.40 9.66
C HIS B 112 -6.76 29.13 10.00
N GLY B 113 -7.36 28.50 8.98
CA GLY B 113 -8.15 27.31 9.18
C GLY B 113 -9.48 27.61 9.84
N ASP B 114 -9.71 26.96 10.99
CA ASP B 114 -10.97 27.02 11.75
C ASP B 114 -11.08 28.19 12.78
N HIS B 115 -10.06 29.07 12.85
CA HIS B 115 -10.02 30.19 13.79
C HIS B 115 -9.48 31.49 13.18
N PRO B 116 -9.93 32.68 13.66
CA PRO B 116 -9.31 33.95 13.27
C PRO B 116 -7.94 34.10 13.93
N VAL B 117 -6.99 34.78 13.26
CA VAL B 117 -5.67 35.07 13.82
C VAL B 117 -5.80 36.04 15.02
N HIS B 118 -6.75 36.99 14.92
CA HIS B 118 -7.16 37.82 16.02
C HIS B 118 -8.27 37.10 16.76
N PRO B 119 -8.02 36.52 17.96
CA PRO B 119 -9.03 35.71 18.65
C PRO B 119 -10.34 36.47 18.92
N SER B 120 -11.47 35.76 18.81
CA SER B 120 -12.78 36.32 19.14
C SER B 120 -12.82 36.76 20.59
N GLY B 121 -13.40 37.93 20.83
CA GLY B 121 -13.64 38.44 22.17
C GLY B 121 -12.47 39.03 22.92
N THR B 122 -11.33 39.24 22.25
CA THR B 122 -10.16 39.86 22.84
C THR B 122 -9.74 41.03 21.99
N HIS B 123 -9.31 42.11 22.66
CA HIS B 123 -8.79 43.30 22.01
C HIS B 123 -9.69 43.78 20.87
N ASN B 124 -10.99 43.84 21.17
CA ASN B 124 -12.01 44.13 20.19
C ASN B 124 -13.14 44.86 20.87
N ASN B 125 -13.28 46.15 20.54
CA ASN B 125 -14.37 46.99 20.99
C ASN B 125 -15.22 47.29 19.75
N ASN B 126 -16.38 46.65 19.66
CA ASN B 126 -17.29 46.77 18.55
C ASN B 126 -16.59 46.83 17.20
N GLY B 127 -15.77 45.81 16.95
CA GLY B 127 -15.09 45.61 15.68
C GLY B 127 -13.80 46.38 15.47
N LYS B 128 -13.42 47.19 16.47
CA LYS B 128 -12.19 47.98 16.44
C LYS B 128 -11.14 47.42 17.42
N VAL B 129 -9.87 47.46 17.01
CA VAL B 129 -8.78 47.00 17.84
C VAL B 129 -8.72 47.92 19.07
N SER B 130 -8.59 47.29 20.23
CA SER B 130 -8.56 47.96 21.51
C SER B 130 -7.57 47.29 22.44
N VAL B 131 -7.16 48.05 23.45
CA VAL B 131 -6.12 47.67 24.37
C VAL B 131 -6.40 48.42 25.66
N LYS B 132 -6.04 47.83 26.79
CA LYS B 132 -6.20 48.43 28.12
C LYS B 132 -4.89 48.33 28.86
N ARG B 133 -4.28 49.47 29.18
CA ARG B 133 -3.03 49.53 29.97
C ARG B 133 -3.32 49.03 31.38
N GLN B 134 -2.34 48.35 31.98
CA GLN B 134 -2.50 47.78 33.32
C GLN B 134 -1.54 48.49 34.25
N PHE B 135 -2.12 49.14 35.26
CA PHE B 135 -1.32 49.83 36.30
C PHE B 135 -1.84 49.31 37.64
N ALA B 136 -1.32 48.17 38.06
CA ALA B 136 -1.78 47.52 39.29
C ALA B 136 -0.91 47.93 40.48
N ALA B 137 -1.43 47.75 41.69
CA ALA B 137 -0.69 48.21 42.89
C ALA B 137 -0.07 47.04 43.65
N GLY B 138 0.13 45.90 43.00
CA GLY B 138 0.73 44.72 43.64
C GLY B 138 2.24 44.85 43.79
N SER B 142 6.41 39.80 50.19
CA SER B 142 7.73 39.43 49.69
C SER B 142 8.48 38.51 50.65
N ASP B 143 8.83 37.33 50.14
CA ASP B 143 9.72 36.39 50.80
C ASP B 143 11.10 36.98 50.90
N ALA B 144 11.56 37.68 49.84
CA ALA B 144 12.88 38.29 49.85
C ALA B 144 13.04 39.29 50.98
N LEU B 145 12.02 40.12 51.17
CA LEU B 145 12.05 41.19 52.17
C LEU B 145 12.07 40.56 53.58
N THR B 146 11.32 39.47 53.76
CA THR B 146 11.31 38.74 55.00
C THR B 146 12.73 38.22 55.34
N CYS B 147 13.40 37.58 54.38
CA CYS B 147 14.80 37.17 54.55
C CYS B 147 15.71 38.34 54.95
N ALA B 148 15.53 39.50 54.33
CA ALA B 148 16.36 40.66 54.60
C ALA B 148 16.24 41.04 56.07
N PHE B 149 14.99 41.11 56.57
CA PHE B 149 14.70 41.42 57.96
C PHE B 149 15.22 40.36 58.91
N ARG B 150 15.15 39.11 58.48
CA ARG B 150 15.65 37.94 59.25
C ARG B 150 17.16 38.10 59.51
N PHE B 151 17.92 38.63 58.56
CA PHE B 151 19.39 38.63 58.64
C PHE B 151 20.11 39.95 58.60
N GLU B 152 19.37 41.07 58.55
CA GLU B 152 19.98 42.40 58.48
C GLU B 152 19.32 43.40 59.40
N ASP B 153 20.00 44.52 59.62
CA ASP B 153 19.52 45.58 60.48
C ASP B 153 18.16 46.12 59.96
N SER B 154 17.13 46.09 60.82
CA SER B 154 15.79 46.58 60.50
C SER B 154 15.73 47.96 59.87
N ASP B 155 16.38 48.95 60.50
CA ASP B 155 16.33 50.33 60.01
C ASP B 155 16.87 50.39 58.57
N LEU B 156 17.97 49.70 58.32
CA LEU B 156 18.60 49.67 57.00
C LEU B 156 17.74 48.94 55.94
N VAL B 157 17.18 47.79 56.30
CA VAL B 157 16.31 47.04 55.39
C VAL B 157 15.09 47.89 55.06
N ARG B 158 14.49 48.48 56.08
CA ARG B 158 13.25 49.29 55.98
C ARG B 158 13.50 50.50 55.06
N GLU B 159 14.57 51.27 55.28
CA GLU B 159 14.83 52.44 54.45
C GLU B 159 15.16 52.03 53.00
N THR B 160 15.88 50.92 52.85
CA THR B 160 16.18 50.37 51.53
C THR B 160 14.92 49.94 50.73
N ALA B 161 14.02 49.23 51.41
CA ALA B 161 12.82 48.71 50.78
C ALA B 161 11.80 49.80 50.44
N LEU B 162 11.81 50.89 51.20
CA LEU B 162 10.91 52.02 50.96
C LEU B 162 11.37 52.93 49.84
N LYS B 163 12.61 52.80 49.38
CA LYS B 163 13.17 53.73 48.36
C LYS B 163 12.91 53.23 46.93
N THR B 164 12.84 51.91 46.70
CA THR B 164 12.70 51.34 45.34
C THR B 164 11.63 50.25 45.34
N THR B 165 10.78 50.20 44.30
CA THR B 165 9.78 49.12 44.19
C THR B 165 9.62 48.61 42.75
N TYR B 166 9.35 47.33 42.61
CA TYR B 166 9.08 46.67 41.30
C TYR B 166 7.58 46.88 40.99
N THR B 167 7.28 47.71 39.99
CA THR B 167 5.92 48.16 39.78
C THR B 167 5.63 48.45 38.32
N ASP B 168 4.36 48.29 37.96
CA ASP B 168 3.79 48.74 36.66
C ASP B 168 4.00 50.24 36.37
N GLY B 169 4.21 51.04 37.42
CA GLY B 169 4.41 52.48 37.27
C GLY B 169 3.10 53.23 37.34
N THR B 170 3.05 54.36 36.66
CA THR B 170 1.88 55.24 36.71
C THR B 170 1.54 55.81 35.36
N TRP B 171 0.26 56.12 35.17
CA TRP B 171 -0.19 56.88 33.99
C TRP B 171 0.56 58.20 33.81
N ALA B 172 0.68 58.96 34.89
CA ALA B 172 1.32 60.26 34.86
C ALA B 172 2.77 60.12 34.37
N GLY B 173 3.50 59.18 35.00
CA GLY B 173 4.87 58.93 34.65
C GLY B 173 5.06 58.36 33.25
N PHE B 174 4.17 57.43 32.88
CA PHE B 174 4.14 56.83 31.53
C PHE B 174 4.02 57.91 30.44
N VAL B 175 3.04 58.80 30.59
CA VAL B 175 2.79 59.81 29.55
C VAL B 175 3.91 60.84 29.47
N GLN B 176 4.44 61.26 30.63
CA GLN B 176 5.56 62.18 30.67
C GLN B 176 6.77 61.64 29.89
N ARG B 177 7.14 60.39 30.14
CA ARG B 177 8.28 59.75 29.44
C ARG B 177 7.93 59.51 27.97
N LEU B 178 6.69 59.12 27.67
CA LEU B 178 6.24 58.99 26.27
C LEU B 178 6.42 60.29 25.49
N LYS B 179 6.00 61.41 26.08
CA LYS B 179 6.17 62.70 25.43
C LYS B 179 7.64 63.03 25.19
N MET B 180 8.48 62.82 26.20
CA MET B 180 9.93 63.04 26.12
C MET B 180 10.58 62.16 25.05
N GLN B 181 10.05 60.95 24.88
CA GLN B 181 10.51 59.99 23.87
C GLN B 181 10.10 60.33 22.44
N THR B 182 8.96 61.01 22.27
CA THR B 182 8.36 61.21 20.94
C THR B 182 8.46 62.62 20.36
N THR B 183 8.93 63.57 21.15
CA THR B 183 8.90 64.99 20.76
C THR B 183 10.19 65.73 21.03
N ARG B 184 11.32 65.02 21.13
CA ARG B 184 12.63 65.70 21.38
C ARG B 184 13.21 66.20 20.06
N LYS B 185 13.77 67.42 20.06
CA LYS B 185 14.43 68.01 18.91
C LYS B 185 15.79 67.31 18.78
N CYS B 186 15.94 66.57 17.68
CA CYS B 186 17.14 65.82 17.42
C CYS B 186 18.03 66.54 16.44
N VAL B 187 19.27 66.05 16.34
CA VAL B 187 20.28 66.54 15.43
C VAL B 187 20.69 65.33 14.58
N GLN B 188 20.71 65.52 13.25
CA GLN B 188 21.06 64.47 12.33
C GLN B 188 22.54 64.25 12.42
N GLU B 189 22.97 62.98 12.54
CA GLU B 189 24.39 62.69 12.63
C GLU B 189 24.99 62.70 11.24
N LYS B 190 26.28 63.04 11.15
CA LYS B 190 27.08 62.83 9.94
C LYS B 190 27.65 61.43 10.02
N VAL B 191 27.06 60.50 9.26
CA VAL B 191 27.41 59.10 9.39
C VAL B 191 27.49 58.49 7.99
N SER B 192 28.36 57.49 7.85
CA SER B 192 28.62 56.81 6.60
C SER B 192 29.04 55.39 6.91
N ARG B 193 29.04 54.53 5.89
CA ARG B 193 29.49 53.12 6.01
C ARG B 193 30.94 53.09 6.51
N LYS B 194 31.79 53.95 5.95
CA LYS B 194 33.19 54.06 6.33
C LYS B 194 33.32 54.29 7.85
N LEU B 195 32.54 55.25 8.38
CA LEU B 195 32.59 55.59 9.79
C LEU B 195 32.08 54.45 10.69
N LEU B 196 30.99 53.78 10.26
CA LEU B 196 30.48 52.64 11.01
C LEU B 196 31.42 51.44 10.99
N LYS B 197 32.08 51.18 9.86
CA LYS B 197 33.11 50.13 9.74
C LYS B 197 34.20 50.35 10.82
N GLN B 198 34.56 51.62 11.04
CA GLN B 198 35.58 52.00 12.01
C GLN B 198 35.15 51.82 13.48
N LEU B 199 33.96 52.32 13.82
CA LEU B 199 33.43 52.28 15.18
C LEU B 199 32.77 50.95 15.57
N PHE B 200 32.17 50.28 14.57
CA PHE B 200 31.43 49.04 14.76
C PHE B 200 31.92 47.94 13.81
N PRO B 201 33.21 47.55 13.91
CA PRO B 201 33.74 46.46 13.09
C PRO B 201 33.07 45.12 13.43
N TYR B 202 32.96 44.24 12.44
CA TYR B 202 32.33 42.90 12.57
C TYR B 202 33.13 41.90 11.73
N ASP B 203 32.94 40.61 11.99
CA ASP B 203 33.49 39.54 11.15
C ASP B 203 32.47 39.13 10.09
N PRO B 204 32.70 39.47 8.80
CA PRO B 204 31.74 39.12 7.75
C PRO B 204 31.45 37.62 7.65
N GLN B 205 32.42 36.79 8.04
CA GLN B 205 32.31 35.34 7.92
C GLN B 205 31.37 34.74 8.92
N LYS B 206 31.04 35.49 9.99
CA LYS B 206 30.09 35.03 10.99
C LYS B 206 28.63 35.35 10.64
N LEU B 207 28.42 36.15 9.59
CA LEU B 207 27.07 36.53 9.18
C LEU B 207 26.32 35.34 8.61
N VAL B 208 25.05 35.21 8.99
CA VAL B 208 24.19 34.15 8.47
C VAL B 208 23.99 34.35 6.97
N ASP B 209 24.00 33.23 6.23
CA ASP B 209 23.73 33.28 4.80
C ASP B 209 22.25 33.57 4.56
N VAL B 210 21.93 34.85 4.43
CA VAL B 210 20.56 35.31 4.33
C VAL B 210 19.98 35.18 2.91
N SER B 211 20.76 34.60 2.00
CA SER B 211 20.29 34.20 0.68
C SER B 211 19.75 32.77 0.68
N GLY B 212 19.75 32.13 1.85
CA GLY B 212 19.07 30.87 2.01
C GLY B 212 17.58 31.10 1.94
N GLU B 213 16.84 29.98 1.96
CA GLU B 213 15.39 29.99 1.95
C GLU B 213 14.86 30.63 3.25
N LEU B 214 13.80 31.46 3.12
CA LEU B 214 13.30 32.31 4.19
C LEU B 214 12.78 31.57 5.41
N SER B 215 12.01 30.50 5.19
CA SER B 215 11.43 29.73 6.28
C SER B 215 12.51 29.23 7.25
N GLU B 216 13.55 28.61 6.67
CA GLU B 216 14.69 28.12 7.45
C GLU B 216 15.38 29.23 8.24
N LEU B 217 15.54 30.41 7.61
CA LEU B 217 16.18 31.56 8.28
C LEU B 217 15.37 32.04 9.46
N VAL B 218 14.04 32.14 9.27
CA VAL B 218 13.14 32.59 10.32
C VAL B 218 13.12 31.57 11.46
N LEU B 219 13.08 30.28 11.12
CA LEU B 219 13.09 29.22 12.13
C LEU B 219 14.34 29.24 13.01
N GLY B 220 15.42 29.84 12.49
CA GLY B 220 16.67 29.97 13.19
C GLY B 220 16.79 31.12 14.18
N ILE B 221 15.83 32.06 14.18
CA ILE B 221 15.92 33.19 15.10
C ILE B 221 15.48 32.74 16.48
N LYS B 222 16.08 33.34 17.51
CA LYS B 222 15.72 33.10 18.89
C LYS B 222 14.75 34.18 19.30
N THR B 223 13.81 33.83 20.19
CA THR B 223 12.91 34.81 20.77
C THR B 223 12.36 34.35 22.11
N ASN B 224 11.68 35.26 22.78
CA ASN B 224 11.02 35.00 24.04
C ASN B 224 9.64 34.39 23.79
N ALA B 225 9.51 33.12 24.11
CA ALA B 225 8.29 32.36 23.89
C ALA B 225 7.04 32.96 24.54
N ILE B 226 7.21 33.62 25.68
CA ILE B 226 6.06 34.20 26.40
C ILE B 226 5.86 35.71 26.22
N ALA B 227 6.73 36.36 25.44
CA ALA B 227 6.48 37.73 24.99
C ALA B 227 5.21 37.75 24.09
N SER B 228 4.46 38.86 24.16
CA SER B 228 3.34 39.07 23.27
C SER B 228 3.81 38.98 21.81
N ALA B 229 3.01 38.32 20.97
CA ALA B 229 3.25 38.30 19.54
C ALA B 229 2.78 39.58 18.84
N GLY B 230 2.18 40.47 19.64
CA GLY B 230 1.67 41.73 19.12
C GLY B 230 0.42 41.60 18.29
N PRO B 231 -0.10 42.73 17.71
CA PRO B 231 -1.22 42.63 16.78
C PRO B 231 -0.79 41.83 15.54
N PRO B 232 -1.69 41.07 14.87
CA PRO B 232 -3.05 40.84 15.36
C PRO B 232 -3.25 39.60 16.23
N TYR B 233 -2.20 38.91 16.62
CA TYR B 233 -2.28 37.63 17.35
C TYR B 233 -2.85 37.79 18.76
N TRP B 234 -2.42 38.81 19.50
CA TRP B 234 -2.90 39.08 20.88
C TRP B 234 -2.71 37.86 21.81
N ARG B 235 -1.63 37.12 21.64
CA ARG B 235 -1.25 36.02 22.58
C ARG B 235 0.26 35.82 22.51
N THR B 236 0.78 34.88 23.29
CA THR B 236 2.22 34.67 23.35
C THR B 236 2.76 34.25 21.99
N LYS B 237 4.05 34.49 21.77
CA LYS B 237 4.70 34.06 20.56
C LYS B 237 4.60 32.55 20.38
N ARG B 238 4.69 31.81 21.49
CA ARG B 238 4.56 30.33 21.51
C ARG B 238 3.20 29.94 20.93
N ASP B 239 2.12 30.58 21.39
CA ASP B 239 0.77 30.25 20.97
C ASP B 239 0.50 30.72 19.54
N ALA B 240 1.05 31.87 19.18
CA ALA B 240 0.84 32.49 17.86
C ALA B 240 1.72 31.93 16.74
N LEU B 241 2.72 31.11 17.09
CA LEU B 241 3.75 30.73 16.14
C LEU B 241 3.20 30.13 14.84
N PRO B 242 2.27 29.14 14.89
CA PRO B 242 1.72 28.57 13.66
C PRO B 242 0.96 29.59 12.80
N ASP B 243 0.10 30.40 13.41
CA ASP B 243 -0.62 31.47 12.70
C ASP B 243 0.38 32.39 11.99
N MET B 244 1.49 32.71 12.67
CA MET B 244 2.52 33.57 12.10
C MET B 244 3.20 32.95 10.89
N LEU B 245 3.76 31.75 11.09
CA LEU B 245 4.57 31.08 10.07
C LEU B 245 3.79 30.58 8.87
N ASP B 246 2.59 30.04 9.13
CA ASP B 246 1.84 29.29 8.13
C ASP B 246 0.87 30.16 7.33
N CYS B 247 0.45 31.28 7.92
CA CYS B 247 -0.60 32.13 7.40
C CYS B 247 -0.10 33.55 7.06
N VAL B 248 0.30 34.31 8.10
CA VAL B 248 0.63 35.71 7.92
C VAL B 248 1.95 35.98 7.19
N LEU B 249 3.00 35.22 7.53
CA LEU B 249 4.32 35.42 6.93
C LEU B 249 4.35 35.18 5.42
N PRO B 250 3.74 34.09 4.88
CA PRO B 250 3.64 33.93 3.43
C PRO B 250 2.88 35.10 2.77
N LEU B 251 1.76 35.52 3.38
CA LEU B 251 0.99 36.66 2.89
C LEU B 251 1.89 37.90 2.81
N LEU B 252 2.67 38.16 3.88
CA LEU B 252 3.60 39.28 3.92
C LEU B 252 4.66 39.16 2.82
N TYR B 253 5.29 37.98 2.73
CA TYR B 253 6.31 37.67 1.69
C TYR B 253 5.74 37.94 0.29
N ASP B 254 4.55 37.42 -0.03
CA ASP B 254 3.94 37.60 -1.35
C ASP B 254 3.83 39.08 -1.70
N HIS B 255 3.38 39.89 -0.73
CA HIS B 255 3.18 41.31 -0.93
C HIS B 255 4.50 42.09 -0.98
N ILE B 256 5.53 41.62 -0.26
CA ILE B 256 6.86 42.22 -0.32
C ILE B 256 7.44 42.07 -1.72
N VAL B 257 7.44 40.83 -2.21
CA VAL B 257 8.09 40.49 -3.48
C VAL B 257 7.36 41.04 -4.70
N ARG B 258 6.07 41.39 -4.55
CA ARG B 258 5.24 42.01 -5.61
C ARG B 258 5.12 43.53 -5.39
N LYS B 259 5.90 44.11 -4.46
CA LYS B 259 5.90 45.56 -4.22
C LYS B 259 4.49 46.05 -3.91
N ASP B 260 3.74 45.26 -3.16
CA ASP B 260 2.32 45.47 -2.96
C ASP B 260 1.95 45.70 -1.50
N LEU B 261 2.89 46.19 -0.69
CA LEU B 261 2.67 46.31 0.75
C LEU B 261 1.53 47.27 1.13
N THR B 262 1.34 48.33 0.33
CA THR B 262 0.31 49.34 0.64
C THR B 262 -1.11 48.78 0.46
N THR B 263 -1.29 47.87 -0.51
CA THR B 263 -2.56 47.13 -0.63
C THR B 263 -2.82 46.34 0.65
N LEU B 264 -1.80 45.61 1.11
CA LEU B 264 -1.89 44.80 2.31
C LEU B 264 -2.18 45.64 3.55
N ARG B 265 -1.43 46.73 3.72
CA ARG B 265 -1.63 47.73 4.82
C ARG B 265 -3.08 48.23 4.83
N ASN B 266 -3.63 48.59 3.67
CA ASN B 266 -4.99 49.12 3.57
C ASN B 266 -6.05 48.11 3.86
N LYS B 267 -5.85 46.87 3.42
CA LYS B 267 -6.82 45.82 3.60
C LYS B 267 -6.77 45.24 5.01
N HIS B 268 -5.56 45.15 5.59
CA HIS B 268 -5.36 44.58 6.92
C HIS B 268 -4.44 45.44 7.79
N PRO B 269 -4.91 46.62 8.26
CA PRO B 269 -4.08 47.58 8.98
C PRO B 269 -3.46 47.02 10.27
N GLU B 270 -4.16 46.10 10.94
CA GLU B 270 -3.68 45.51 12.18
C GLU B 270 -2.36 44.75 11.99
N LEU B 271 -2.06 44.32 10.75
CA LEU B 271 -0.81 43.64 10.45
C LEU B 271 0.43 44.55 10.59
N PHE B 272 0.21 45.88 10.64
CA PHE B 272 1.31 46.85 10.76
C PHE B 272 1.16 47.79 11.98
N LEU B 273 0.45 47.32 12.99
CA LEU B 273 0.13 48.07 14.18
C LEU B 273 1.00 47.57 15.34
N ALA B 274 1.48 48.52 16.15
CA ALA B 274 2.20 48.24 17.37
C ALA B 274 1.32 48.58 18.59
N GLU B 275 1.74 48.10 19.77
CA GLU B 275 1.16 48.47 21.05
C GLU B 275 2.21 49.18 21.88
N CYS B 276 1.87 50.38 22.37
CA CYS B 276 2.70 51.12 23.30
C CYS B 276 2.36 50.69 24.73
N LYS B 277 3.36 50.17 25.46
CA LYS B 277 3.18 49.59 26.78
C LYS B 277 4.06 50.25 27.86
N ASN B 278 3.57 50.20 29.10
CA ASN B 278 4.33 50.62 30.27
C ASN B 278 5.19 49.47 30.76
N LYS B 279 6.48 49.73 30.98
CA LYS B 279 7.40 48.74 31.48
C LYS B 279 7.31 48.57 32.99
N THR B 280 7.02 47.35 33.43
CA THR B 280 7.15 46.98 34.82
C THR B 280 8.63 46.91 35.10
N ASP B 281 9.07 47.60 36.16
CA ASP B 281 10.48 47.79 36.42
C ASP B 281 10.73 48.20 37.88
N ARG B 282 12.01 48.21 38.29
CA ARG B 282 12.46 48.79 39.58
C ARG B 282 12.46 50.32 39.46
N TYR B 283 11.52 50.99 40.12
CA TYR B 283 11.35 52.46 40.08
C TYR B 283 11.61 53.07 41.46
N GLU B 284 12.22 54.25 41.50
CA GLU B 284 12.34 55.03 42.73
C GLU B 284 10.94 55.45 43.14
N VAL B 285 10.54 55.09 44.36
CA VAL B 285 9.24 55.44 44.89
C VAL B 285 9.02 56.97 44.83
N GLU B 286 10.06 57.75 45.11
CA GLU B 286 10.01 59.22 45.06
C GLU B 286 9.50 59.75 43.71
N SER B 287 9.92 59.12 42.61
CA SER B 287 9.70 59.64 41.27
C SER B 287 8.69 58.84 40.42
N LEU B 288 7.77 58.12 41.11
CA LEU B 288 6.82 57.24 40.45
C LEU B 288 5.93 57.95 39.44
N GLY B 289 5.45 59.13 39.83
CA GLY B 289 4.56 59.94 39.02
C GLY B 289 5.24 60.70 37.91
N GLU B 290 6.59 60.70 37.89
CA GLU B 290 7.37 61.40 36.85
C GLU B 290 8.03 60.47 35.82
N LYS B 291 8.09 59.17 36.12
CA LYS B 291 8.90 58.26 35.34
C LYS B 291 8.36 56.85 35.32
N THR B 292 7.88 56.42 34.14
CA THR B 292 7.54 55.04 33.82
C THR B 292 7.94 54.85 32.35
N ARG B 293 8.75 53.83 32.07
CA ARG B 293 9.36 53.65 30.73
C ARG B 293 8.33 53.10 29.75
N PRO B 294 8.14 53.75 28.58
CA PRO B 294 7.29 53.22 27.51
C PRO B 294 8.11 52.42 26.50
N TYR B 295 7.56 51.35 25.97
CA TYR B 295 8.16 50.56 24.86
C TYR B 295 7.05 50.14 23.91
N PHE B 296 7.43 49.63 22.74
CA PHE B 296 6.49 49.28 21.69
C PHE B 296 6.65 47.81 21.37
N SER B 297 5.51 47.11 21.37
CA SER B 297 5.40 45.71 21.01
C SER B 297 4.87 45.64 19.57
N HIS B 298 5.67 45.07 18.67
CA HIS B 298 5.34 45.00 17.25
C HIS B 298 4.80 43.63 16.84
N PRO B 299 4.15 43.53 15.65
CA PRO B 299 3.70 42.25 15.12
C PRO B 299 4.83 41.23 14.97
N PHE B 300 4.58 40.00 15.39
CA PHE B 300 5.53 38.87 15.31
C PHE B 300 6.13 38.70 13.92
N HIS B 301 5.27 38.73 12.89
CA HIS B 301 5.73 38.53 11.52
C HIS B 301 6.78 39.55 11.07
N LEU B 302 6.61 40.82 11.47
CA LEU B 302 7.60 41.86 11.14
C LEU B 302 8.89 41.76 11.96
N SER B 303 8.76 41.55 13.28
CA SER B 303 9.94 41.44 14.16
C SER B 303 10.80 40.20 13.82
N ALA B 304 10.13 39.09 13.50
CA ALA B 304 10.82 37.82 13.19
C ALA B 304 11.66 37.99 11.93
N LEU B 305 11.09 38.71 10.97
CA LEU B 305 11.74 39.00 9.69
C LEU B 305 13.01 39.84 9.85
N VAL B 306 12.88 40.94 10.59
CA VAL B 306 14.01 41.84 10.90
C VAL B 306 15.06 41.17 11.80
N SER B 307 14.62 40.34 12.75
CA SER B 307 15.54 39.58 13.62
C SER B 307 16.55 38.71 12.86
N VAL B 308 16.17 38.24 11.65
CA VAL B 308 17.09 37.45 10.86
C VAL B 308 18.38 38.23 10.63
N LEU B 309 18.21 39.51 10.26
CA LEU B 309 19.34 40.41 10.00
C LEU B 309 20.02 40.82 11.30
N SER B 310 19.22 41.25 12.27
CA SER B 310 19.71 41.81 13.51
C SER B 310 20.50 40.80 14.36
N GLN B 311 19.93 39.61 14.59
CA GLN B 311 20.62 38.53 15.32
C GLN B 311 21.87 38.04 14.61
N SER B 312 21.79 37.91 13.28
CA SER B 312 22.97 37.57 12.51
C SER B 312 24.09 38.61 12.72
N PHE B 313 23.73 39.89 12.63
CA PHE B 313 24.68 40.97 12.82
C PHE B 313 25.30 40.99 14.22
N SER B 314 24.46 40.79 15.25
CA SER B 314 24.92 40.73 16.64
C SER B 314 25.97 39.64 16.82
N GLY B 315 25.79 38.51 16.14
CA GLY B 315 26.70 37.41 16.22
C GLY B 315 28.06 37.69 15.60
N ALA B 316 28.12 38.65 14.68
CA ALA B 316 29.34 38.99 13.96
C ALA B 316 30.11 40.17 14.57
N LEU B 317 29.42 40.99 15.37
CA LEU B 317 29.96 42.24 15.92
C LEU B 317 31.11 42.01 16.84
N LYS B 318 32.18 42.77 16.68
CA LYS B 318 33.30 42.75 17.59
C LYS B 318 33.00 43.70 18.75
N ILE B 319 33.74 43.56 19.85
CA ILE B 319 33.67 44.49 20.99
C ILE B 319 34.99 45.22 21.16
N MET B 320 35.00 46.28 21.98
CA MET B 320 36.17 47.14 22.13
C MET B 320 37.45 46.43 22.58
N THR B 321 37.31 45.36 23.36
CA THR B 321 38.46 44.60 23.86
C THR B 321 39.10 43.71 22.80
N GLU B 322 38.43 43.51 21.66
CA GLU B 322 38.94 42.70 20.55
C GLU B 322 39.52 43.52 19.39
N ASP B 323 39.17 44.80 19.34
CA ASP B 323 39.55 45.68 18.24
C ASP B 323 39.66 47.11 18.75
N SER B 324 40.86 47.67 18.64
CA SER B 324 41.20 48.95 19.26
C SER B 324 40.45 50.15 18.70
N THR B 325 39.83 50.01 17.52
CA THR B 325 39.05 51.09 16.91
C THR B 325 37.59 51.06 17.35
N SER B 326 37.11 49.90 17.82
CA SER B 326 35.70 49.73 18.14
C SER B 326 35.28 50.51 19.38
N PHE B 327 34.12 51.19 19.30
CA PHE B 327 33.50 51.88 20.43
C PHE B 327 32.41 51.00 21.06
N ASN B 328 32.36 49.72 20.68
CA ASN B 328 31.24 48.84 20.99
C ASN B 328 31.44 47.93 22.22
N ALA B 329 30.53 48.03 23.18
CA ALA B 329 30.50 47.16 24.35
C ALA B 329 29.33 46.20 24.38
N TYR B 330 28.42 46.34 23.41
CA TYR B 330 27.30 45.41 23.13
C TYR B 330 27.90 44.04 22.78
N GLY B 331 27.90 43.10 23.73
CA GLY B 331 28.60 41.84 23.62
C GLY B 331 29.64 41.57 24.70
N PHE B 332 30.04 42.59 25.46
CA PHE B 332 31.04 42.46 26.52
C PHE B 332 30.57 41.56 27.65
N SER B 333 31.47 40.72 28.18
CA SER B 333 31.24 39.87 29.38
C SER B 333 32.26 40.21 30.44
N TRP B 334 31.83 40.34 31.69
CA TRP B 334 32.75 40.53 32.81
C TRP B 334 33.55 39.26 33.14
N THR B 335 32.96 38.09 32.83
CA THR B 335 33.53 36.81 33.21
C THR B 335 34.67 36.41 32.30
N ASN B 336 35.40 35.37 32.72
CA ASN B 336 36.47 34.79 31.93
C ASN B 336 37.50 35.83 31.47
N GLY B 337 37.90 36.71 32.40
CA GLY B 337 38.95 37.68 32.18
C GLY B 337 38.46 39.02 31.65
N GLY B 338 37.17 39.10 31.32
CA GLY B 338 36.56 40.29 30.77
C GLY B 338 36.80 41.53 31.63
N ALA B 339 36.64 41.39 32.94
CA ALA B 339 36.83 42.51 33.85
C ALA B 339 38.26 43.06 33.76
N GLU B 340 39.25 42.17 33.67
CA GLU B 340 40.64 42.56 33.47
C GLU B 340 40.91 43.11 32.07
N ASP B 341 40.25 42.54 31.05
CA ASP B 341 40.35 43.03 29.68
C ASP B 341 39.93 44.51 29.56
N LEU B 342 38.89 44.89 30.30
CA LEU B 342 38.44 46.28 30.34
C LEU B 342 39.56 47.18 30.82
N ALA B 343 40.22 46.78 31.91
CA ALA B 343 41.28 47.56 32.51
C ALA B 343 42.48 47.68 31.57
N ILE B 344 42.85 46.55 30.93
CA ILE B 344 43.97 46.50 30.01
C ILE B 344 43.70 47.44 28.83
N TRP B 345 42.51 47.31 28.25
CA TRP B 345 42.05 48.18 27.19
C TRP B 345 42.08 49.66 27.61
N ALA B 346 41.58 49.96 28.82
CA ALA B 346 41.50 51.34 29.31
C ALA B 346 42.86 52.01 29.42
N ARG B 347 43.87 51.25 29.86
CA ARG B 347 45.21 51.79 30.21
C ARG B 347 45.92 52.31 28.96
N GLN B 348 45.63 51.74 27.80
CA GLN B 348 46.24 52.18 26.56
C GLN B 348 45.65 53.50 26.00
N ALA B 349 44.70 54.10 26.74
CA ALA B 349 44.21 55.45 26.43
C ALA B 349 45.35 56.45 26.52
N GLY B 350 45.31 57.43 25.62
CA GLY B 350 46.35 58.42 25.48
C GLY B 350 46.01 59.79 26.03
N GLU B 351 47.01 60.67 25.97
CA GLU B 351 46.92 62.06 26.43
C GLU B 351 45.85 62.77 25.61
N ALA B 352 44.89 63.38 26.30
CA ALA B 352 43.79 64.09 25.67
C ALA B 352 44.32 65.24 24.83
N GLY B 353 43.85 65.31 23.57
CA GLY B 353 44.28 66.30 22.62
C GLY B 353 45.55 65.98 21.85
N LYS B 354 46.14 64.81 22.12
CA LYS B 354 47.33 64.30 21.44
C LYS B 354 47.13 62.89 20.86
N LYS B 355 46.59 61.98 21.66
CA LYS B 355 46.43 60.56 21.29
C LYS B 355 45.00 60.10 21.58
N PRO B 356 44.53 59.00 20.94
CA PRO B 356 43.15 58.54 21.09
C PRO B 356 42.76 58.19 22.52
N PRO B 357 41.55 58.58 22.98
CA PRO B 357 41.01 58.06 24.23
C PRO B 357 40.55 56.61 24.04
N ARG B 358 40.03 56.01 25.11
CA ARG B 358 39.34 54.70 25.08
C ARG B 358 37.90 54.93 25.49
N ILE B 359 36.98 54.74 24.55
CA ILE B 359 35.57 54.98 24.72
C ILE B 359 34.82 53.74 24.28
N ALA B 360 33.89 53.28 25.10
CA ALA B 360 33.08 52.11 24.80
C ALA B 360 31.66 52.31 25.28
N CYS B 361 30.70 51.96 24.41
CA CYS B 361 29.28 52.24 24.58
C CYS B 361 28.45 50.98 24.56
N TYR B 362 27.46 50.92 25.45
CA TYR B 362 26.37 49.92 25.49
C TYR B 362 25.08 50.70 25.74
N GLY B 363 24.24 50.84 24.72
CA GLY B 363 23.10 51.74 24.80
C GLY B 363 23.52 53.13 25.23
N ASP B 364 22.89 53.64 26.30
CA ASP B 364 23.15 55.00 26.77
C ASP B 364 24.30 55.08 27.79
N ASP B 365 24.98 53.95 28.00
CA ASP B 365 25.95 53.76 29.08
C ASP B 365 27.33 53.68 28.42
N THR B 366 28.23 54.55 28.88
CA THR B 366 29.53 54.73 28.24
C THR B 366 30.66 54.80 29.28
N ASP B 367 31.79 54.15 28.99
CA ASP B 367 33.03 54.25 29.76
C ASP B 367 34.07 55.00 28.92
N ILE B 368 34.64 56.07 29.50
CA ILE B 368 35.60 56.96 28.84
C ILE B 368 36.88 57.09 29.65
N TYR B 369 38.01 56.85 28.98
CA TYR B 369 39.38 56.96 29.56
C TYR B 369 40.20 57.92 28.69
N TYR B 370 40.92 58.82 29.36
CA TYR B 370 41.88 59.78 28.75
C TYR B 370 42.96 60.08 29.80
N ARG B 371 44.07 60.69 29.38
CA ARG B 371 45.17 61.09 30.28
C ARG B 371 45.34 62.62 30.25
N LYS B 372 45.54 63.21 31.44
CA LYS B 372 45.92 64.60 31.61
C LYS B 372 47.27 64.54 32.32
N ASP B 373 48.32 65.05 31.65
CA ASP B 373 49.69 65.02 32.15
C ASP B 373 50.11 63.59 32.49
N GLY B 374 49.74 62.66 31.60
CA GLY B 374 50.08 61.25 31.73
C GLY B 374 49.25 60.42 32.70
N LYS B 375 48.35 61.05 33.46
CA LYS B 375 47.57 60.38 34.50
C LYS B 375 46.23 59.98 33.92
N LEU B 376 45.79 58.75 34.21
CA LEU B 376 44.57 58.18 33.66
C LEU B 376 43.33 58.65 34.42
N TYR B 377 42.38 59.23 33.68
CA TYR B 377 41.05 59.68 34.19
C TYR B 377 39.95 58.82 33.56
N ARG B 378 38.81 58.72 34.25
CA ARG B 378 37.62 57.93 33.82
C ARG B 378 36.36 58.78 34.00
N ILE B 379 35.47 58.74 33.01
CA ILE B 379 34.15 59.32 33.09
C ILE B 379 33.17 58.19 32.73
N CYS B 380 32.02 58.16 33.42
CA CYS B 380 30.99 57.15 33.17
C CYS B 380 29.65 57.83 32.98
N PRO B 381 29.49 58.64 31.92
CA PRO B 381 28.26 59.40 31.71
C PRO B 381 27.09 58.57 31.17
N ASP B 382 25.86 59.01 31.44
CA ASP B 382 24.64 58.42 30.90
C ASP B 382 23.78 59.47 30.26
N PHE B 383 22.97 59.05 29.30
CA PHE B 383 22.02 59.94 28.63
C PHE B 383 20.62 59.70 29.18
N LYS B 384 19.85 60.79 29.32
CA LYS B 384 18.45 60.79 29.75
C LYS B 384 17.50 60.52 28.56
N GLN B 385 16.52 59.63 28.78
CA GLN B 385 15.55 59.14 27.78
C GLN B 385 16.15 59.21 26.38
N MET B 386 17.17 58.38 26.20
CA MET B 386 18.02 58.45 25.04
C MET B 386 17.33 58.13 23.72
N ASP B 387 16.42 57.18 23.72
CA ASP B 387 15.71 56.78 22.53
C ASP B 387 15.05 57.97 21.81
N GLY B 388 14.56 58.93 22.59
CA GLY B 388 14.00 60.18 22.08
C GLY B 388 14.96 61.04 21.29
N SER B 389 16.25 60.89 21.57
CA SER B 389 17.33 61.64 20.92
C SER B 389 17.94 60.95 19.71
N VAL B 390 17.53 59.71 19.42
CA VAL B 390 18.09 58.98 18.29
C VAL B 390 17.44 59.48 16.99
N ASP B 391 18.24 60.15 16.16
CA ASP B 391 17.77 60.79 14.93
C ASP B 391 17.51 59.77 13.83
N ALA B 392 16.58 60.10 12.94
CA ALA B 392 16.24 59.28 11.79
C ALA B 392 17.43 58.96 10.86
N THR B 393 18.40 59.86 10.74
CA THR B 393 19.57 59.61 9.88
C THR B 393 20.38 58.44 10.45
N THR B 394 20.65 58.48 11.77
CA THR B 394 21.34 57.40 12.46
C THR B 394 20.61 56.06 12.28
N ILE B 395 19.29 56.07 12.45
CA ILE B 395 18.48 54.86 12.31
C ILE B 395 18.61 54.30 10.90
N GLU B 396 18.46 55.18 9.90
CA GLU B 396 18.57 54.78 8.49
C GLU B 396 19.99 54.27 8.14
N ALA B 397 21.01 54.90 8.71
CA ALA B 397 22.40 54.49 8.48
C ALA B 397 22.71 53.10 9.08
N VAL B 398 22.20 52.87 10.28
CA VAL B 398 22.38 51.58 10.96
C VAL B 398 21.69 50.46 10.19
N VAL B 399 20.44 50.71 9.74
CA VAL B 399 19.72 49.73 8.93
C VAL B 399 20.49 49.42 7.66
N ASP B 400 20.94 50.48 6.97
CA ASP B 400 21.74 50.36 5.75
C ASP B 400 23.00 49.54 5.99
N TYR B 401 23.70 49.81 7.10
CA TYR B 401 25.00 49.16 7.46
C TYR B 401 24.77 47.67 7.66
N VAL B 402 23.72 47.31 8.39
CA VAL B 402 23.37 45.93 8.64
C VAL B 402 22.93 45.23 7.34
N VAL B 403 22.01 45.83 6.59
CA VAL B 403 21.57 45.24 5.34
C VAL B 403 22.76 45.07 4.38
N ASP B 404 23.55 46.12 4.23
CA ASP B 404 24.67 46.13 3.30
C ASP B 404 25.72 45.09 3.68
N ALA B 405 25.99 44.95 4.98
CA ALA B 405 26.92 43.96 5.47
C ALA B 405 26.53 42.55 4.96
N HIS B 406 25.22 42.27 4.94
CA HIS B 406 24.71 40.98 4.49
C HIS B 406 24.79 40.81 2.98
N VAL B 407 24.36 41.83 2.23
CA VAL B 407 24.32 41.74 0.79
C VAL B 407 25.71 41.79 0.12
N LYS B 408 26.70 42.35 0.81
CA LYS B 408 28.09 42.30 0.36
C LYS B 408 28.63 40.88 0.43
N GLN B 409 28.16 40.14 1.43
CA GLN B 409 28.58 38.76 1.66
C GLN B 409 27.76 37.76 0.85
N TYR B 410 26.47 38.07 0.64
CA TYR B 410 25.47 37.19 -0.02
C TYR B 410 24.65 38.01 -1.02
N PRO B 411 25.27 38.45 -2.14
CA PRO B 411 24.66 39.44 -3.03
C PRO B 411 23.37 39.00 -3.76
N THR B 412 23.10 37.70 -3.83
CA THR B 412 21.95 37.19 -4.58
C THR B 412 20.61 37.60 -3.95
N ALA B 413 20.65 38.05 -2.69
CA ALA B 413 19.42 38.40 -1.95
C ALA B 413 19.27 39.88 -1.60
N ARG B 414 19.95 40.76 -2.34
CA ARG B 414 20.00 42.22 -2.09
C ARG B 414 18.57 42.79 -2.02
N GLN B 415 17.76 42.59 -3.05
CA GLN B 415 16.50 43.30 -3.18
C GLN B 415 15.53 42.99 -2.05
N PHE B 416 15.34 41.69 -1.76
CA PHE B 416 14.43 41.28 -0.69
C PHE B 416 14.81 41.96 0.63
N TRP B 417 16.08 41.86 1.03
CA TRP B 417 16.53 42.40 2.32
C TRP B 417 16.54 43.93 2.38
N GLU B 418 16.67 44.60 1.24
CA GLU B 418 16.47 46.05 1.18
C GLU B 418 15.02 46.43 1.44
N GLU B 419 14.09 45.59 1.00
CA GLU B 419 12.66 45.81 1.28
C GLU B 419 12.39 45.63 2.77
N VAL B 420 13.02 44.63 3.37
CA VAL B 420 12.92 44.40 4.81
C VAL B 420 13.53 45.58 5.57
N GLY B 421 14.64 46.12 5.04
CA GLY B 421 15.28 47.32 5.56
C GLY B 421 14.30 48.49 5.68
N LYS B 422 13.43 48.66 4.68
CA LYS B 422 12.45 49.74 4.70
C LYS B 422 11.41 49.54 5.79
N LEU B 423 10.91 48.30 5.91
CA LEU B 423 10.00 47.94 7.01
C LEU B 423 10.65 48.19 8.35
N TRP B 424 11.91 47.79 8.48
CA TRP B 424 12.67 47.98 9.70
C TRP B 424 12.63 49.46 10.11
N VAL B 425 13.05 50.35 9.20
CA VAL B 425 13.06 51.81 9.50
C VAL B 425 11.65 52.25 9.94
N GLU B 426 10.62 51.87 9.17
CA GLU B 426 9.23 52.28 9.47
C GLU B 426 8.85 51.88 10.90
N MET B 427 9.14 50.64 11.29
CA MET B 427 8.80 50.15 12.66
C MET B 427 9.54 50.97 13.71
N ALA B 428 10.81 51.33 13.46
CA ALA B 428 11.64 52.04 14.47
C ALA B 428 11.34 53.53 14.56
N THR B 429 10.52 54.09 13.64
CA THR B 429 10.35 55.56 13.63
C THR B 429 8.91 56.02 13.37
N GLN B 430 8.08 55.20 12.73
CA GLN B 430 6.78 55.67 12.27
C GLN B 430 5.60 54.72 12.41
N SER B 431 5.79 53.62 13.15
CA SER B 431 4.76 52.62 13.24
C SER B 431 3.54 53.25 13.92
N PRO B 432 2.31 53.06 13.40
CA PRO B 432 1.12 53.43 14.16
C PRO B 432 1.02 52.53 15.40
N PHE B 433 0.37 53.02 16.47
CA PHE B 433 0.27 52.25 17.69
C PHE B 433 -0.91 52.60 18.54
N LEU B 434 -1.38 51.61 19.32
CA LEU B 434 -2.37 51.80 20.36
C LEU B 434 -1.65 52.11 21.68
N ILE B 435 -2.38 52.74 22.61
CA ILE B 435 -1.93 53.01 23.96
C ILE B 435 -2.96 52.46 24.95
N ASP B 436 -4.17 53.01 24.89
CA ASP B 436 -5.27 52.62 25.74
C ASP B 436 -6.55 52.96 24.99
N GLY B 437 -7.44 51.98 24.83
CA GLY B 437 -8.65 52.12 24.04
C GLY B 437 -8.40 51.83 22.58
N THR B 438 -9.23 52.40 21.72
CA THR B 438 -9.24 52.13 20.28
C THR B 438 -8.48 53.14 19.42
N LYS B 439 -8.10 54.28 20.00
CA LYS B 439 -7.41 55.33 19.29
C LYS B 439 -6.02 54.90 18.88
N VAL B 440 -5.70 55.11 17.60
CA VAL B 440 -4.41 54.77 17.03
C VAL B 440 -3.65 56.05 16.87
N TYR B 441 -2.40 56.04 17.31
CA TYR B 441 -1.50 57.21 17.31
C TYR B 441 -0.31 56.94 16.40
N ARG B 442 0.41 58.01 16.06
CA ARG B 442 1.74 57.92 15.45
C ARG B 442 2.58 59.12 15.91
N LYS B 443 3.88 58.90 16.04
CA LYS B 443 4.85 59.92 16.33
C LYS B 443 4.85 60.93 15.17
N MET B 444 4.69 62.21 15.51
CA MET B 444 4.60 63.25 14.48
C MET B 444 5.89 63.39 13.66
N GLN B 445 7.05 63.31 14.31
CA GLN B 445 8.33 63.43 13.64
C GLN B 445 8.90 62.02 13.39
N LYS B 446 9.77 61.92 12.39
CA LYS B 446 10.48 60.67 12.10
C LYS B 446 11.57 60.39 13.14
N ASP B 447 12.23 61.46 13.60
CA ASP B 447 13.25 61.37 14.63
C ASP B 447 12.69 60.75 15.89
N GLY B 448 13.55 60.02 16.62
CA GLY B 448 13.17 59.36 17.86
C GLY B 448 12.92 57.87 17.62
N LEU B 449 13.61 57.03 18.41
CA LEU B 449 13.56 55.59 18.28
C LEU B 449 12.35 55.07 19.05
N MET B 450 11.56 54.22 18.39
CA MET B 450 10.44 53.52 19.00
C MET B 450 10.94 52.24 19.68
N THR B 451 11.47 52.45 20.89
CA THR B 451 12.04 51.43 21.75
C THR B 451 11.16 50.20 21.78
N GLY B 452 11.76 49.04 21.47
CA GLY B 452 11.05 47.78 21.37
C GLY B 452 11.12 47.15 20.00
N VAL B 453 11.36 47.99 18.98
CA VAL B 453 11.71 47.50 17.65
C VAL B 453 12.96 46.62 17.76
N VAL B 454 13.03 45.59 16.91
CA VAL B 454 14.24 44.82 16.77
C VAL B 454 15.38 45.79 16.46
N GLY B 455 16.53 45.59 17.12
CA GLY B 455 17.69 46.43 16.94
C GLY B 455 17.80 47.61 17.88
N THR B 456 16.84 47.74 18.80
CA THR B 456 16.74 48.89 19.70
C THR B 456 18.09 49.25 20.34
N THR B 457 18.72 48.26 20.97
CA THR B 457 19.97 48.47 21.68
C THR B 457 21.12 48.91 20.75
N LEU B 458 21.17 48.33 19.55
CA LEU B 458 22.20 48.67 18.58
C LEU B 458 22.07 50.14 18.15
N PHE B 459 20.83 50.56 17.85
CA PHE B 459 20.53 51.94 17.47
C PHE B 459 21.02 52.94 18.53
N ASP B 460 20.71 52.65 19.80
CA ASP B 460 21.11 53.51 20.90
C ASP B 460 22.63 53.57 21.02
N THR B 461 23.25 52.39 20.91
CA THR B 461 24.69 52.24 21.02
C THR B 461 25.41 53.08 19.94
N VAL B 462 24.90 53.03 18.70
CA VAL B 462 25.51 53.71 17.58
C VAL B 462 25.40 55.24 17.70
N LYS B 463 24.19 55.72 18.05
CA LYS B 463 23.97 57.15 18.26
C LYS B 463 24.94 57.66 19.32
N SER B 464 24.99 56.95 20.43
CA SER B 464 25.88 57.27 21.53
C SER B 464 27.34 57.32 21.04
N ALA B 465 27.77 56.30 20.29
CA ALA B 465 29.16 56.20 19.80
C ALA B 465 29.54 57.30 18.78
N LEU B 466 28.60 57.66 17.90
CA LEU B 466 28.80 58.78 16.98
C LEU B 466 29.05 60.07 17.72
N ALA B 467 28.28 60.31 18.78
CA ALA B 467 28.41 61.53 19.57
C ALA B 467 29.79 61.57 20.22
N TYR B 468 30.19 60.45 20.85
CA TYR B 468 31.49 60.36 21.59
C TYR B 468 32.65 60.37 20.58
N ASN B 469 32.45 59.83 19.38
CA ASN B 469 33.46 59.90 18.34
C ASN B 469 33.74 61.34 17.89
N ASP B 470 32.67 62.12 17.79
CA ASP B 470 32.75 63.53 17.49
C ASP B 470 33.43 64.29 18.64
N TRP B 471 32.97 64.01 19.87
CA TRP B 471 33.57 64.54 21.08
C TRP B 471 35.09 64.37 21.03
N ALA B 472 35.55 63.14 20.72
CA ALA B 472 36.98 62.84 20.67
C ALA B 472 37.71 63.62 19.56
N ASP B 473 37.05 63.78 18.41
CA ASP B 473 37.59 64.57 17.31
C ASP B 473 37.82 66.01 17.73
N GLN B 474 36.86 66.59 18.46
CA GLN B 474 36.95 67.95 18.93
C GLN B 474 38.11 68.12 19.92
N LEU B 475 38.40 67.09 20.73
CA LEU B 475 39.56 67.13 21.62
C LEU B 475 40.83 67.30 20.80
N MET B 476 40.93 66.58 19.67
CA MET B 476 42.12 66.64 18.81
C MET B 476 42.26 68.00 18.16
N PHE B 477 41.13 68.63 17.80
CA PHE B 477 41.13 69.98 17.24
C PHE B 477 41.46 71.08 18.26
N GLY B 478 41.67 70.69 19.52
CA GLY B 478 42.14 71.58 20.57
C GLY B 478 41.15 71.95 21.68
N SER B 479 39.88 71.56 21.53
CA SER B 479 38.83 71.91 22.49
C SER B 479 38.87 71.04 23.74
N LEU B 480 39.96 71.14 24.51
CA LEU B 480 40.16 70.39 25.75
C LEU B 480 39.20 70.71 26.90
N ASN B 481 38.43 71.79 26.80
CA ASN B 481 37.44 72.12 27.81
C ASN B 481 36.20 71.22 27.74
N LEU B 482 36.08 70.46 26.64
CA LEU B 482 35.05 69.42 26.50
C LEU B 482 35.22 68.26 27.50
N LEU B 483 36.38 68.23 28.19
CA LEU B 483 36.60 67.33 29.32
C LEU B 483 35.83 67.76 30.55
N GLU B 484 35.38 69.03 30.57
CA GLU B 484 34.70 69.61 31.73
C GLU B 484 33.19 69.53 31.58
N GLU B 485 32.55 69.10 32.68
CA GLU B 485 31.10 68.96 32.81
C GLU B 485 30.30 70.02 32.05
N LYS B 486 30.59 71.30 32.31
CA LYS B 486 29.79 72.41 31.81
C LYS B 486 29.70 72.40 30.29
N TYR B 487 30.86 72.24 29.64
CA TYR B 487 31.03 72.32 28.16
C TYR B 487 30.66 70.99 27.53
N ALA B 488 30.90 69.87 28.22
CA ALA B 488 30.49 68.55 27.76
C ALA B 488 28.97 68.49 27.61
N ILE B 489 28.25 68.93 28.64
CA ILE B 489 26.78 68.91 28.63
C ILE B 489 26.23 69.79 27.51
N GLU B 490 26.81 70.99 27.39
CA GLU B 490 26.49 71.92 26.32
C GLU B 490 26.71 71.27 24.95
N PHE B 491 27.87 70.63 24.77
CA PHE B 491 28.28 70.00 23.51
C PHE B 491 27.30 68.93 23.05
N PHE B 492 26.99 67.97 23.95
CA PHE B 492 26.12 66.86 23.61
C PHE B 492 24.69 67.29 23.30
N LYS B 493 24.22 68.31 24.03
CA LYS B 493 22.91 68.91 23.79
C LYS B 493 22.85 69.59 22.43
N ASN B 494 23.70 70.61 22.26
CA ASN B 494 23.69 71.45 21.07
C ASN B 494 24.08 70.71 19.80
N LYS B 495 25.14 69.91 19.87
CA LYS B 495 25.70 69.23 18.70
C LYS B 495 25.13 67.84 18.41
N HIS B 496 24.47 67.21 19.38
CA HIS B 496 23.96 65.83 19.17
C HIS B 496 22.56 65.54 19.70
N GLY B 497 21.91 66.54 20.30
CA GLY B 497 20.56 66.42 20.80
C GLY B 497 20.43 65.45 21.95
N LEU B 498 21.52 65.25 22.69
CA LEU B 498 21.60 64.28 23.76
C LEU B 498 21.76 64.99 25.10
N VAL B 499 20.98 64.54 26.07
CA VAL B 499 20.99 65.18 27.42
C VAL B 499 21.74 64.29 28.40
N ILE B 500 22.89 64.77 28.89
CA ILE B 500 23.68 64.02 29.89
C ILE B 500 22.91 64.03 31.21
N LYS B 501 22.61 62.84 31.76
CA LYS B 501 21.91 62.73 33.06
C LYS B 501 22.72 63.49 34.10
N GLU B 502 22.04 64.21 34.96
CA GLU B 502 22.78 65.10 35.88
C GLU B 502 23.60 64.28 36.88
N GLY B 503 24.86 64.66 37.06
CA GLY B 503 25.75 63.94 37.98
C GLY B 503 26.33 62.69 37.35
N THR B 504 26.36 62.62 36.02
CA THR B 504 27.01 61.46 35.36
C THR B 504 28.29 61.92 34.66
N TRP B 505 28.64 63.20 34.68
CA TRP B 505 29.92 63.68 34.15
C TRP B 505 30.82 64.13 35.30
N LYS B 506 31.54 63.17 35.90
CA LYS B 506 32.42 63.39 37.07
C LYS B 506 33.74 62.66 36.86
N PRO B 507 34.69 63.22 36.07
CA PRO B 507 35.97 62.56 35.83
C PRO B 507 36.64 62.18 37.15
N ALA B 508 37.28 61.01 37.18
CA ALA B 508 37.90 60.48 38.37
C ALA B 508 39.27 59.89 38.04
N LEU B 509 40.25 60.16 38.93
CA LEU B 509 41.58 59.59 38.85
C LEU B 509 41.45 58.08 39.01
N VAL B 510 41.99 57.33 38.05
CA VAL B 510 41.89 55.88 38.06
C VAL B 510 43.03 55.30 38.87
N ASN B 511 42.74 54.25 39.64
CA ASN B 511 43.77 53.46 40.33
C ASN B 511 44.26 52.42 39.31
N GLU B 512 45.22 52.76 38.46
CA GLU B 512 45.65 51.90 37.33
C GLU B 512 46.18 50.54 37.77
N ASP B 513 46.90 50.46 38.89
CA ASP B 513 47.32 49.14 39.42
C ASP B 513 46.69 49.00 40.81
N PRO B 514 45.45 48.52 40.92
CA PRO B 514 44.78 48.52 42.21
C PRO B 514 45.34 47.49 43.20
N GLY B 515 45.44 47.85 44.47
CA GLY B 515 45.87 46.93 45.50
C GLY B 515 44.78 45.92 45.78
N PHE B 516 45.13 44.85 46.48
CA PHE B 516 44.20 43.82 46.88
C PHE B 516 43.04 44.47 47.62
N GLY B 517 41.82 44.20 47.15
CA GLY B 517 40.61 44.73 47.76
C GLY B 517 40.26 46.16 47.39
N GLU B 518 41.11 46.81 46.57
CA GLU B 518 40.85 48.18 46.13
C GLU B 518 40.07 48.25 44.81
N LEU B 519 39.37 49.38 44.63
CA LEU B 519 38.62 49.68 43.44
C LEU B 519 39.46 50.39 42.37
N TRP B 520 39.11 50.11 41.11
CA TRP B 520 39.60 50.82 39.94
C TRP B 520 39.19 52.31 40.04
N THR B 521 37.91 52.53 40.32
CA THR B 521 37.34 53.83 40.67
C THR B 521 35.99 53.50 41.30
N GLU B 522 35.32 54.51 41.87
CA GLU B 522 34.02 54.31 42.54
C GLU B 522 32.85 54.27 41.57
N GLN B 523 33.08 54.67 40.32
CA GLN B 523 32.04 54.77 39.30
C GLN B 523 31.52 53.39 38.88
N LYS B 524 30.31 53.40 38.31
CA LYS B 524 29.68 52.21 37.76
C LYS B 524 29.69 52.29 36.25
N PHE B 525 30.06 51.18 35.60
CA PHE B 525 29.85 50.98 34.16
C PHE B 525 29.09 49.66 34.03
N LEU B 526 28.03 49.67 33.21
CA LEU B 526 27.13 48.52 33.11
C LEU B 526 26.60 48.12 34.50
N GLY B 527 26.32 49.12 35.34
CA GLY B 527 25.76 48.92 36.67
C GLY B 527 26.67 48.38 37.78
N LEU B 528 27.97 48.22 37.49
CA LEU B 528 28.92 47.62 38.44
C LEU B 528 30.24 48.36 38.56
N GLN B 529 30.82 48.31 39.77
CA GLN B 529 32.17 48.80 39.99
C GLN B 529 33.16 47.70 39.67
N LEU B 530 34.40 48.11 39.38
CA LEU B 530 35.50 47.19 39.09
C LEU B 530 36.46 47.22 40.27
N LYS B 531 36.83 46.02 40.73
CA LYS B 531 37.61 45.82 41.94
C LYS B 531 38.60 44.72 41.71
N VAL B 532 39.69 44.77 42.48
CA VAL B 532 40.75 43.72 42.41
C VAL B 532 40.68 42.92 43.71
N VAL B 533 40.65 41.61 43.59
CA VAL B 533 40.68 40.73 44.78
C VAL B 533 41.92 39.85 44.69
N ARG B 534 42.33 39.32 45.82
CA ARG B 534 43.55 38.49 45.88
C ARG B 534 43.24 37.03 45.71
N ARG B 535 44.06 36.34 44.93
CA ARG B 535 44.00 34.87 44.84
C ARG B 535 45.46 34.46 44.98
N GLU B 536 45.85 33.85 46.11
CA GLU B 536 47.28 33.54 46.38
C GLU B 536 48.05 34.87 46.31
N ASN B 537 48.96 35.04 45.36
CA ASN B 537 49.60 36.34 45.13
C ASN B 537 49.22 36.96 43.79
N GLU B 538 48.19 36.42 43.14
CA GLU B 538 47.64 36.97 41.89
C GLU B 538 46.52 38.00 42.19
N LYS B 539 46.31 38.92 41.25
CA LYS B 539 45.18 39.84 41.26
C LYS B 539 44.13 39.37 40.25
N VAL B 540 42.89 39.18 40.72
CA VAL B 540 41.75 38.90 39.86
C VAL B 540 40.82 40.11 39.91
N TYR B 541 40.47 40.59 38.71
CA TYR B 541 39.53 41.72 38.48
C TYR B 541 38.10 41.17 38.50
N VAL B 542 37.24 41.76 39.32
CA VAL B 542 35.89 41.27 39.53
C VAL B 542 34.90 42.42 39.67
N PRO B 543 33.60 42.21 39.36
CA PRO B 543 32.58 43.24 39.59
C PRO B 543 32.28 43.39 41.09
N ASN B 544 31.70 44.52 41.48
CA ASN B 544 31.47 44.87 42.87
C ASN B 544 30.42 45.96 42.97
N LEU B 545 29.66 45.93 44.06
CA LEU B 545 28.80 47.04 44.46
C LEU B 545 28.79 47.15 45.98
N PRO B 546 28.44 48.32 46.53
CA PRO B 546 28.20 48.44 47.97
C PRO B 546 26.96 47.62 48.39
N PHE B 547 26.92 47.21 49.65
CA PHE B 547 25.86 46.38 50.20
C PHE B 547 24.47 46.91 49.84
N GLU B 548 24.28 48.22 49.99
CA GLU B 548 22.97 48.86 49.80
C GLU B 548 22.37 48.54 48.43
N ASP B 549 23.22 48.56 47.39
CA ASP B 549 22.79 48.23 46.03
C ASP B 549 22.36 46.77 45.89
N TRP B 550 23.19 45.84 46.40
CA TRP B 550 22.86 44.41 46.40
C TRP B 550 21.55 44.18 47.16
N LEU B 551 21.37 44.91 48.27
CA LEU B 551 20.20 44.76 49.11
C LEU B 551 18.94 45.25 48.40
N THR B 552 19.07 46.34 47.65
CA THR B 552 17.99 46.87 46.82
C THR B 552 17.53 45.83 45.80
N MET B 553 18.50 45.24 45.09
CA MET B 553 18.24 44.16 44.15
C MET B 553 17.58 42.96 44.86
N TRP B 554 18.11 42.59 46.03
CA TRP B 554 17.56 41.47 46.76
C TRP B 554 16.08 41.64 47.10
N VAL B 555 15.73 42.80 47.66
CA VAL B 555 14.37 43.03 48.16
C VAL B 555 13.37 43.46 47.08
N THR B 556 13.83 43.74 45.86
CA THR B 556 12.92 44.01 44.74
C THR B 556 13.01 42.98 43.62
N PRO B 557 12.55 41.74 43.83
CA PRO B 557 12.60 40.72 42.77
C PRO B 557 11.77 41.20 41.57
N ARG B 558 12.25 40.89 40.37
CA ARG B 558 11.55 41.18 39.08
C ARG B 558 10.61 40.03 38.75
N SER B 559 9.55 39.85 39.54
CA SER B 559 8.58 38.76 39.37
C SER B 559 7.58 39.06 38.23
N GLU B 565 1.09 29.22 43.53
CA GLU B 565 2.45 28.73 43.45
C GLU B 565 2.93 28.16 44.81
N THR B 566 3.45 26.95 44.87
CA THR B 566 3.77 26.22 46.09
C THR B 566 4.84 26.89 46.95
N GLU B 567 4.85 26.52 48.23
CA GLU B 567 5.84 26.99 49.18
C GLU B 567 7.24 26.56 48.72
N THR B 568 7.33 25.36 48.15
CA THR B 568 8.57 24.81 47.66
C THR B 568 9.18 25.60 46.52
N MET B 569 8.37 25.99 45.53
CA MET B 569 8.85 26.80 44.41
C MET B 569 9.31 28.20 44.86
N ARG B 570 8.62 28.74 45.88
CA ARG B 570 8.97 30.04 46.49
C ARG B 570 10.33 29.91 47.19
N GLU B 571 10.52 28.86 47.99
CA GLU B 571 11.79 28.57 48.65
C GLU B 571 12.90 28.38 47.64
N ARG B 572 12.62 27.71 46.52
CA ARG B 572 13.59 27.43 45.42
C ARG B 572 13.99 28.74 44.74
N THR B 573 13.03 29.61 44.47
CA THR B 573 13.32 30.93 43.90
C THR B 573 14.30 31.74 44.79
N LEU B 574 14.07 31.72 46.10
CA LEU B 574 14.97 32.40 47.05
C LEU B 574 16.39 31.89 46.87
N PHE B 575 16.53 30.55 46.81
CA PHE B 575 17.81 29.89 46.62
C PHE B 575 18.48 30.35 45.34
N ASP B 576 17.73 30.33 44.24
CA ASP B 576 18.26 30.71 42.94
C ASP B 576 18.67 32.18 42.84
N ARG B 577 17.87 33.08 43.42
CA ARG B 577 18.16 34.54 43.40
C ARG B 577 19.43 34.80 44.21
N ALA B 578 19.56 34.15 45.37
CA ALA B 578 20.73 34.29 46.24
C ALA B 578 22.00 33.87 45.50
N ARG B 579 21.92 32.75 44.77
CA ARG B 579 23.07 32.25 43.98
C ARG B 579 23.39 33.26 42.89
N GLY B 580 22.37 33.67 42.13
CA GLY B 580 22.53 34.64 41.06
C GLY B 580 23.27 35.87 41.52
N LEU B 581 22.82 36.47 42.62
CA LEU B 581 23.43 37.71 43.13
C LEU B 581 24.88 37.51 43.52
N LEU B 582 25.16 36.42 44.25
CA LEU B 582 26.54 36.04 44.55
C LEU B 582 27.41 36.06 43.29
N VAL B 583 26.95 35.35 42.24
CA VAL B 583 27.69 35.25 40.99
C VAL B 583 27.93 36.59 40.29
N THR B 584 26.90 37.46 40.29
CA THR B 584 27.00 38.79 39.70
C THR B 584 28.05 39.65 40.42
N GLY B 585 28.30 39.37 41.70
CA GLY B 585 29.35 40.04 42.45
C GLY B 585 29.11 40.28 43.93
N ALA B 586 27.91 39.91 44.41
CA ALA B 586 27.55 40.03 45.83
C ALA B 586 28.52 39.29 46.75
N VAL B 587 29.17 38.25 46.22
CA VAL B 587 30.12 37.48 47.01
C VAL B 587 31.34 38.31 47.45
N PHE B 588 31.59 39.43 46.75
CA PHE B 588 32.74 40.29 47.05
C PHE B 588 32.45 41.45 47.98
N ASP B 589 31.22 41.52 48.47
CA ASP B 589 30.84 42.43 49.54
C ASP B 589 30.52 41.57 50.74
N GLU B 590 31.13 41.90 51.88
CA GLU B 590 31.04 41.07 53.07
C GLU B 590 29.59 40.86 53.56
N ARG B 591 28.80 41.93 53.61
CA ARG B 591 27.41 41.86 54.14
C ARG B 591 26.49 41.17 53.12
N ALA B 592 26.71 41.41 51.84
CA ALA B 592 25.85 40.81 50.83
C ALA B 592 26.10 39.31 50.75
N ARG B 593 27.38 38.94 50.80
CA ARG B 593 27.84 37.52 50.81
C ARG B 593 27.15 36.82 51.97
N GLY B 594 27.12 37.48 53.12
CA GLY B 594 26.49 36.97 54.32
C GLY B 594 25.00 36.76 54.25
N LEU B 595 24.32 37.67 53.54
CA LEU B 595 22.89 37.61 53.37
C LEU B 595 22.54 36.45 52.46
N MET B 596 23.15 36.43 51.28
CA MET B 596 22.91 35.37 50.30
C MET B 596 23.25 33.98 50.88
N GLY B 597 24.34 33.89 51.66
CA GLY B 597 24.75 32.64 52.27
C GLY B 597 23.72 32.16 53.28
N ALA B 598 23.17 33.10 54.06
CA ALA B 598 22.14 32.78 55.03
C ALA B 598 20.91 32.22 54.34
N VAL B 599 20.52 32.81 53.20
CA VAL B 599 19.36 32.33 52.46
C VAL B 599 19.64 30.91 51.93
N ILE B 600 20.80 30.74 51.31
CA ILE B 600 21.26 29.44 50.84
C ILE B 600 21.23 28.38 51.96
N ASN B 601 21.86 28.67 53.10
CA ASN B 601 21.89 27.72 54.22
C ASN B 601 20.50 27.44 54.82
N SER B 602 19.56 28.38 54.65
CA SER B 602 18.16 28.20 55.08
C SER B 602 17.35 27.28 54.17
N THR B 603 17.84 27.06 52.96
CA THR B 603 17.07 26.31 51.97
C THR B 603 17.11 24.82 52.35
N ALA B 604 15.93 24.21 52.44
CA ALA B 604 15.83 22.81 52.81
C ALA B 604 16.54 21.93 51.78
N PRO B 605 17.10 20.78 52.23
CA PRO B 605 17.87 19.91 51.32
C PRO B 605 17.08 19.50 50.07
N GLU B 606 15.80 19.16 50.22
CA GLU B 606 14.96 18.76 49.08
C GLU B 606 14.83 19.84 48.06
N VAL B 607 14.77 21.10 48.50
CA VAL B 607 14.64 22.22 47.60
C VAL B 607 15.96 22.47 46.85
N VAL B 608 17.09 22.33 47.54
CA VAL B 608 18.41 22.43 46.91
C VAL B 608 18.58 21.36 45.82
N CYS B 609 18.12 20.13 46.10
CA CYS B 609 18.43 18.96 45.28
C CYS B 609 17.36 18.53 44.25
N MET B 610 16.18 19.18 44.27
CA MET B 610 15.10 18.86 43.34
C MET B 610 15.49 19.18 41.92
N ARG B 611 14.85 18.48 40.97
CA ARG B 611 14.97 18.72 39.51
C ARG B 611 14.26 20.04 39.20
N VAL B 612 14.83 20.88 38.33
CA VAL B 612 14.25 22.22 38.05
C VAL B 612 14.22 22.58 36.56
N ILE B 637 24.97 21.64 38.44
CA ILE B 637 24.71 23.08 38.59
C ILE B 637 23.58 23.31 39.59
N SER B 638 22.38 22.77 39.36
CA SER B 638 21.18 23.00 40.19
C SER B 638 21.42 22.85 41.70
N ASP B 639 22.19 21.85 42.13
CA ASP B 639 22.40 21.57 43.57
C ASP B 639 23.74 22.12 44.04
N GLY B 640 24.38 22.96 43.24
CA GLY B 640 25.62 23.63 43.65
C GLY B 640 25.39 25.02 44.20
N TYR B 641 26.44 25.64 44.74
CA TYR B 641 26.36 27.03 45.26
C TYR B 641 27.64 27.76 44.90
N PRO B 642 27.55 29.10 44.69
CA PRO B 642 28.73 29.89 44.37
C PRO B 642 29.53 30.26 45.64
N SER B 643 30.59 29.50 45.91
CA SER B 643 31.59 29.81 46.90
C SER B 643 32.44 30.94 46.35
N TYR B 644 33.09 31.66 47.27
CA TYR B 644 34.04 32.76 46.97
C TYR B 644 35.02 32.29 45.89
N ASP B 645 35.68 31.16 46.17
CA ASP B 645 36.69 30.63 45.27
C ASP B 645 36.17 30.33 43.89
N TRP B 646 34.97 29.75 43.81
CA TRP B 646 34.39 29.41 42.52
C TRP B 646 34.06 30.68 41.71
N VAL B 647 33.52 31.70 42.39
CA VAL B 647 33.17 32.96 41.72
C VAL B 647 34.44 33.69 41.23
N VAL B 648 35.50 33.68 42.06
CA VAL B 648 36.80 34.23 41.67
C VAL B 648 37.30 33.54 40.40
N SER B 649 37.16 32.21 40.37
CA SER B 649 37.54 31.41 39.23
C SER B 649 36.73 31.80 37.99
N LEU B 650 35.44 32.03 38.17
CA LEU B 650 34.55 32.44 37.07
C LEU B 650 35.05 33.70 36.37
N TYR B 651 35.49 34.71 37.15
CA TYR B 651 35.92 36.04 36.63
C TYR B 651 37.37 35.97 36.12
N SER B 652 38.16 35.03 36.64
CA SER B 652 39.50 34.79 36.14
C SER B 652 39.43 34.10 34.78
N ARG B 653 40.59 33.81 34.21
CA ARG B 653 40.73 33.12 32.90
C ARG B 653 40.78 31.60 33.08
N ASP B 654 40.52 31.07 34.29
CA ASP B 654 40.44 29.62 34.53
C ASP B 654 39.51 28.95 33.54
N HIS B 655 39.75 27.65 33.29
CA HIS B 655 38.82 26.84 32.50
C HIS B 655 37.51 26.77 33.28
N PRO B 656 36.35 26.60 32.62
CA PRO B 656 35.08 26.49 33.34
C PRO B 656 35.06 25.25 34.23
N CYS B 657 34.40 25.33 35.39
CA CYS B 657 34.14 24.17 36.24
C CYS B 657 32.82 24.37 36.97
N ASP B 658 32.28 23.28 37.48
CA ASP B 658 31.02 23.30 38.17
C ASP B 658 31.19 23.92 39.54
N MET B 659 30.14 24.62 39.97
CA MET B 659 30.00 25.08 41.33
C MET B 659 30.17 23.89 42.28
N PRO B 660 30.75 24.09 43.48
CA PRO B 660 30.80 23.02 44.48
C PRO B 660 29.40 22.60 44.93
N ARG B 661 29.22 21.31 45.22
CA ARG B 661 27.94 20.73 45.68
C ARG B 661 27.65 21.21 47.11
N VAL B 662 26.39 21.57 47.38
CA VAL B 662 25.92 21.82 48.73
C VAL B 662 25.93 20.53 49.57
N PHE B 663 25.54 19.41 48.96
CA PHE B 663 25.51 18.10 49.59
C PHE B 663 26.37 17.13 48.80
N PRO B 664 27.67 16.97 49.15
CA PRO B 664 28.58 16.17 48.34
C PRO B 664 28.11 14.74 48.06
N GLU B 665 27.36 14.10 48.96
CA GLU B 665 26.96 12.70 48.74
C GLU B 665 25.48 12.55 48.39
N ALA B 666 24.88 13.64 47.89
CA ALA B 666 23.47 13.64 47.57
C ALA B 666 23.09 12.50 46.60
N ALA B 667 23.85 12.37 45.50
CA ALA B 667 23.54 11.37 44.46
C ALA B 667 23.38 9.97 45.03
N THR B 668 24.35 9.55 45.86
CA THR B 668 24.36 8.20 46.42
C THR B 668 23.31 7.99 47.51
N LEU B 669 23.05 9.04 48.30
CA LEU B 669 22.04 8.98 49.35
C LEU B 669 20.65 8.88 48.75
N ILE B 670 20.43 9.63 47.66
CA ILE B 670 19.15 9.64 46.96
C ILE B 670 18.91 8.27 46.34
N ALA B 671 19.96 7.64 45.80
CA ALA B 671 19.85 6.32 45.15
C ALA B 671 19.79 5.16 46.12
N SER B 672 20.13 5.41 47.40
CA SER B 672 20.31 4.37 48.41
C SER B 672 21.32 3.29 48.01
N TYR B 673 22.32 3.69 47.20
CA TYR B 673 23.35 2.77 46.63
C TYR B 673 24.68 3.51 46.51
N ARG B 674 25.72 2.95 47.13
CA ARG B 674 27.14 3.34 46.95
C ARG B 674 27.85 2.15 46.32
N LYS B 675 28.35 2.31 45.10
CA LYS B 675 29.11 1.27 44.42
C LYS B 675 30.22 0.77 45.35
N GLN B 676 30.38 -0.55 45.39
CA GLN B 676 31.40 -1.21 46.20
C GLN B 676 32.10 -2.16 45.25
N VAL B 677 33.43 -2.08 45.21
CA VAL B 677 34.23 -2.93 44.35
C VAL B 677 34.17 -4.35 44.90
N MET B 678 33.75 -5.29 44.04
CA MET B 678 33.72 -6.70 44.33
C MET B 678 34.53 -7.41 43.25
N ASP B 679 35.64 -8.02 43.66
CA ASP B 679 36.62 -8.53 42.75
C ASP B 679 36.32 -10.00 42.48
N THR B 680 36.15 -10.34 41.21
CA THR B 680 35.84 -11.72 40.79
C THR B 680 37.11 -12.55 40.61
N ARG B 681 38.29 -11.94 40.66
CA ARG B 681 39.58 -12.64 40.44
C ARG B 681 40.13 -13.20 41.75
N VAL B 682 39.39 -13.05 42.84
CA VAL B 682 39.83 -13.48 44.20
C VAL B 682 40.11 -14.99 44.28
N VAL B 683 41.08 -15.36 45.09
CA VAL B 683 41.33 -16.79 45.37
C VAL B 683 40.33 -17.20 46.47
N ILE B 684 39.64 -18.34 46.31
CA ILE B 684 38.58 -18.77 47.27
C ILE B 684 39.00 -20.08 47.95
N THR C 24 -19.15 -28.78 -25.62
CA THR C 24 -19.32 -30.26 -25.53
C THR C 24 -18.45 -30.81 -24.39
N ARG C 25 -17.45 -31.62 -24.75
CA ARG C 25 -16.54 -32.20 -23.74
C ARG C 25 -15.43 -31.16 -23.47
N LEU C 26 -15.42 -30.57 -22.27
CA LEU C 26 -14.40 -29.57 -21.90
C LEU C 26 -13.70 -29.98 -20.61
N SER C 27 -12.50 -29.47 -20.40
CA SER C 27 -11.79 -29.70 -19.12
C SER C 27 -12.53 -28.97 -18.01
N LEU C 28 -12.41 -29.48 -16.79
CA LEU C 28 -13.02 -28.77 -15.63
C LEU C 28 -12.39 -27.38 -15.54
N GLU C 29 -11.09 -27.30 -15.84
CA GLU C 29 -10.37 -26.03 -15.83
C GLU C 29 -11.05 -25.04 -16.77
N ALA C 30 -11.34 -25.50 -17.99
CA ALA C 30 -12.03 -24.70 -19.00
C ALA C 30 -13.43 -24.30 -18.54
N MET C 31 -14.18 -25.27 -18.01
CA MET C 31 -15.50 -25.05 -17.44
C MET C 31 -15.48 -23.96 -16.37
N LEU C 32 -14.50 -24.00 -15.46
CA LEU C 32 -14.33 -22.94 -14.45
C LEU C 32 -14.11 -21.57 -15.07
N ALA C 33 -13.29 -21.50 -16.12
CA ALA C 33 -13.03 -20.26 -16.83
C ALA C 33 -14.31 -19.69 -17.46
N GLU C 34 -15.11 -20.55 -18.10
CA GLU C 34 -16.39 -20.12 -18.67
C GLU C 34 -17.31 -19.55 -17.59
N ARG C 35 -17.44 -20.26 -16.47
CA ARG C 35 -18.22 -19.81 -15.28
C ARG C 35 -17.71 -18.44 -14.80
N ALA C 36 -16.40 -18.22 -14.82
CA ALA C 36 -15.79 -16.96 -14.36
C ALA C 36 -16.26 -15.77 -15.19
N MET C 37 -16.15 -15.89 -16.52
CA MET C 37 -16.61 -14.84 -17.44
C MET C 37 -18.10 -14.53 -17.28
N VAL C 38 -18.94 -15.57 -17.30
CA VAL C 38 -20.37 -15.42 -17.09
C VAL C 38 -20.69 -14.72 -15.76
N ALA C 39 -20.02 -15.15 -14.68
CA ALA C 39 -20.27 -14.66 -13.33
C ALA C 39 -20.09 -13.14 -13.18
N ARG C 40 -19.09 -12.58 -13.88
CA ARG C 40 -18.71 -11.14 -13.82
C ARG C 40 -19.73 -10.29 -14.59
N GLN C 41 -20.73 -10.90 -15.23
CA GLN C 41 -21.80 -10.19 -15.90
C GLN C 41 -23.10 -10.21 -15.10
N ASP C 42 -23.15 -11.03 -14.04
CA ASP C 42 -24.29 -11.10 -13.16
C ASP C 42 -24.07 -10.24 -11.90
N LEU C 43 -24.43 -8.95 -11.99
CA LEU C 43 -24.27 -7.97 -10.91
C LEU C 43 -24.83 -8.43 -9.57
N ALA C 44 -26.06 -8.98 -9.58
CA ALA C 44 -26.72 -9.45 -8.36
C ALA C 44 -25.94 -10.58 -7.69
N GLY C 45 -25.37 -11.47 -8.51
CA GLY C 45 -24.55 -12.58 -8.04
C GLY C 45 -23.19 -12.15 -7.52
N LEU C 46 -22.56 -11.19 -8.22
CA LEU C 46 -21.34 -10.55 -7.76
C LEU C 46 -21.54 -9.88 -6.37
N LYS C 47 -22.62 -9.10 -6.25
CA LYS C 47 -22.97 -8.41 -5.02
C LYS C 47 -23.01 -9.41 -3.85
N ARG C 48 -23.67 -10.54 -4.08
CA ARG C 48 -23.87 -11.60 -3.06
C ARG C 48 -22.52 -12.24 -2.74
N LYS C 49 -21.72 -12.59 -3.75
CA LYS C 49 -20.47 -13.30 -3.52
C LYS C 49 -19.36 -12.42 -2.93
N LEU C 50 -19.42 -11.12 -3.17
CA LEU C 50 -18.40 -10.21 -2.68
C LEU C 50 -18.74 -9.60 -1.32
N ALA C 51 -19.98 -9.83 -0.86
CA ALA C 51 -20.55 -9.16 0.32
C ALA C 51 -19.72 -9.24 1.61
N GLY C 52 -18.92 -10.31 1.76
CA GLY C 52 -18.09 -10.50 2.92
C GLY C 52 -16.61 -10.26 2.70
N ALA C 53 -16.24 -9.86 1.48
CA ALA C 53 -14.85 -9.85 1.05
C ALA C 53 -14.03 -8.79 1.76
N ASP C 54 -12.78 -9.11 2.07
CA ASP C 54 -11.76 -8.15 2.42
C ASP C 54 -11.61 -7.17 1.26
N ARG C 55 -11.73 -5.88 1.57
CA ARG C 55 -11.54 -4.77 0.61
C ARG C 55 -10.27 -3.99 0.99
N VAL C 56 -9.34 -3.86 0.03
CA VAL C 56 -8.18 -2.99 0.16
C VAL C 56 -8.66 -1.58 -0.19
N LEU C 57 -9.01 -0.82 0.85
CA LEU C 57 -9.57 0.50 0.69
C LEU C 57 -8.50 1.48 0.27
N ALA C 58 -8.90 2.45 -0.57
CA ALA C 58 -8.02 3.54 -0.95
C ALA C 58 -7.98 4.52 0.23
N PRO C 59 -6.89 5.30 0.40
CA PRO C 59 -6.89 6.39 1.36
C PRO C 59 -7.98 7.42 1.00
N GLN C 60 -8.76 7.87 1.98
CA GLN C 60 -9.81 8.84 1.73
C GLN C 60 -9.94 9.83 2.87
N SER C 61 -10.44 11.02 2.55
CA SER C 61 -10.84 11.98 3.57
C SER C 61 -12.25 11.63 4.02
N PRO C 62 -12.66 12.09 5.21
CA PRO C 62 -13.97 11.71 5.75
C PRO C 62 -15.11 12.51 5.10
N GLU C 63 -16.32 11.94 5.20
CA GLU C 63 -17.54 12.56 4.76
C GLU C 63 -17.74 13.91 5.46
N GLN C 64 -18.29 14.87 4.73
CA GLN C 64 -18.63 16.21 5.24
C GLN C 64 -20.11 16.40 5.43
N CYS C 65 -20.93 15.76 4.58
CA CYS C 65 -22.37 15.76 4.74
C CYS C 65 -22.95 14.53 4.04
N GLY C 66 -24.23 14.27 4.28
CA GLY C 66 -24.91 13.11 3.74
C GLY C 66 -25.35 13.29 2.29
N ARG C 67 -25.81 12.20 1.67
CA ARG C 67 -26.27 12.13 0.24
C ARG C 67 -27.25 13.25 -0.05
N GLU C 68 -28.32 13.34 0.74
CA GLU C 68 -29.43 14.23 0.40
C GLU C 68 -28.98 15.67 0.42
N SER C 69 -28.16 16.05 1.40
CA SER C 69 -27.60 17.40 1.47
C SER C 69 -26.67 17.71 0.29
N ALA C 70 -25.82 16.74 -0.06
CA ALA C 70 -24.88 16.90 -1.16
C ALA C 70 -25.61 17.04 -2.50
N GLN C 71 -26.69 16.25 -2.70
CA GLN C 71 -27.49 16.30 -3.92
C GLN C 71 -28.17 17.64 -4.04
N ALA C 72 -28.69 18.15 -2.93
CA ALA C 72 -29.37 19.44 -2.88
C ALA C 72 -28.43 20.58 -3.26
N GLN C 73 -27.20 20.53 -2.73
CA GLN C 73 -26.18 21.54 -3.04
C GLN C 73 -25.73 21.45 -4.49
N ALA C 74 -25.60 20.23 -5.00
CA ALA C 74 -25.30 19.99 -6.41
C ALA C 74 -26.40 20.55 -7.33
N ARG C 75 -27.67 20.26 -7.00
CA ARG C 75 -28.87 20.76 -7.71
C ARG C 75 -28.84 22.30 -7.75
N SER C 76 -28.58 22.93 -6.60
CA SER C 76 -28.53 24.37 -6.50
C SER C 76 -27.46 25.00 -7.41
N VAL C 77 -26.26 24.42 -7.42
CA VAL C 77 -25.17 24.90 -8.29
C VAL C 77 -25.51 24.67 -9.76
N THR C 78 -26.03 23.48 -10.07
CA THR C 78 -26.42 23.10 -11.43
C THR C 78 -27.48 24.04 -11.97
N SER C 79 -28.38 24.49 -11.10
CA SER C 79 -29.45 25.41 -11.44
C SER C 79 -28.93 26.78 -11.85
N GLU C 80 -27.91 27.27 -11.14
CA GLU C 80 -27.27 28.56 -11.43
C GLU C 80 -26.50 28.50 -12.73
N LEU C 81 -25.74 27.42 -12.91
CA LEU C 81 -24.97 27.19 -14.12
C LEU C 81 -25.87 27.13 -15.33
N LYS C 82 -27.02 26.46 -15.19
CA LYS C 82 -27.94 26.26 -16.29
C LYS C 82 -28.48 27.62 -16.77
N SER C 83 -28.85 28.51 -15.84
CA SER C 83 -29.31 29.85 -16.20
C SER C 83 -28.21 30.69 -16.85
N ALA C 84 -26.99 30.65 -16.28
CA ALA C 84 -25.85 31.37 -16.86
C ALA C 84 -25.56 30.94 -18.30
N VAL C 85 -25.57 29.62 -18.54
CA VAL C 85 -25.34 29.06 -19.86
C VAL C 85 -26.48 29.40 -20.81
N LYS C 86 -27.72 29.26 -20.34
CA LYS C 86 -28.90 29.53 -21.16
C LYS C 86 -28.96 31.00 -21.59
N GLU C 87 -28.59 31.93 -20.68
CA GLU C 87 -28.48 33.35 -20.97
C GLU C 87 -27.44 33.64 -22.04
N ALA C 88 -26.25 33.06 -21.88
CA ALA C 88 -25.15 33.30 -22.81
C ALA C 88 -25.46 32.72 -24.20
N GLN C 89 -26.18 31.60 -24.22
CA GLN C 89 -26.56 30.93 -25.47
C GLN C 89 -27.64 31.72 -26.21
N GLY C 90 -28.39 32.54 -25.46
CA GLY C 90 -29.41 33.43 -26.00
C GLY C 90 -28.88 34.67 -26.68
N LEU C 91 -27.57 34.96 -26.50
CA LEU C 91 -26.94 36.16 -27.01
C LEU C 91 -26.85 36.15 -28.51
N GLU C 92 -27.08 37.31 -29.13
CA GLU C 92 -26.98 37.47 -30.55
C GLU C 92 -25.52 37.33 -30.96
N HIS C 93 -25.32 36.73 -32.13
CA HIS C 93 -24.02 36.49 -32.67
C HIS C 93 -23.80 37.47 -33.79
N GLN C 94 -22.55 37.87 -33.98
CA GLN C 94 -22.17 38.79 -35.02
C GLN C 94 -22.26 38.12 -36.41
N THR C 95 -22.37 38.94 -37.44
CA THR C 95 -22.58 38.49 -38.81
C THR C 95 -21.40 37.65 -39.33
N LEU C 96 -21.70 36.73 -40.27
CA LEU C 96 -20.70 35.88 -40.91
C LEU C 96 -20.15 36.46 -42.22
N ASP C 97 -20.23 37.79 -42.37
CA ASP C 97 -19.79 38.52 -43.56
C ASP C 97 -18.29 38.49 -43.84
N PHE C 98 -17.49 38.16 -42.81
CA PHE C 98 -16.02 38.12 -42.94
C PHE C 98 -15.54 36.89 -43.72
N LEU C 99 -16.46 35.98 -44.01
CA LEU C 99 -16.19 34.79 -44.81
C LEU C 99 -16.71 34.97 -46.22
N GLU C 100 -16.04 34.30 -47.16
CA GLU C 100 -16.49 34.21 -48.54
C GLU C 100 -17.71 33.28 -48.61
N GLN C 101 -18.72 33.68 -49.39
CA GLN C 101 -19.95 32.88 -49.59
C GLN C 101 -19.82 32.17 -50.92
N LEU C 102 -20.21 30.89 -50.96
CA LEU C 102 -20.14 30.07 -52.18
C LEU C 102 -21.49 29.48 -52.62
N GLY C 103 -22.58 29.92 -51.98
CA GLY C 103 -23.92 29.43 -52.27
C GLY C 103 -24.23 28.11 -51.60
N GLU C 104 -25.17 27.36 -52.16
CA GLU C 104 -25.59 26.06 -51.65
C GLU C 104 -25.00 24.96 -52.50
N TYR C 105 -24.74 23.80 -51.90
CA TYR C 105 -24.21 22.59 -52.58
C TYR C 105 -25.35 21.57 -52.68
N PRO C 106 -25.50 20.86 -53.82
CA PRO C 106 -26.45 19.77 -53.93
C PRO C 106 -26.01 18.55 -53.11
N VAL C 107 -26.97 17.80 -52.53
CA VAL C 107 -26.65 16.57 -51.83
C VAL C 107 -26.08 15.57 -52.84
N CYS C 108 -25.08 14.82 -52.39
CA CYS C 108 -24.40 13.82 -53.19
C CYS C 108 -25.36 12.74 -53.63
N GLY C 109 -25.30 12.39 -54.93
CA GLY C 109 -26.13 11.36 -55.50
C GLY C 109 -25.54 9.95 -55.50
N ILE C 110 -24.29 9.82 -55.07
CA ILE C 110 -23.56 8.55 -55.22
C ILE C 110 -24.19 7.41 -54.43
N LEU C 111 -24.38 6.27 -55.11
CA LEU C 111 -24.95 5.05 -54.52
C LEU C 111 -23.85 4.02 -54.31
N HIS C 112 -23.90 3.33 -53.17
CA HIS C 112 -23.11 2.13 -52.93
C HIS C 112 -24.10 0.97 -52.78
N GLY C 113 -24.35 0.28 -53.88
CA GLY C 113 -25.27 -0.84 -53.92
C GLY C 113 -26.71 -0.38 -53.81
N ASP C 114 -27.42 -0.86 -52.78
CA ASP C 114 -28.83 -0.58 -52.54
C ASP C 114 -29.18 0.72 -51.76
N HIS C 115 -28.16 1.52 -51.39
CA HIS C 115 -28.34 2.75 -50.61
C HIS C 115 -27.47 3.93 -51.08
N PRO C 116 -27.93 5.19 -50.92
CA PRO C 116 -27.07 6.36 -51.15
C PRO C 116 -26.03 6.51 -50.02
N VAL C 117 -24.84 7.03 -50.35
CA VAL C 117 -23.79 7.28 -49.37
C VAL C 117 -24.21 8.42 -48.43
N HIS C 118 -24.95 9.40 -48.99
CA HIS C 118 -25.63 10.42 -48.21
C HIS C 118 -27.02 9.88 -47.87
N PRO C 119 -27.27 9.46 -46.60
CA PRO C 119 -28.54 8.81 -46.27
C PRO C 119 -29.76 9.67 -46.61
N SER C 120 -30.84 9.02 -47.06
CA SER C 120 -32.14 9.67 -47.25
C SER C 120 -32.64 10.27 -45.94
N GLY C 121 -33.17 11.49 -46.04
CA GLY C 121 -33.82 12.15 -44.92
C GLY C 121 -32.92 12.81 -43.89
N THR C 122 -31.61 12.89 -44.15
CA THR C 122 -30.68 13.57 -43.27
C THR C 122 -29.91 14.62 -44.05
N HIS C 123 -29.61 15.73 -43.39
CA HIS C 123 -28.71 16.77 -43.89
C HIS C 123 -29.04 17.17 -45.32
N ASN C 124 -30.34 17.40 -45.54
CA ASN C 124 -30.89 17.68 -46.84
C ASN C 124 -32.08 18.60 -46.66
N ASN C 125 -31.95 19.85 -47.12
CA ASN C 125 -33.07 20.78 -47.00
C ASN C 125 -34.08 20.66 -48.15
N ASN C 126 -33.64 21.00 -49.36
CA ASN C 126 -34.47 20.84 -50.54
C ASN C 126 -33.59 20.40 -51.67
N GLY C 127 -32.95 19.23 -51.47
CA GLY C 127 -31.85 18.77 -52.31
C GLY C 127 -30.51 19.45 -52.05
N LYS C 128 -30.44 20.34 -51.06
CA LYS C 128 -29.19 21.01 -50.68
C LYS C 128 -28.66 20.48 -49.34
N VAL C 129 -27.34 20.37 -49.23
CA VAL C 129 -26.70 19.90 -48.01
C VAL C 129 -26.97 20.94 -46.94
N SER C 130 -27.37 20.45 -45.76
CA SER C 130 -27.70 21.29 -44.62
C SER C 130 -27.19 20.66 -43.34
N VAL C 131 -27.07 21.50 -42.32
CA VAL C 131 -26.45 21.16 -41.07
C VAL C 131 -27.06 22.07 -40.02
N LYS C 132 -27.17 21.58 -38.78
CA LYS C 132 -27.74 22.33 -37.67
C LYS C 132 -26.79 22.26 -36.47
N ARG C 133 -26.24 23.41 -36.06
CA ARG C 133 -25.35 23.50 -34.88
C ARG C 133 -26.17 23.20 -33.62
N GLN C 134 -25.56 22.53 -32.63
CA GLN C 134 -26.23 22.19 -31.39
C GLN C 134 -25.58 22.96 -30.24
N PHE C 135 -26.38 23.78 -29.57
CA PHE C 135 -25.98 24.44 -28.33
C PHE C 135 -27.04 24.15 -27.28
N ALA C 136 -26.84 23.05 -26.54
CA ALA C 136 -27.78 22.61 -25.50
C ALA C 136 -27.33 23.16 -24.16
N ALA C 137 -28.27 23.24 -23.22
CA ALA C 137 -27.99 23.78 -21.90
C ALA C 137 -27.67 22.67 -20.92
N GLY C 138 -27.44 21.46 -21.46
CA GLY C 138 -26.78 20.36 -20.75
C GLY C 138 -27.18 20.05 -19.33
N SER C 142 -25.44 16.32 -11.61
CA SER C 142 -24.07 15.77 -11.79
C SER C 142 -23.65 14.96 -10.58
N ASP C 143 -23.27 13.70 -10.83
CA ASP C 143 -22.84 12.78 -9.76
C ASP C 143 -21.50 13.25 -9.19
N ALA C 144 -20.60 13.74 -10.05
CA ALA C 144 -19.28 14.21 -9.61
C ALA C 144 -19.43 15.37 -8.62
N LEU C 145 -20.31 16.31 -8.93
CA LEU C 145 -20.49 17.49 -8.10
C LEU C 145 -21.06 17.08 -6.75
N THR C 146 -21.97 16.11 -6.74
CA THR C 146 -22.52 15.56 -5.52
C THR C 146 -21.40 14.96 -4.64
N CYS C 147 -20.55 14.13 -5.24
CA CYS C 147 -19.37 13.58 -4.55
C CYS C 147 -18.49 14.70 -3.93
N ALA C 148 -18.27 15.77 -4.70
CA ALA C 148 -17.41 16.86 -4.24
C ALA C 148 -17.97 17.46 -2.96
N PHE C 149 -19.29 17.73 -2.96
CA PHE C 149 -19.99 18.27 -1.79
C PHE C 149 -20.02 17.31 -0.63
N ARG C 150 -20.08 16.02 -0.92
CA ARG C 150 -20.10 15.00 0.16
C ARG C 150 -18.77 14.94 0.90
N PHE C 151 -17.65 15.27 0.24
CA PHE C 151 -16.32 15.07 0.86
C PHE C 151 -15.45 16.32 0.93
N GLU C 152 -15.91 17.45 0.41
CA GLU C 152 -15.14 18.72 0.44
C GLU C 152 -15.94 19.94 0.94
N ASP C 153 -15.24 21.04 1.23
CA ASP C 153 -15.87 22.30 1.72
C ASP C 153 -16.86 22.87 0.70
N SER C 154 -18.10 23.07 1.12
CA SER C 154 -19.17 23.62 0.26
C SER C 154 -18.72 24.88 -0.47
N ASP C 155 -18.14 25.83 0.25
CA ASP C 155 -17.78 27.13 -0.37
C ASP C 155 -16.74 26.91 -1.49
N LEU C 156 -15.70 26.11 -1.23
CA LEU C 156 -14.71 25.79 -2.28
C LEU C 156 -15.38 25.04 -3.43
N VAL C 157 -16.19 24.04 -3.14
CA VAL C 157 -16.77 23.26 -4.22
C VAL C 157 -17.64 24.18 -5.06
N ARG C 158 -18.47 24.97 -4.38
CA ARG C 158 -19.45 25.90 -5.01
C ARG C 158 -18.70 26.92 -5.88
N GLU C 159 -17.68 27.60 -5.36
CA GLU C 159 -16.98 28.59 -6.16
C GLU C 159 -16.20 27.95 -7.31
N THR C 160 -15.66 26.76 -7.08
CA THR C 160 -15.01 25.98 -8.14
C THR C 160 -15.95 25.58 -9.29
N ALA C 161 -17.14 25.09 -8.95
CA ALA C 161 -18.12 24.62 -9.92
C ALA C 161 -18.74 25.76 -10.71
N LEU C 162 -18.83 26.95 -10.10
CA LEU C 162 -19.41 28.12 -10.75
C LEU C 162 -18.44 28.82 -11.70
N LYS C 163 -17.16 28.47 -11.66
CA LYS C 163 -16.12 29.17 -12.48
C LYS C 163 -15.94 28.51 -13.84
N THR C 164 -16.09 27.18 -13.94
CA THR C 164 -15.83 26.46 -15.21
C THR C 164 -16.94 25.43 -15.44
N THR C 165 -17.34 25.26 -16.70
CA THR C 165 -18.40 24.28 -17.05
C THR C 165 -18.08 23.58 -18.38
N TYR C 166 -18.41 22.29 -18.45
CA TYR C 166 -18.30 21.50 -19.71
C TYR C 166 -19.57 21.75 -20.53
N THR C 167 -19.44 22.46 -21.65
CA THR C 167 -20.60 22.93 -22.39
C THR C 167 -20.32 23.06 -23.88
N ASP C 168 -21.40 22.92 -24.68
CA ASP C 168 -21.42 23.22 -26.13
C ASP C 168 -20.97 24.64 -26.49
N GLY C 169 -21.04 25.57 -25.52
CA GLY C 169 -20.66 26.96 -25.72
C GLY C 169 -21.84 27.76 -26.23
N THR C 170 -21.55 28.81 -27.01
CA THR C 170 -22.56 29.74 -27.46
C THR C 170 -22.34 30.16 -28.90
N TRP C 171 -23.42 30.52 -29.59
CA TRP C 171 -23.35 31.12 -30.91
C TRP C 171 -22.45 32.37 -30.94
N ALA C 172 -22.66 33.26 -29.96
CA ALA C 172 -21.92 34.50 -29.88
C ALA C 172 -20.42 34.21 -29.81
N GLY C 173 -20.06 33.34 -28.86
CA GLY C 173 -18.68 32.97 -28.67
C GLY C 173 -18.07 32.22 -29.84
N PHE C 174 -18.85 31.29 -30.41
CA PHE C 174 -18.46 30.52 -31.60
C PHE C 174 -18.06 31.45 -32.76
N VAL C 175 -18.93 32.41 -33.08
CA VAL C 175 -18.67 33.28 -34.22
C VAL C 175 -17.49 34.23 -33.98
N GLN C 176 -17.39 34.77 -32.76
CA GLN C 176 -16.28 35.63 -32.38
C GLN C 176 -14.93 34.93 -32.56
N ARG C 177 -14.82 33.70 -32.04
CA ARG C 177 -13.55 32.91 -32.18
C ARG C 177 -13.34 32.53 -33.64
N LEU C 178 -14.41 32.19 -34.37
CA LEU C 178 -14.31 31.89 -35.80
C LEU C 178 -13.70 33.05 -36.58
N LYS C 179 -14.19 34.26 -36.32
CA LYS C 179 -13.64 35.45 -36.98
C LYS C 179 -12.15 35.63 -36.65
N MET C 180 -11.80 35.52 -35.37
CA MET C 180 -10.43 35.65 -34.90
C MET C 180 -9.50 34.58 -35.53
N GLN C 181 -10.04 33.39 -35.75
CA GLN C 181 -9.32 32.28 -36.37
C GLN C 181 -9.11 32.42 -37.89
N THR C 182 -10.02 33.13 -38.56
CA THR C 182 -10.05 33.17 -40.03
C THR C 182 -9.55 34.48 -40.68
N THR C 183 -9.28 35.51 -39.86
CA THR C 183 -8.99 36.85 -40.35
C THR C 183 -7.79 37.50 -39.67
N ARG C 184 -6.88 36.71 -39.12
CA ARG C 184 -5.69 37.27 -38.43
C ARG C 184 -4.60 37.59 -39.45
N LYS C 185 -3.91 38.72 -39.28
CA LYS C 185 -2.75 39.10 -40.07
C LYS C 185 -1.58 38.23 -39.62
N CYS C 186 -1.12 37.37 -40.54
CA CYS C 186 -0.03 36.46 -40.28
C CYS C 186 1.26 36.98 -40.86
N VAL C 187 2.37 36.35 -40.47
CA VAL C 187 3.69 36.61 -40.99
C VAL C 187 4.21 35.30 -41.58
N GLN C 188 4.69 35.35 -42.82
CA GLN C 188 5.22 34.15 -43.47
C GLN C 188 6.54 33.80 -42.81
N GLU C 189 6.73 32.53 -42.43
CA GLU C 189 7.97 32.11 -41.83
C GLU C 189 9.00 31.88 -42.90
N LYS C 190 10.28 32.10 -42.56
CA LYS C 190 11.40 31.73 -43.41
C LYS C 190 11.78 30.32 -43.04
N VAL C 191 11.39 29.36 -43.87
CA VAL C 191 11.50 27.96 -43.53
C VAL C 191 12.03 27.21 -44.74
N SER C 192 12.78 26.14 -44.45
CA SER C 192 13.38 25.30 -45.46
C SER C 192 13.47 23.90 -44.90
N ARG C 193 13.71 22.94 -45.79
CA ARG C 193 13.89 21.51 -45.42
C ARG C 193 15.06 21.39 -44.45
N LYS C 194 16.17 22.10 -44.72
CA LYS C 194 17.34 22.12 -43.86
C LYS C 194 16.95 22.48 -42.41
N LEU C 195 16.17 23.56 -42.26
CA LEU C 195 15.74 24.04 -40.96
C LEU C 195 14.81 23.05 -40.25
N LEU C 196 13.88 22.45 -40.98
CA LEU C 196 12.97 21.46 -40.42
C LEU C 196 13.68 20.17 -40.01
N LYS C 197 14.68 19.73 -40.81
CA LYS C 197 15.53 18.59 -40.47
C LYS C 197 16.19 18.81 -39.09
N GLN C 198 16.61 20.05 -38.83
CA GLN C 198 17.25 20.42 -37.58
C GLN C 198 16.32 20.44 -36.36
N LEU C 199 15.17 21.09 -36.51
CA LEU C 199 14.20 21.27 -35.43
C LEU C 199 13.27 20.07 -35.24
N PHE C 200 12.98 19.34 -36.32
CA PHE C 200 12.06 18.21 -36.34
C PHE C 200 12.68 16.97 -36.96
N PRO C 201 13.80 16.47 -36.38
CA PRO C 201 14.45 15.26 -36.88
C PRO C 201 13.54 14.03 -36.71
N TYR C 202 13.67 13.06 -37.61
CA TYR C 202 12.87 11.82 -37.61
C TYR C 202 13.76 10.64 -38.05
N ASP C 203 13.33 9.42 -37.77
CA ASP C 203 13.99 8.21 -38.25
C ASP C 203 13.36 7.77 -39.58
N PRO C 204 14.06 7.92 -40.72
CA PRO C 204 13.51 7.53 -42.02
C PRO C 204 13.08 6.05 -42.07
N GLN C 205 13.73 5.19 -41.29
CA GLN C 205 13.48 3.76 -41.30
C GLN C 205 12.16 3.40 -40.66
N LYS C 206 11.61 4.30 -39.84
CA LYS C 206 10.32 4.08 -39.19
C LYS C 206 9.14 4.50 -40.04
N LEU C 207 9.40 5.17 -41.17
CA LEU C 207 8.33 5.64 -42.05
C LEU C 207 7.69 4.46 -42.74
N VAL C 208 6.34 4.49 -42.83
CA VAL C 208 5.61 3.44 -43.52
C VAL C 208 5.98 3.46 -45.02
N ASP C 209 6.12 2.28 -45.61
CA ASP C 209 6.37 2.16 -47.04
C ASP C 209 5.10 2.50 -47.79
N VAL C 210 5.00 3.78 -48.16
CA VAL C 210 3.80 4.34 -48.76
C VAL C 210 3.75 4.08 -50.28
N SER C 211 4.70 3.31 -50.80
CA SER C 211 4.65 2.78 -52.16
C SER C 211 3.97 1.41 -52.20
N GLY C 212 3.49 0.95 -51.05
CA GLY C 212 2.62 -0.20 -50.99
C GLY C 212 1.29 0.13 -51.64
N GLU C 213 0.45 -0.89 -51.79
CA GLU C 213 -0.91 -0.76 -52.28
C GLU C 213 -1.74 0.09 -51.29
N LEU C 214 -2.57 0.98 -51.83
CA LEU C 214 -3.27 2.02 -51.06
C LEU C 214 -4.27 1.49 -50.04
N SER C 215 -5.06 0.47 -50.42
CA SER C 215 -6.07 -0.09 -49.53
C SER C 215 -5.45 -0.57 -48.24
N GLU C 216 -4.35 -1.34 -48.35
CA GLU C 216 -3.61 -1.84 -47.20
C GLU C 216 -3.08 -0.71 -46.32
N LEU C 217 -2.57 0.36 -46.94
CA LEU C 217 -2.06 1.52 -46.20
C LEU C 217 -3.17 2.21 -45.42
N VAL C 218 -4.32 2.40 -46.06
CA VAL C 218 -5.46 3.06 -45.45
C VAL C 218 -6.01 2.19 -44.30
N LEU C 219 -6.07 0.87 -44.51
CA LEU C 219 -6.53 -0.06 -43.47
C LEU C 219 -5.66 -0.01 -42.23
N GLY C 220 -4.41 0.41 -42.40
CA GLY C 220 -3.45 0.56 -41.30
C GLY C 220 -3.55 1.81 -40.46
N ILE C 221 -4.33 2.81 -40.90
CA ILE C 221 -4.44 4.05 -40.13
C ILE C 221 -5.39 3.83 -38.98
N LYS C 222 -5.12 4.52 -37.87
CA LYS C 222 -5.96 4.49 -36.69
C LYS C 222 -6.88 5.69 -36.76
N THR C 223 -8.10 5.54 -36.22
CA THR C 223 -9.02 6.64 -36.13
C THR C 223 -10.06 6.42 -35.04
N ASN C 224 -10.87 7.45 -34.77
CA ASN C 224 -11.94 7.39 -33.82
C ASN C 224 -13.20 6.84 -34.50
N ALA C 225 -13.56 5.60 -34.13
CA ALA C 225 -14.70 4.91 -34.73
C ALA C 225 -16.03 5.67 -34.64
N ILE C 226 -16.22 6.46 -33.57
CA ILE C 226 -17.48 7.19 -33.40
C ILE C 226 -17.43 8.68 -33.77
N ALA C 227 -16.28 9.16 -34.24
CA ALA C 227 -16.20 10.48 -34.88
C ALA C 227 -17.04 10.48 -36.17
N SER C 228 -17.62 11.63 -36.49
CA SER C 228 -18.30 11.85 -37.75
C SER C 228 -17.37 11.53 -38.91
N ALA C 229 -17.90 10.84 -39.91
CA ALA C 229 -17.18 10.60 -41.16
C ALA C 229 -17.23 11.82 -42.10
N GLY C 230 -17.98 12.85 -41.70
CA GLY C 230 -18.06 14.09 -42.44
C GLY C 230 -18.98 13.95 -43.64
N PRO C 231 -19.11 15.00 -44.49
CA PRO C 231 -19.84 14.89 -45.74
C PRO C 231 -19.11 13.91 -46.66
N PRO C 232 -19.82 13.15 -47.53
CA PRO C 232 -21.28 13.13 -47.58
C PRO C 232 -21.96 12.01 -46.75
N TYR C 233 -21.22 11.33 -45.88
CA TYR C 233 -21.65 10.08 -45.19
C TYR C 233 -22.66 10.42 -44.08
N TRP C 234 -22.37 11.48 -43.31
CA TRP C 234 -23.23 11.96 -42.24
C TRP C 234 -23.58 10.88 -41.24
N ARG C 235 -22.58 10.08 -40.88
CA ARG C 235 -22.70 9.09 -39.76
C ARG C 235 -21.29 8.77 -39.24
N THR C 236 -21.19 7.89 -38.25
CA THR C 236 -19.90 7.58 -37.66
C THR C 236 -18.97 6.95 -38.69
N LYS C 237 -17.67 7.07 -38.44
CA LYS C 237 -16.67 6.42 -39.28
C LYS C 237 -16.88 4.90 -39.33
N ARG C 238 -17.28 4.31 -38.20
CA ARG C 238 -17.60 2.87 -38.08
C ARG C 238 -18.69 2.51 -39.10
N ASP C 239 -19.78 3.29 -39.13
CA ASP C 239 -20.91 2.99 -40.00
C ASP C 239 -20.59 3.29 -41.45
N ALA C 240 -19.81 4.36 -41.69
CA ALA C 240 -19.47 4.79 -43.04
C ALA C 240 -18.30 4.03 -43.68
N LEU C 241 -17.60 3.19 -42.91
CA LEU C 241 -16.34 2.60 -43.36
C LEU C 241 -16.45 1.88 -44.70
N PRO C 242 -17.44 0.98 -44.89
CA PRO C 242 -17.60 0.28 -46.17
C PRO C 242 -17.88 1.23 -47.35
N ASP C 243 -18.81 2.18 -47.16
CA ASP C 243 -19.10 3.18 -48.18
C ASP C 243 -17.82 3.93 -48.58
N MET C 244 -16.97 4.24 -47.60
CA MET C 244 -15.73 4.98 -47.83
C MET C 244 -14.73 4.14 -48.63
N LEU C 245 -14.42 2.94 -48.12
CA LEU C 245 -13.38 2.09 -48.71
C LEU C 245 -13.74 1.49 -50.05
N ASP C 246 -15.00 1.08 -50.18
CA ASP C 246 -15.44 0.28 -51.31
C ASP C 246 -15.95 1.09 -52.49
N CYS C 247 -16.45 2.31 -52.20
CA CYS C 247 -17.13 3.14 -53.16
C CYS C 247 -16.40 4.48 -53.40
N VAL C 248 -16.31 5.34 -52.37
CA VAL C 248 -15.81 6.70 -52.55
C VAL C 248 -14.30 6.80 -52.77
N LEU C 249 -13.52 6.02 -52.02
CA LEU C 249 -12.06 6.06 -52.11
C LEU C 249 -11.54 5.64 -53.49
N PRO C 250 -12.02 4.54 -54.10
CA PRO C 250 -11.66 4.20 -55.48
C PRO C 250 -12.02 5.32 -56.47
N LEU C 251 -13.22 5.89 -56.33
CA LEU C 251 -13.64 7.02 -57.15
C LEU C 251 -12.65 8.18 -57.04
N LEU C 252 -12.28 8.52 -55.80
CA LEU C 252 -11.31 9.56 -55.53
C LEU C 252 -9.94 9.23 -56.16
N TYR C 253 -9.45 8.02 -55.91
CA TYR C 253 -8.18 7.51 -56.48
C TYR C 253 -8.17 7.63 -58.01
N ASP C 254 -9.23 7.15 -58.67
CA ASP C 254 -9.32 7.21 -60.14
C ASP C 254 -9.15 8.65 -60.65
N HIS C 255 -9.81 9.60 -59.99
CA HIS C 255 -9.77 10.99 -60.39
C HIS C 255 -8.45 11.67 -60.04
N ILE C 256 -7.79 11.23 -58.95
CA ILE C 256 -6.46 11.72 -58.60
C ILE C 256 -5.46 11.34 -59.69
N VAL C 257 -5.43 10.05 -60.02
CA VAL C 257 -4.42 9.51 -60.91
C VAL C 257 -4.61 9.94 -62.39
N ARG C 258 -5.82 10.40 -62.74
CA ARG C 258 -6.17 10.94 -64.07
C ARG C 258 -6.16 12.48 -64.06
N LYS C 259 -5.69 13.13 -62.98
CA LYS C 259 -5.61 14.58 -62.91
C LYS C 259 -6.98 15.23 -63.14
N ASP C 260 -8.02 14.58 -62.62
CA ASP C 260 -9.39 14.91 -62.97
C ASP C 260 -10.22 15.36 -61.77
N LEU C 261 -9.55 15.90 -60.74
CA LEU C 261 -10.22 16.26 -59.49
C LEU C 261 -11.29 17.34 -59.65
N THR C 262 -11.06 18.30 -60.55
CA THR C 262 -12.01 19.42 -60.74
C THR C 262 -13.34 18.93 -61.36
N THR C 263 -13.28 17.93 -62.23
CA THR C 263 -14.50 17.27 -62.73
C THR C 263 -15.28 16.69 -61.57
N LEU C 264 -14.57 15.94 -60.70
CA LEU C 264 -15.16 15.29 -59.54
C LEU C 264 -15.77 16.30 -58.58
N ARG C 265 -15.01 17.35 -58.25
CA ARG C 265 -15.46 18.49 -57.40
C ARG C 265 -16.76 19.08 -57.95
N ASN C 266 -16.82 19.35 -59.25
CA ASN C 266 -18.00 19.97 -59.88
C ASN C 266 -19.21 19.07 -59.90
N LYS C 267 -19.00 17.78 -60.15
CA LYS C 267 -20.08 16.83 -60.24
C LYS C 267 -20.59 16.40 -58.86
N HIS C 268 -19.68 16.29 -57.89
CA HIS C 268 -20.01 15.86 -56.53
C HIS C 268 -19.37 16.74 -55.46
N PRO C 269 -19.84 18.00 -55.30
CA PRO C 269 -19.19 18.98 -54.42
C PRO C 269 -19.09 18.55 -52.96
N GLU C 270 -20.07 17.78 -52.50
CA GLU C 270 -20.13 17.31 -51.13
C GLU C 270 -18.92 16.44 -50.78
N LEU C 271 -18.25 15.86 -51.78
CA LEU C 271 -17.06 15.06 -51.54
C LEU C 271 -15.86 15.88 -51.04
N PHE C 272 -15.93 17.21 -51.19
CA PHE C 272 -14.85 18.12 -50.77
C PHE C 272 -15.31 19.23 -49.81
N LEU C 273 -16.39 18.92 -49.07
CA LEU C 273 -17.02 19.84 -48.16
C LEU C 273 -16.67 19.44 -46.74
N ALA C 274 -16.37 20.45 -45.91
CA ALA C 274 -16.15 20.28 -44.47
C ALA C 274 -17.35 20.83 -43.71
N GLU C 275 -17.43 20.47 -42.42
CA GLU C 275 -18.39 21.05 -41.49
C GLU C 275 -17.64 21.78 -40.40
N CYS C 276 -17.99 23.06 -40.19
CA CYS C 276 -17.46 23.86 -39.10
C CYS C 276 -18.35 23.64 -37.86
N LYS C 277 -17.73 23.14 -36.78
CA LYS C 277 -18.44 22.75 -35.57
C LYS C 277 -17.94 23.51 -34.33
N ASN C 278 -18.85 23.68 -33.36
CA ASN C 278 -18.50 24.20 -32.05
C ASN C 278 -18.00 23.07 -31.17
N LYS C 279 -16.84 23.29 -30.53
CA LYS C 279 -16.25 22.30 -29.65
C LYS C 279 -16.88 22.36 -28.28
N THR C 280 -17.44 21.23 -27.84
CA THR C 280 -17.87 21.06 -26.46
C THR C 280 -16.58 20.94 -25.67
N ASP C 281 -16.45 21.73 -24.61
CA ASP C 281 -15.21 21.86 -23.87
C ASP C 281 -15.45 22.46 -22.49
N ARG C 282 -14.40 22.44 -21.65
CA ARG C 282 -14.38 23.15 -20.34
C ARG C 282 -14.16 24.64 -20.63
N TYR C 283 -15.19 25.47 -20.41
CA TYR C 283 -15.17 26.93 -20.68
C TYR C 283 -15.33 27.69 -19.35
N GLU C 284 -14.65 28.85 -19.24
CA GLU C 284 -14.89 29.78 -18.15
C GLU C 284 -16.32 30.30 -18.30
N VAL C 285 -17.15 30.12 -17.27
CA VAL C 285 -18.52 30.60 -17.30
C VAL C 285 -18.56 32.12 -17.60
N GLU C 286 -17.62 32.87 -17.03
CA GLU C 286 -17.51 34.32 -17.24
C GLU C 286 -17.45 34.70 -18.73
N SER C 287 -16.71 33.91 -19.53
CA SER C 287 -16.42 34.28 -20.91
C SER C 287 -17.15 33.44 -21.97
N LEU C 288 -18.30 32.85 -21.60
CA LEU C 288 -19.04 31.94 -22.49
C LEU C 288 -19.45 32.61 -23.80
N GLY C 289 -19.94 33.85 -23.71
CA GLY C 289 -20.39 34.62 -24.84
C GLY C 289 -19.28 35.18 -25.73
N GLU C 290 -18.02 35.11 -25.27
CA GLU C 290 -16.85 35.60 -26.03
C GLU C 290 -15.99 34.49 -26.63
N LYS C 291 -16.16 33.25 -26.17
CA LYS C 291 -15.22 32.19 -26.49
C LYS C 291 -15.88 30.81 -26.56
N THR C 292 -15.95 30.28 -27.78
CA THR C 292 -16.28 28.87 -28.06
C THR C 292 -15.42 28.48 -29.25
N ARG C 293 -14.67 27.39 -29.13
CA ARG C 293 -13.65 26.98 -30.14
C ARG C 293 -14.36 26.36 -31.34
N PRO C 294 -14.04 26.85 -32.57
CA PRO C 294 -14.47 26.18 -33.79
C PRO C 294 -13.42 25.17 -34.28
N TYR C 295 -13.87 24.05 -34.86
CA TYR C 295 -13.01 23.11 -35.59
C TYR C 295 -13.75 22.64 -36.85
N PHE C 296 -13.03 21.96 -37.74
CA PHE C 296 -13.56 21.55 -39.02
C PHE C 296 -13.47 20.03 -39.12
N SER C 297 -14.61 19.41 -39.47
CA SER C 297 -14.74 17.98 -39.69
C SER C 297 -14.74 17.77 -41.21
N HIS C 298 -13.76 17.01 -41.70
CA HIS C 298 -13.58 16.77 -43.12
C HIS C 298 -14.13 15.42 -43.58
N PRO C 299 -14.35 15.22 -44.89
CA PRO C 299 -14.74 13.93 -45.44
C PRO C 299 -13.76 12.80 -45.09
N PHE C 300 -14.28 11.65 -44.66
CA PHE C 300 -13.50 10.47 -44.27
C PHE C 300 -12.46 10.07 -45.33
N HIS C 301 -12.89 10.02 -46.59
CA HIS C 301 -11.98 9.59 -47.67
C HIS C 301 -10.75 10.48 -47.81
N LEU C 302 -10.93 11.81 -47.66
CA LEU C 302 -9.79 12.74 -47.70
C LEU C 302 -8.87 12.66 -46.46
N SER C 303 -9.47 12.61 -45.27
CA SER C 303 -8.69 12.56 -44.03
C SER C 303 -7.93 11.23 -43.88
N ALA C 304 -8.56 10.13 -44.30
CA ALA C 304 -7.96 8.80 -44.22
C ALA C 304 -6.73 8.73 -45.10
N LEU C 305 -6.82 9.35 -46.28
CA LEU C 305 -5.75 9.43 -47.26
C LEU C 305 -4.54 10.19 -46.72
N VAL C 306 -4.78 11.39 -46.18
CA VAL C 306 -3.75 12.22 -45.59
C VAL C 306 -3.14 11.58 -44.31
N SER C 307 -3.99 10.92 -43.50
CA SER C 307 -3.54 10.22 -42.31
C SER C 307 -2.44 9.16 -42.54
N VAL C 308 -2.42 8.58 -43.74
CA VAL C 308 -1.39 7.61 -44.09
C VAL C 308 -0.01 8.26 -43.91
N LEU C 309 0.11 9.48 -44.43
CA LEU C 309 1.35 10.25 -44.35
C LEU C 309 1.59 10.77 -42.94
N SER C 310 0.56 11.39 -42.37
CA SER C 310 0.64 12.06 -41.09
C SER C 310 0.97 11.10 -39.93
N GLN C 311 0.22 10.00 -39.82
CA GLN C 311 0.47 8.98 -38.80
C GLN C 311 1.80 8.27 -38.98
N SER C 312 2.18 7.99 -40.22
CA SER C 312 3.50 7.45 -40.49
C SER C 312 4.59 8.40 -40.00
N PHE C 313 4.44 9.68 -40.30
CA PHE C 313 5.41 10.68 -39.89
C PHE C 313 5.50 10.82 -38.37
N SER C 314 4.34 10.83 -37.69
CA SER C 314 4.29 10.88 -36.22
C SER C 314 5.07 9.74 -35.60
N GLY C 315 4.98 8.55 -36.21
CA GLY C 315 5.67 7.38 -35.72
C GLY C 315 7.16 7.45 -35.85
N ALA C 316 7.66 8.29 -36.77
CA ALA C 316 9.09 8.41 -37.05
C ALA C 316 9.75 9.58 -36.32
N LEU C 317 8.93 10.57 -35.90
CA LEU C 317 9.41 11.81 -35.30
C LEU C 317 10.12 11.56 -33.99
N LYS C 318 11.26 12.21 -33.81
CA LYS C 318 11.93 12.20 -32.53
C LYS C 318 11.32 13.28 -31.63
N ILE C 319 11.57 13.19 -30.31
CA ILE C 319 11.24 14.25 -29.36
C ILE C 319 12.50 14.85 -28.77
N MET C 320 12.38 15.99 -28.09
CA MET C 320 13.52 16.75 -27.58
C MET C 320 14.46 15.96 -26.65
N THR C 321 13.89 15.00 -25.91
CA THR C 321 14.68 14.21 -24.97
C THR C 321 15.52 13.12 -25.66
N GLU C 322 15.25 12.86 -26.93
CA GLU C 322 15.98 11.88 -27.74
C GLU C 322 17.04 12.48 -28.68
N ASP C 323 16.94 13.79 -28.93
CA ASP C 323 17.80 14.49 -29.88
C ASP C 323 17.93 15.94 -29.45
N SER C 324 19.16 16.36 -29.15
CA SER C 324 19.44 17.66 -28.55
C SER C 324 19.11 18.86 -29.43
N THR C 325 18.94 18.65 -30.74
CA THR C 325 18.59 19.72 -31.67
C THR C 325 17.08 19.90 -31.81
N SER C 326 16.32 18.86 -31.46
CA SER C 326 14.85 18.86 -31.66
C SER C 326 14.11 19.83 -30.76
N PHE C 327 13.16 20.56 -31.33
CA PHE C 327 12.29 21.46 -30.55
C PHE C 327 10.93 20.77 -30.37
N ASN C 328 10.86 19.46 -30.54
CA ASN C 328 9.57 18.73 -30.55
C ASN C 328 9.23 18.00 -29.24
N ALA C 329 8.03 18.24 -28.71
CA ALA C 329 7.53 17.53 -27.53
C ALA C 329 6.28 16.74 -27.95
N TYR C 330 5.86 16.87 -29.22
CA TYR C 330 4.76 16.06 -29.78
C TYR C 330 5.24 14.62 -29.73
N GLY C 331 4.71 13.84 -28.79
CA GLY C 331 5.22 12.50 -28.55
C GLY C 331 5.77 12.24 -27.14
N PHE C 332 6.05 13.31 -26.38
CA PHE C 332 6.54 13.19 -25.00
C PHE C 332 5.53 12.51 -24.07
N SER C 333 6.02 11.65 -23.17
CA SER C 333 5.24 11.00 -22.11
C SER C 333 5.86 11.34 -20.76
N TRP C 334 5.03 11.65 -19.76
CA TRP C 334 5.50 11.90 -18.41
C TRP C 334 5.93 10.61 -17.70
N THR C 335 5.34 9.48 -18.12
CA THR C 335 5.53 8.22 -17.44
C THR C 335 6.86 7.58 -17.81
N ASN C 336 7.23 6.53 -17.06
CA ASN C 336 8.40 5.74 -17.34
C ASN C 336 9.67 6.58 -17.45
N GLY C 337 9.83 7.53 -16.52
CA GLY C 337 11.00 8.38 -16.42
C GLY C 337 10.97 9.66 -17.23
N GLY C 338 9.91 9.83 -18.02
CA GLY C 338 9.71 11.01 -18.83
C GLY C 338 9.82 12.31 -18.06
N ALA C 339 9.15 12.37 -16.91
CA ALA C 339 9.19 13.58 -16.08
C ALA C 339 10.62 13.94 -15.67
N GLU C 340 11.43 12.93 -15.32
CA GLU C 340 12.85 13.12 -15.01
C GLU C 340 13.67 13.48 -16.26
N ASP C 341 13.34 12.85 -17.40
CA ASP C 341 13.98 13.15 -18.69
C ASP C 341 13.86 14.62 -19.06
N LEU C 342 12.70 15.21 -18.79
CA LEU C 342 12.48 16.64 -19.03
C LEU C 342 13.48 17.46 -18.23
N ALA C 343 13.63 17.13 -16.95
CA ALA C 343 14.52 17.84 -16.06
C ALA C 343 15.98 17.71 -16.50
N ILE C 344 16.38 16.48 -16.86
CA ILE C 344 17.74 16.20 -17.30
C ILE C 344 18.05 17.00 -18.57
N TRP C 345 17.13 16.94 -19.54
CA TRP C 345 17.22 17.71 -20.76
C TRP C 345 17.32 19.22 -20.46
N ALA C 346 16.48 19.73 -19.55
CA ALA C 346 16.42 21.15 -19.24
C ALA C 346 17.73 21.69 -18.69
N ARG C 347 18.39 20.88 -17.83
CA ARG C 347 19.57 21.31 -17.04
C ARG C 347 20.76 21.61 -17.97
N GLN C 348 20.82 20.92 -19.12
CA GLN C 348 21.91 21.14 -20.07
C GLN C 348 21.75 22.43 -20.90
N ALA C 349 20.71 23.21 -20.62
CA ALA C 349 20.57 24.55 -21.20
C ALA C 349 21.73 25.43 -20.77
N GLY C 350 22.16 26.29 -21.71
CA GLY C 350 23.32 27.13 -21.53
C GLY C 350 23.01 28.59 -21.25
N GLU C 351 24.08 29.35 -20.99
CA GLU C 351 24.04 30.78 -20.72
C GLU C 351 23.45 31.51 -21.93
N ALA C 352 22.40 32.30 -21.68
CA ALA C 352 21.72 33.04 -22.72
C ALA C 352 22.69 34.02 -23.39
N GLY C 353 22.71 33.98 -24.73
CA GLY C 353 23.61 34.80 -25.52
C GLY C 353 24.98 34.22 -25.78
N LYS C 354 25.25 33.03 -25.21
CA LYS C 354 26.51 32.32 -25.36
C LYS C 354 26.34 30.88 -25.86
N LYS C 355 25.39 30.15 -25.26
CA LYS C 355 25.18 28.72 -25.54
C LYS C 355 23.69 28.47 -25.76
N PRO C 356 23.32 27.36 -26.46
CA PRO C 356 21.92 27.10 -26.79
C PRO C 356 21.01 26.95 -25.58
N PRO C 357 19.78 27.53 -25.62
CA PRO C 357 18.77 27.23 -24.63
C PRO C 357 18.19 25.83 -24.88
N ARG C 358 17.25 25.40 -24.03
CA ARG C 358 16.44 24.18 -24.22
C ARG C 358 15.00 24.62 -24.39
N ILE C 359 14.46 24.42 -25.59
CA ILE C 359 13.13 24.83 -25.97
C ILE C 359 12.43 23.62 -26.57
N ALA C 360 11.20 23.36 -26.11
CA ALA C 360 10.41 22.25 -26.60
C ALA C 360 8.95 22.69 -26.68
N CYS C 361 8.33 22.35 -27.82
CA CYS C 361 6.99 22.80 -28.20
C CYS C 361 6.06 21.62 -28.42
N TYR C 362 4.83 21.79 -27.94
CA TYR C 362 3.67 20.91 -28.21
C TYR C 362 2.48 21.83 -28.52
N GLY C 363 2.08 21.92 -29.80
CA GLY C 363 1.12 22.90 -30.21
C GLY C 363 1.52 24.30 -29.79
N ASP C 364 0.63 24.99 -29.08
CA ASP C 364 0.87 26.37 -28.63
C ASP C 364 1.59 26.47 -27.28
N ASP C 365 2.02 25.32 -26.75
CA ASP C 365 2.51 25.18 -25.39
C ASP C 365 4.00 24.90 -25.48
N THR C 366 4.80 25.72 -24.78
CA THR C 366 6.25 25.68 -24.90
C THR C 366 6.93 25.74 -23.52
N ASP C 367 7.98 24.93 -23.34
CA ASP C 367 8.86 24.98 -22.17
C ASP C 367 10.24 25.52 -22.62
N ILE C 368 10.72 26.58 -21.96
CA ILE C 368 11.97 27.27 -22.27
C ILE C 368 12.90 27.36 -21.06
N TYR C 369 14.14 26.90 -21.24
CA TYR C 369 15.22 26.95 -20.22
C TYR C 369 16.43 27.69 -20.78
N TYR C 370 16.99 28.58 -19.96
CA TYR C 370 18.23 29.36 -20.25
C TYR C 370 18.90 29.67 -18.90
N ARG C 371 20.16 30.11 -18.94
CA ARG C 371 20.91 30.50 -17.72
C ARG C 371 21.29 31.99 -17.80
N LYS C 372 21.14 32.71 -16.69
CA LYS C 372 21.62 34.05 -16.48
C LYS C 372 22.61 33.95 -15.33
N ASP C 373 23.88 34.26 -15.61
CA ASP C 373 24.97 34.16 -14.63
C ASP C 373 25.05 32.74 -14.06
N GLY C 374 24.88 31.75 -14.94
CA GLY C 374 24.95 30.34 -14.59
C GLY C 374 23.73 29.72 -13.91
N LYS C 375 22.72 30.54 -13.59
CA LYS C 375 21.53 30.08 -12.87
C LYS C 375 20.43 29.75 -13.87
N LEU C 376 19.75 28.62 -13.67
CA LEU C 376 18.74 28.12 -14.58
C LEU C 376 17.39 28.81 -14.38
N TYR C 377 16.86 29.39 -15.46
CA TYR C 377 15.51 30.03 -15.51
C TYR C 377 14.60 29.21 -16.44
N ARG C 378 13.29 29.33 -16.22
CA ARG C 378 12.23 28.62 -16.99
C ARG C 378 11.12 29.62 -17.36
N ILE C 379 10.66 29.56 -18.62
CA ILE C 379 9.47 30.28 -19.06
C ILE C 379 8.54 29.22 -19.66
N CYS C 380 7.23 29.38 -19.43
CA CYS C 380 6.22 28.47 -19.95
C CYS C 380 5.14 29.27 -20.65
N PRO C 381 5.47 29.96 -21.76
CA PRO C 381 4.50 30.81 -22.46
C PRO C 381 3.50 30.01 -23.32
N ASP C 382 2.34 30.61 -23.57
CA ASP C 382 1.32 30.07 -24.47
C ASP C 382 0.89 31.13 -25.46
N PHE C 383 0.43 30.68 -26.63
CA PHE C 383 -0.09 31.54 -27.67
C PHE C 383 -1.61 31.48 -27.66
N LYS C 384 -2.26 32.60 -27.99
CA LYS C 384 -3.75 32.69 -28.07
C LYS C 384 -4.24 32.45 -29.51
N GLN C 385 -5.34 31.72 -29.68
CA GLN C 385 -5.89 31.36 -31.03
C GLN C 385 -4.74 31.11 -31.99
N MET C 386 -3.83 30.20 -31.64
CA MET C 386 -2.62 29.93 -32.43
C MET C 386 -2.91 29.51 -33.87
N ASP C 387 -3.97 28.74 -34.09
CA ASP C 387 -4.32 28.28 -35.45
C ASP C 387 -4.47 29.47 -36.39
N GLY C 388 -5.14 30.52 -35.93
CA GLY C 388 -5.35 31.73 -36.73
C GLY C 388 -4.05 32.39 -37.19
N SER C 389 -2.97 32.18 -36.43
CA SER C 389 -1.65 32.75 -36.70
C SER C 389 -0.75 31.87 -37.55
N VAL C 390 -1.19 30.65 -37.87
CA VAL C 390 -0.36 29.74 -38.66
C VAL C 390 -0.45 30.14 -40.13
N ASP C 391 0.68 30.63 -40.66
CA ASP C 391 0.77 31.16 -42.01
C ASP C 391 0.80 30.03 -43.02
N ALA C 392 0.30 30.34 -44.23
CA ALA C 392 0.27 29.40 -45.34
C ALA C 392 1.66 28.84 -45.71
N THR C 393 2.72 29.64 -45.56
CA THR C 393 4.07 29.17 -45.89
C THR C 393 4.47 28.00 -44.98
N THR C 394 4.26 28.18 -43.67
CA THR C 394 4.51 27.12 -42.67
C THR C 394 3.71 25.85 -42.98
N ILE C 395 2.43 26.01 -43.31
CA ILE C 395 1.58 24.88 -43.65
C ILE C 395 2.14 24.14 -44.87
N GLU C 396 2.46 24.90 -45.92
CA GLU C 396 3.03 24.35 -47.16
C GLU C 396 4.38 23.65 -46.91
N ALA C 397 5.21 24.24 -46.05
CA ALA C 397 6.53 23.69 -45.74
C ALA C 397 6.43 22.37 -45.01
N VAL C 398 5.50 22.31 -44.04
CA VAL C 398 5.28 21.09 -43.26
C VAL C 398 4.75 19.97 -44.15
N VAL C 399 3.77 20.27 -45.02
CA VAL C 399 3.26 19.27 -45.96
C VAL C 399 4.40 18.76 -46.85
N ASP C 400 5.19 19.70 -47.40
CA ASP C 400 6.33 19.36 -48.24
C ASP C 400 7.33 18.45 -47.52
N TYR C 401 7.63 18.78 -46.26
CA TYR C 401 8.63 18.08 -45.41
C TYR C 401 8.16 16.63 -45.19
N VAL C 402 6.89 16.47 -44.85
CA VAL C 402 6.31 15.15 -44.65
C VAL C 402 6.26 14.36 -45.96
N VAL C 403 5.72 14.97 -47.04
CA VAL C 403 5.65 14.27 -48.31
C VAL C 403 7.05 13.87 -48.77
N ASP C 404 7.99 14.83 -48.73
CA ASP C 404 9.34 14.62 -49.21
C ASP C 404 10.05 13.52 -48.41
N ALA C 405 9.84 13.51 -47.09
CA ALA C 405 10.45 12.50 -46.25
C ALA C 405 10.07 11.09 -46.74
N HIS C 406 8.82 10.94 -47.17
CA HIS C 406 8.32 9.65 -47.65
C HIS C 406 8.86 9.29 -49.03
N VAL C 407 8.81 10.24 -49.96
CA VAL C 407 9.22 9.96 -51.34
C VAL C 407 10.75 9.83 -51.51
N LYS C 408 11.53 10.38 -50.58
CA LYS C 408 12.98 10.15 -50.55
C LYS C 408 13.28 8.72 -50.18
N GLN C 409 12.45 8.16 -49.32
CA GLN C 409 12.61 6.81 -48.83
C GLN C 409 11.98 5.77 -49.76
N TYR C 410 10.88 6.15 -50.42
CA TYR C 410 10.06 5.27 -51.31
C TYR C 410 9.74 6.02 -52.59
N PRO C 411 10.75 6.27 -53.45
CA PRO C 411 10.59 7.17 -54.60
C PRO C 411 9.61 6.70 -55.69
N THR C 412 9.24 5.41 -55.72
CA THR C 412 8.34 4.92 -56.77
C THR C 412 6.93 5.53 -56.70
N ALA C 413 6.58 6.11 -55.56
CA ALA C 413 5.24 6.65 -55.32
C ALA C 413 5.17 8.17 -55.16
N ARG C 414 6.17 8.89 -55.72
CA ARG C 414 6.30 10.36 -55.64
C ARG C 414 5.02 11.01 -56.16
N GLN C 415 4.56 10.68 -57.37
CA GLN C 415 3.50 11.47 -58.01
C GLN C 415 2.19 11.42 -57.26
N PHE C 416 1.76 10.20 -56.90
CA PHE C 416 0.53 10.04 -56.14
C PHE C 416 0.54 10.90 -54.86
N TRP C 417 1.58 10.75 -54.05
CA TRP C 417 1.66 11.43 -52.75
C TRP C 417 1.87 12.95 -52.85
N GLU C 418 2.45 13.42 -53.97
CA GLU C 418 2.50 14.86 -54.25
C GLU C 418 1.09 15.41 -54.50
N GLU C 419 0.23 14.60 -55.15
CA GLU C 419 -1.16 14.98 -55.39
C GLU C 419 -1.92 15.06 -54.08
N VAL C 420 -1.66 14.10 -53.19
CA VAL C 420 -2.27 14.09 -51.87
C VAL C 420 -1.80 15.30 -51.08
N GLY C 421 -0.52 15.67 -51.24
CA GLY C 421 0.06 16.87 -50.64
C GLY C 421 -0.74 18.11 -50.96
N LYS C 422 -1.18 18.23 -52.22
CA LYS C 422 -1.95 19.38 -52.65
C LYS C 422 -3.32 19.44 -51.98
N LEU C 423 -4.00 18.29 -51.94
CA LEU C 423 -5.27 18.16 -51.22
C LEU C 423 -5.10 18.51 -49.75
N TRP C 424 -4.02 18.00 -49.15
CA TRP C 424 -3.71 18.28 -47.76
C TRP C 424 -3.70 19.79 -47.51
N VAL C 425 -2.89 20.51 -48.29
CA VAL C 425 -2.72 21.94 -48.14
C VAL C 425 -4.05 22.67 -48.29
N GLU C 426 -4.84 22.24 -49.28
CA GLU C 426 -6.16 22.82 -49.52
C GLU C 426 -7.08 22.65 -48.31
N MET C 427 -7.10 21.43 -47.75
CA MET C 427 -7.93 21.14 -46.58
C MET C 427 -7.53 21.97 -45.37
N ALA C 428 -6.23 22.24 -45.26
CA ALA C 428 -5.69 22.96 -44.11
C ALA C 428 -5.96 24.46 -44.18
N THR C 429 -6.19 24.98 -45.39
CA THR C 429 -6.26 26.44 -45.62
C THR C 429 -7.53 26.95 -46.28
N GLN C 430 -8.15 26.15 -47.16
CA GLN C 430 -9.15 26.68 -48.10
C GLN C 430 -10.40 25.83 -48.32
N SER C 431 -10.61 24.81 -47.48
CA SER C 431 -11.72 23.91 -47.71
C SER C 431 -13.02 24.70 -47.58
N PRO C 432 -13.98 24.55 -48.52
CA PRO C 432 -15.31 25.09 -48.30
C PRO C 432 -15.97 24.35 -47.12
N PHE C 433 -16.90 25.02 -46.44
CA PHE C 433 -17.54 24.43 -45.28
C PHE C 433 -18.91 24.98 -44.97
N LEU C 434 -19.74 24.14 -44.33
CA LEU C 434 -21.01 24.50 -43.75
C LEU C 434 -20.78 24.93 -42.30
N ILE C 435 -21.73 25.72 -41.78
CA ILE C 435 -21.78 26.13 -40.38
C ILE C 435 -23.14 25.75 -39.81
N ASP C 436 -24.19 26.36 -40.34
CA ASP C 436 -25.57 26.15 -39.91
C ASP C 436 -26.44 26.51 -41.11
N GLY C 437 -27.31 25.57 -41.52
CA GLY C 437 -28.13 25.73 -42.70
C GLY C 437 -27.39 25.23 -43.93
N THR C 438 -27.77 25.78 -45.09
CA THR C 438 -27.28 25.33 -46.38
C THR C 438 -26.13 26.14 -46.98
N LYS C 439 -25.83 27.30 -46.37
CA LYS C 439 -24.83 28.22 -46.91
C LYS C 439 -23.43 27.64 -46.75
N VAL C 440 -22.67 27.66 -47.83
CA VAL C 440 -21.31 27.17 -47.86
C VAL C 440 -20.38 28.37 -47.83
N TYR C 441 -19.39 28.33 -46.96
CA TYR C 441 -18.42 29.42 -46.74
C TYR C 441 -17.01 28.96 -47.10
N ARG C 442 -16.10 29.91 -47.21
CA ARG C 442 -14.64 29.65 -47.29
C ARG C 442 -13.89 30.84 -46.67
N LYS C 443 -12.75 30.53 -46.05
CA LYS C 443 -11.83 31.52 -45.52
C LYS C 443 -11.30 32.37 -46.67
N MET C 444 -11.43 33.70 -46.54
CA MET C 444 -10.99 34.62 -47.58
C MET C 444 -9.51 34.56 -47.87
N GLN C 445 -8.68 34.47 -46.83
CA GLN C 445 -7.23 34.40 -46.98
C GLN C 445 -6.77 32.95 -46.88
N LYS C 446 -5.61 32.65 -47.47
CA LYS C 446 -4.99 31.34 -47.37
C LYS C 446 -4.39 31.11 -45.98
N ASP C 447 -3.80 32.15 -45.40
CA ASP C 447 -3.25 32.09 -44.06
C ASP C 447 -4.30 31.69 -43.03
N GLY C 448 -3.86 30.96 -41.99
CA GLY C 448 -4.74 30.52 -40.92
C GLY C 448 -5.07 29.05 -41.10
N LEU C 449 -4.83 28.26 -40.04
CA LEU C 449 -5.01 26.82 -40.07
C LEU C 449 -6.46 26.50 -39.76
N MET C 450 -7.05 25.64 -40.58
CA MET C 450 -8.39 25.13 -40.38
C MET C 450 -8.34 23.91 -39.45
N THR C 451 -8.27 24.22 -38.15
CA THR C 451 -8.22 23.27 -37.05
C THR C 451 -9.18 22.13 -37.25
N GLY C 452 -8.64 20.90 -37.22
CA GLY C 452 -9.42 19.70 -37.48
C GLY C 452 -8.92 18.90 -38.66
N VAL C 453 -8.21 19.58 -39.56
CA VAL C 453 -7.49 18.91 -40.63
C VAL C 453 -6.47 17.95 -40.00
N VAL C 454 -6.24 16.83 -40.66
CA VAL C 454 -5.17 15.92 -40.29
C VAL C 454 -3.88 16.74 -40.24
N GLY C 455 -3.08 16.53 -39.19
CA GLY C 455 -1.83 17.24 -39.01
C GLY C 455 -1.93 18.51 -38.20
N THR C 456 -3.12 18.84 -37.70
CA THR C 456 -3.39 20.10 -36.99
C THR C 456 -2.32 20.41 -35.95
N THR C 457 -2.08 19.46 -35.05
CA THR C 457 -1.15 19.64 -33.95
C THR C 457 0.31 19.84 -34.45
N LEU C 458 0.69 19.12 -35.49
CA LEU C 458 2.03 19.23 -36.04
C LEU C 458 2.26 20.63 -36.60
N PHE C 459 1.27 21.13 -37.37
CA PHE C 459 1.31 22.49 -37.93
C PHE C 459 1.53 23.54 -36.87
N ASP C 460 0.76 23.45 -35.79
CA ASP C 460 0.87 24.40 -34.68
C ASP C 460 2.25 24.31 -34.04
N THR C 461 2.71 23.07 -33.81
CA THR C 461 3.99 22.80 -33.16
C THR C 461 5.15 23.43 -33.97
N VAL C 462 5.10 23.28 -35.29
CA VAL C 462 6.16 23.76 -36.17
C VAL C 462 6.22 25.27 -36.22
N LYS C 463 5.06 25.92 -36.37
CA LYS C 463 4.96 27.37 -36.36
C LYS C 463 5.56 27.90 -35.07
N SER C 464 5.11 27.34 -33.96
CA SER C 464 5.59 27.69 -32.65
C SER C 464 7.13 27.54 -32.56
N ALA C 465 7.66 26.40 -33.03
CA ALA C 465 9.09 26.12 -32.98
C ALA C 465 9.95 27.03 -33.87
N LEU C 466 9.44 27.37 -35.05
CA LEU C 466 10.11 28.33 -35.94
C LEU C 466 10.27 29.69 -35.25
N ALA C 467 9.21 30.13 -34.57
CA ALA C 467 9.23 31.40 -33.87
C ALA C 467 10.28 31.38 -32.77
N TYR C 468 10.29 30.32 -31.95
CA TYR C 468 11.20 30.18 -30.79
C TYR C 468 12.63 29.95 -31.29
N ASN C 469 12.79 29.30 -32.44
CA ASN C 469 14.10 29.13 -33.05
C ASN C 469 14.72 30.47 -33.46
N ASP C 470 13.88 31.35 -33.99
CA ASP C 470 14.25 32.70 -34.35
C ASP C 470 14.58 33.51 -33.08
N TRP C 471 13.70 33.43 -32.09
CA TRP C 471 13.91 34.02 -30.77
C TRP C 471 15.30 33.67 -30.25
N ALA C 472 15.65 32.38 -30.29
CA ALA C 472 16.94 31.92 -29.79
C ALA C 472 18.12 32.46 -30.61
N ASP C 473 17.94 32.57 -31.93
CA ASP C 473 18.96 33.15 -32.80
C ASP C 473 19.23 34.59 -32.42
N GLN C 474 18.17 35.36 -32.13
CA GLN C 474 18.30 36.75 -31.72
C GLN C 474 19.05 36.88 -30.40
N LEU C 475 18.88 35.90 -29.50
CA LEU C 475 19.66 35.88 -28.25
C LEU C 475 21.15 35.79 -28.55
N MET C 476 21.52 34.96 -29.53
CA MET C 476 22.92 34.78 -29.92
C MET C 476 23.49 36.04 -30.54
N PHE C 477 22.66 36.77 -31.30
CA PHE C 477 23.08 38.03 -31.92
C PHE C 477 23.22 39.18 -30.88
N GLY C 478 22.90 38.90 -29.62
CA GLY C 478 23.11 39.83 -28.52
C GLY C 478 21.87 40.44 -27.88
N SER C 479 20.69 40.24 -28.47
CA SER C 479 19.45 40.86 -28.00
C SER C 479 18.86 40.18 -26.77
N LEU C 480 19.59 40.27 -25.64
CA LEU C 480 19.20 39.67 -24.38
C LEU C 480 17.94 40.23 -23.70
N ASN C 481 17.43 41.37 -24.19
CA ASN C 481 16.19 41.93 -23.65
C ASN C 481 14.94 41.16 -24.12
N LEU C 482 15.11 40.28 -25.11
CA LEU C 482 14.08 39.35 -25.55
C LEU C 482 13.70 38.31 -24.48
N LEU C 483 14.51 38.24 -23.42
CA LEU C 483 14.18 37.47 -22.23
C LEU C 483 13.10 38.14 -21.40
N GLU C 484 12.86 39.43 -21.64
CA GLU C 484 11.92 40.22 -20.87
C GLU C 484 10.55 40.28 -21.54
N GLU C 485 9.51 40.06 -20.74
CA GLU C 485 8.10 40.09 -21.14
C GLU C 485 7.78 41.12 -22.21
N LYS C 486 8.15 42.38 -21.95
CA LYS C 486 7.77 43.51 -22.80
C LYS C 486 8.19 43.31 -24.25
N TYR C 487 9.46 42.95 -24.43
CA TYR C 487 10.15 42.81 -25.74
C TYR C 487 9.82 41.46 -26.36
N ALA C 488 9.66 40.43 -25.53
CA ALA C 488 9.25 39.11 -26.01
C ALA C 488 7.89 39.19 -26.70
N ILE C 489 6.92 39.82 -26.04
CA ILE C 489 5.56 39.94 -26.56
C ILE C 489 5.55 40.72 -27.87
N GLU C 490 6.29 41.84 -27.85
CA GLU C 490 6.48 42.67 -29.04
C GLU C 490 7.07 41.84 -30.20
N PHE C 491 8.13 41.06 -29.90
CA PHE C 491 8.85 40.26 -30.89
C PHE C 491 7.97 39.23 -31.58
N PHE C 492 7.24 38.44 -30.79
CA PHE C 492 6.40 37.37 -31.33
C PHE C 492 5.24 37.90 -32.15
N LYS C 493 4.68 39.04 -31.71
CA LYS C 493 3.61 39.72 -32.45
C LYS C 493 4.14 40.24 -33.79
N ASN C 494 5.12 41.14 -33.73
CA ASN C 494 5.64 41.83 -34.90
C ASN C 494 6.33 40.92 -35.89
N LYS C 495 7.19 40.03 -35.39
CA LYS C 495 8.02 39.17 -36.23
C LYS C 495 7.42 37.81 -36.60
N HIS C 496 6.39 37.37 -35.88
CA HIS C 496 5.80 36.04 -36.15
C HIS C 496 4.28 35.94 -36.14
N GLY C 497 3.59 37.07 -35.90
CA GLY C 497 2.15 37.13 -35.92
C GLY C 497 1.50 36.31 -34.82
N LEU C 498 2.23 36.11 -33.71
CA LEU C 498 1.81 35.26 -32.63
C LEU C 498 1.59 36.08 -31.38
N VAL C 499 0.49 35.81 -30.69
CA VAL C 499 0.07 36.56 -29.52
C VAL C 499 0.30 35.74 -28.25
N ILE C 500 1.22 36.21 -27.40
CA ILE C 500 1.51 35.59 -26.12
C ILE C 500 0.33 35.82 -25.20
N LYS C 501 -0.24 34.72 -24.68
CA LYS C 501 -1.37 34.76 -23.77
C LYS C 501 -0.96 35.52 -22.51
N GLU C 502 -1.82 36.45 -22.07
CA GLU C 502 -1.53 37.32 -20.93
C GLU C 502 -1.07 36.52 -19.71
N GLY C 503 0.00 37.00 -19.08
CA GLY C 503 0.53 36.42 -17.86
C GLY C 503 1.28 35.10 -18.01
N THR C 504 1.60 34.69 -19.24
CA THR C 504 2.35 33.46 -19.47
C THR C 504 3.87 33.64 -19.65
N TRP C 505 4.33 34.88 -19.81
CA TRP C 505 5.77 35.15 -19.90
C TRP C 505 6.28 35.65 -18.54
N LYS C 506 6.62 34.70 -17.64
CA LYS C 506 7.03 34.96 -16.26
C LYS C 506 8.23 34.10 -15.90
N PRO C 507 9.46 34.47 -16.34
CA PRO C 507 10.63 33.64 -16.07
C PRO C 507 10.74 33.35 -14.56
N ALA C 508 11.16 32.12 -14.23
CA ALA C 508 11.25 31.68 -12.86
C ALA C 508 12.55 30.92 -12.62
N LEU C 509 13.17 31.17 -11.46
CA LEU C 509 14.31 30.43 -10.95
C LEU C 509 13.91 28.97 -10.80
N VAL C 510 14.67 28.08 -11.43
CA VAL C 510 14.40 26.66 -11.35
C VAL C 510 15.08 26.08 -10.14
N ASN C 511 14.35 25.20 -9.43
CA ASN C 511 14.90 24.39 -8.38
C ASN C 511 15.55 23.17 -9.01
N GLU C 512 16.79 23.34 -9.50
CA GLU C 512 17.49 22.36 -10.33
C GLU C 512 17.62 20.97 -9.75
N ASP C 513 17.71 20.87 -8.41
CA ASP C 513 17.78 19.60 -7.72
C ASP C 513 16.78 19.64 -6.57
N PRO C 514 15.48 19.42 -6.83
CA PRO C 514 14.45 19.68 -5.83
C PRO C 514 14.52 18.73 -4.63
N GLY C 515 14.13 19.22 -3.44
CA GLY C 515 14.01 18.40 -2.26
C GLY C 515 12.76 17.56 -2.33
N PHE C 516 12.67 16.55 -1.45
CA PHE C 516 11.51 15.69 -1.34
C PHE C 516 10.27 16.55 -1.16
N GLY C 517 9.28 16.38 -2.03
CA GLY C 517 8.03 17.11 -1.96
C GLY C 517 8.06 18.51 -2.54
N GLU C 518 9.23 18.93 -3.05
CA GLU C 518 9.37 20.27 -3.66
C GLU C 518 9.13 20.25 -5.15
N LEU C 519 8.71 21.40 -5.67
CA LEU C 519 8.50 21.64 -7.09
C LEU C 519 9.77 22.11 -7.80
N TRP C 520 9.84 21.77 -9.09
CA TRP C 520 10.92 22.24 -9.98
C TRP C 520 10.63 23.72 -10.15
N THR C 521 9.42 24.09 -10.58
CA THR C 521 8.92 25.48 -10.61
C THR C 521 7.42 25.39 -10.32
N GLU C 522 6.74 26.52 -10.21
CA GLU C 522 5.27 26.52 -9.95
C GLU C 522 4.54 26.55 -11.28
N GLN C 523 5.28 26.69 -12.38
CA GLN C 523 4.67 26.82 -13.70
C GLN C 523 4.15 25.49 -14.27
N LYS C 524 3.26 25.57 -15.23
CA LYS C 524 2.67 24.41 -15.87
C LYS C 524 3.24 24.28 -17.26
N PHE C 525 3.63 23.06 -17.63
CA PHE C 525 3.92 22.67 -19.02
C PHE C 525 3.04 21.47 -19.31
N LEU C 526 2.34 21.51 -20.46
CA LEU C 526 1.35 20.49 -20.81
C LEU C 526 0.31 20.32 -19.67
N GLY C 527 -0.06 21.46 -19.06
CA GLY C 527 -1.07 21.50 -18.01
C GLY C 527 -0.71 21.00 -16.62
N LEU C 528 0.56 20.65 -16.41
CA LEU C 528 1.01 20.06 -15.14
C LEU C 528 2.30 20.67 -14.60
N GLN C 529 2.40 20.70 -13.27
CA GLN C 529 3.65 21.06 -12.61
C GLN C 529 4.51 19.83 -12.46
N LEU C 530 5.82 20.05 -12.31
CA LEU C 530 6.80 19.00 -12.09
C LEU C 530 7.27 19.07 -10.64
N LYS C 531 7.29 17.90 -9.98
CA LYS C 531 7.52 17.79 -8.54
C LYS C 531 8.34 16.56 -8.31
N VAL C 532 9.09 16.57 -7.20
CA VAL C 532 9.86 15.43 -6.77
C VAL C 532 9.21 14.85 -5.53
N VAL C 533 9.07 13.53 -5.49
CA VAL C 533 8.62 12.83 -4.30
C VAL C 533 9.62 11.75 -3.90
N ARG C 534 9.56 11.37 -2.62
CA ARG C 534 10.47 10.41 -1.97
C ARG C 534 9.98 8.99 -2.26
N ARG C 535 10.93 8.10 -2.58
CA ARG C 535 10.68 6.65 -2.62
C ARG C 535 11.93 6.10 -1.93
N GLU C 536 11.82 5.54 -0.72
CA GLU C 536 12.99 5.11 0.08
C GLU C 536 13.89 6.34 0.27
N ASN C 537 15.03 6.37 -0.43
CA ASN C 537 15.90 7.56 -0.38
C ASN C 537 16.13 8.03 -1.83
N GLU C 538 15.44 7.43 -2.79
CA GLU C 538 15.45 7.89 -4.19
C GLU C 538 14.46 9.09 -4.38
N LYS C 539 14.74 9.90 -5.40
CA LYS C 539 13.82 10.93 -5.89
C LYS C 539 13.12 10.46 -7.16
N VAL C 540 11.79 10.47 -7.17
CA VAL C 540 10.99 10.24 -8.37
C VAL C 540 10.32 11.53 -8.78
N TYR C 541 10.50 11.91 -10.03
CA TYR C 541 9.88 13.09 -10.70
C TYR C 541 8.48 12.71 -11.17
N VAL C 542 7.48 13.49 -10.79
CA VAL C 542 6.08 13.19 -11.05
C VAL C 542 5.30 14.45 -11.40
N PRO C 543 4.18 14.34 -12.15
CA PRO C 543 3.32 15.49 -12.39
C PRO C 543 2.53 15.87 -11.12
N ASN C 544 2.03 17.10 -11.06
CA ASN C 544 1.39 17.66 -9.88
C ASN C 544 0.55 18.85 -10.26
N LEU C 545 -0.56 19.04 -9.52
CA LEU C 545 -1.32 20.28 -9.54
C LEU C 545 -1.84 20.58 -8.14
N PRO C 546 -2.17 21.85 -7.84
CA PRO C 546 -2.90 22.17 -6.62
C PRO C 546 -4.33 21.59 -6.65
N PHE C 547 -4.88 21.35 -5.46
CA PHE C 547 -6.20 20.75 -5.29
C PHE C 547 -7.25 21.38 -6.19
N GLU C 548 -7.26 22.72 -6.23
CA GLU C 548 -8.29 23.48 -6.96
C GLU C 548 -8.41 23.05 -8.43
N ASP C 549 -7.26 22.80 -9.07
CA ASP C 549 -7.22 22.37 -10.45
C ASP C 549 -7.80 20.95 -10.61
N TRP C 550 -7.36 20.02 -9.76
CA TRP C 550 -7.91 18.65 -9.75
C TRP C 550 -9.42 18.69 -9.52
N LEU C 551 -9.86 19.58 -8.62
CA LEU C 551 -11.26 19.68 -8.27
C LEU C 551 -12.11 20.20 -9.45
N THR C 552 -11.54 21.16 -10.20
CA THR C 552 -12.17 21.68 -11.40
C THR C 552 -12.38 20.56 -12.42
N MET C 553 -11.32 19.78 -12.66
CA MET C 553 -11.38 18.62 -13.53
C MET C 553 -12.43 17.62 -13.01
N TRP C 554 -12.44 17.36 -11.71
CA TRP C 554 -13.38 16.40 -11.13
C TRP C 554 -14.84 16.78 -11.42
N VAL C 555 -15.19 18.04 -11.14
CA VAL C 555 -16.58 18.47 -11.19
C VAL C 555 -17.05 18.86 -12.60
N THR C 556 -16.14 18.90 -13.57
CA THR C 556 -16.53 19.11 -14.97
C THR C 556 -16.18 17.92 -15.87
N PRO C 557 -16.87 16.76 -15.71
CA PRO C 557 -16.58 15.61 -16.54
C PRO C 557 -16.76 15.94 -18.04
N ARG C 558 -15.91 15.34 -18.89
CA ARG C 558 -15.86 15.53 -20.36
C ARG C 558 -16.66 14.43 -21.07
N SER C 559 -17.94 14.26 -20.72
CA SER C 559 -18.76 13.23 -21.31
C SER C 559 -19.70 13.82 -22.38
N ARG C 562 -26.73 11.73 -22.13
CA ARG C 562 -26.72 10.26 -22.42
C ARG C 562 -27.82 9.58 -21.58
N SER C 563 -29.09 9.83 -21.91
CA SER C 563 -30.23 9.42 -21.10
C SER C 563 -30.61 7.94 -21.25
N LYS C 564 -29.81 7.16 -21.97
CA LYS C 564 -30.07 5.70 -21.95
C LYS C 564 -29.07 5.05 -20.98
N GLU C 565 -28.36 5.88 -20.18
CA GLU C 565 -27.29 5.38 -19.26
C GLU C 565 -27.85 4.94 -17.91
N THR C 566 -27.68 3.66 -17.58
CA THR C 566 -28.09 3.08 -16.28
C THR C 566 -27.34 3.66 -15.08
N GLU C 567 -27.90 3.49 -13.89
CA GLU C 567 -27.22 3.92 -12.65
C GLU C 567 -25.91 3.17 -12.52
N THR C 568 -25.89 1.92 -12.97
CA THR C 568 -24.68 1.11 -12.87
C THR C 568 -23.51 1.71 -13.64
N MET C 569 -23.76 2.12 -14.89
CA MET C 569 -22.73 2.72 -15.72
C MET C 569 -22.28 4.07 -15.16
N ARG C 570 -23.20 4.81 -14.55
CA ARG C 570 -22.90 6.12 -13.89
C ARG C 570 -22.00 5.87 -12.67
N GLU C 571 -22.33 4.89 -11.83
CA GLU C 571 -21.50 4.51 -10.68
C GLU C 571 -20.09 4.10 -11.14
N ARG C 572 -20.03 3.32 -12.22
CA ARG C 572 -18.77 2.82 -12.81
C ARG C 572 -17.94 3.97 -13.38
N THR C 573 -18.57 4.92 -14.07
CA THR C 573 -17.87 6.09 -14.58
C THR C 573 -17.20 6.90 -13.46
N LEU C 574 -17.90 7.10 -12.34
CA LEU C 574 -17.31 7.80 -11.19
C LEU C 574 -16.02 7.11 -10.76
N PHE C 575 -16.09 5.77 -10.64
CA PHE C 575 -14.94 4.94 -10.29
C PHE C 575 -13.78 5.16 -11.26
N ASP C 576 -14.08 5.07 -12.55
CA ASP C 576 -13.06 5.19 -13.59
C ASP C 576 -12.41 6.57 -13.63
N ARG C 577 -13.21 7.64 -13.48
CA ARG C 577 -12.70 9.03 -13.52
C ARG C 577 -11.80 9.26 -12.31
N ALA C 578 -12.21 8.78 -11.14
CA ALA C 578 -11.42 8.91 -9.92
C ALA C 578 -10.05 8.23 -10.07
N ARG C 579 -10.04 7.05 -10.68
CA ARG C 579 -8.79 6.30 -10.96
C ARG C 579 -7.93 7.13 -11.91
N GLY C 580 -8.53 7.56 -13.04
CA GLY C 580 -7.85 8.35 -14.03
C GLY C 580 -7.13 9.55 -13.44
N LEU C 581 -7.86 10.33 -12.63
CA LEU C 581 -7.28 11.55 -12.04
C LEU C 581 -6.11 11.24 -11.12
N LEU C 582 -6.27 10.24 -10.26
CA LEU C 582 -5.17 9.75 -9.42
C LEU C 582 -3.90 9.48 -10.26
N VAL C 583 -4.07 8.72 -11.35
CA VAL C 583 -2.97 8.37 -12.23
C VAL C 583 -2.28 9.56 -12.88
N THR C 584 -3.09 10.54 -13.33
CA THR C 584 -2.59 11.76 -13.95
C THR C 584 -1.74 12.58 -12.97
N GLY C 585 -2.01 12.43 -11.68
CA GLY C 585 -1.21 13.08 -10.63
C GLY C 585 -1.93 13.54 -9.38
N ALA C 586 -3.26 13.37 -9.35
CA ALA C 586 -4.06 13.72 -8.19
C ALA C 586 -3.62 13.01 -6.90
N VAL C 587 -3.01 11.85 -7.06
CA VAL C 587 -2.52 11.08 -5.92
C VAL C 587 -1.43 11.82 -5.12
N PHE C 588 -0.77 12.79 -5.76
CA PHE C 588 0.32 13.55 -5.15
C PHE C 588 -0.11 14.85 -4.47
N ASP C 589 -1.41 15.13 -4.50
CA ASP C 589 -2.01 16.20 -3.71
C ASP C 589 -2.87 15.53 -2.64
N GLU C 590 -2.67 15.92 -1.39
CA GLU C 590 -3.31 15.20 -0.30
C GLU C 590 -4.84 15.31 -0.25
N ARG C 591 -5.40 16.46 -0.63
CA ARG C 591 -6.88 16.65 -0.68
C ARG C 591 -7.48 15.92 -1.88
N ALA C 592 -6.80 15.95 -3.02
CA ALA C 592 -7.32 15.31 -4.23
C ALA C 592 -7.29 13.80 -4.07
N ARG C 593 -6.19 13.29 -3.51
CA ARG C 593 -5.99 11.85 -3.23
C ARG C 593 -7.14 11.37 -2.33
N GLY C 594 -7.49 12.19 -1.34
CA GLY C 594 -8.56 11.88 -0.40
C GLY C 594 -9.95 11.86 -1.02
N LEU C 595 -10.17 12.75 -2.00
CA LEU C 595 -11.45 12.85 -2.66
C LEU C 595 -11.62 11.64 -3.58
N MET C 596 -10.64 11.40 -4.44
CA MET C 596 -10.69 10.26 -5.40
C MET C 596 -10.83 8.94 -4.65
N GLY C 597 -10.11 8.81 -3.52
CA GLY C 597 -10.19 7.60 -2.73
C GLY C 597 -11.58 7.38 -2.14
N ALA C 598 -12.20 8.47 -1.68
CA ALA C 598 -13.55 8.42 -1.16
C ALA C 598 -14.54 7.93 -2.23
N VAL C 599 -14.38 8.42 -3.45
CA VAL C 599 -15.25 8.02 -4.55
C VAL C 599 -15.05 6.51 -4.86
N ILE C 600 -13.77 6.12 -4.98
CA ILE C 600 -13.40 4.73 -5.15
C ILE C 600 -14.01 3.83 -4.07
N ASN C 601 -13.81 4.18 -2.80
CA ASN C 601 -14.38 3.39 -1.70
C ASN C 601 -15.91 3.35 -1.68
N SER C 602 -16.55 4.38 -2.24
CA SER C 602 -18.00 4.44 -2.39
C SER C 602 -18.57 3.54 -3.46
N THR C 603 -17.72 3.07 -4.36
CA THR C 603 -18.17 2.25 -5.48
C THR C 603 -18.47 0.86 -4.93
N ALA C 604 -19.67 0.36 -5.22
CA ALA C 604 -20.07 -0.96 -4.72
C ALA C 604 -19.14 -2.04 -5.26
N PRO C 605 -18.89 -3.14 -4.48
CA PRO C 605 -17.99 -4.20 -4.93
C PRO C 605 -18.34 -4.75 -6.32
N GLU C 606 -19.63 -4.98 -6.59
CA GLU C 606 -20.09 -5.50 -7.85
C GLU C 606 -19.74 -4.58 -9.02
N VAL C 607 -19.76 -3.26 -8.80
CA VAL C 607 -19.40 -2.29 -9.83
C VAL C 607 -17.90 -2.27 -10.09
N VAL C 608 -17.11 -2.40 -9.03
CA VAL C 608 -15.65 -2.54 -9.13
C VAL C 608 -15.26 -3.76 -9.97
N CYS C 609 -15.97 -4.87 -9.73
CA CYS C 609 -15.57 -6.18 -10.26
C CYS C 609 -16.30 -6.66 -11.55
N MET C 610 -17.31 -5.92 -12.01
CA MET C 610 -18.08 -6.30 -13.19
C MET C 610 -17.21 -6.24 -14.44
N ARG C 611 -17.62 -7.00 -15.45
CA ARG C 611 -17.00 -6.98 -16.80
C ARG C 611 -17.28 -5.63 -17.47
N VAL C 612 -16.29 -5.02 -18.14
CA VAL C 612 -16.41 -3.67 -18.67
C VAL C 612 -15.78 -3.53 -20.05
N ILE C 637 -13.12 -6.81 -17.02
CA ILE C 637 -12.86 -6.62 -15.60
C ILE C 637 -11.56 -5.82 -15.30
N SER C 638 -11.71 -4.53 -14.94
CA SER C 638 -10.62 -3.75 -14.35
C SER C 638 -10.99 -3.37 -12.92
N ASP C 639 -10.47 -4.18 -12.01
CA ASP C 639 -10.86 -4.16 -10.63
C ASP C 639 -9.69 -3.82 -9.72
N GLY C 640 -8.68 -3.16 -10.29
CA GLY C 640 -7.57 -2.59 -9.55
C GLY C 640 -7.81 -1.11 -9.28
N TYR C 641 -6.94 -0.50 -8.46
CA TYR C 641 -6.99 0.96 -8.15
C TYR C 641 -5.57 1.51 -8.10
N PRO C 642 -5.37 2.78 -8.46
CA PRO C 642 -4.04 3.39 -8.37
C PRO C 642 -3.69 3.84 -6.95
N SER C 643 -2.92 3.01 -6.24
CA SER C 643 -2.31 3.36 -4.99
C SER C 643 -1.15 4.32 -5.27
N TYR C 644 -0.79 5.11 -4.26
CA TYR C 644 0.35 6.05 -4.29
C TYR C 644 1.58 5.31 -4.83
N ASP C 645 1.91 4.16 -4.22
CA ASP C 645 3.08 3.41 -4.62
C ASP C 645 3.08 2.97 -6.06
N TRP C 646 1.92 2.52 -6.55
CA TRP C 646 1.80 2.09 -7.94
C TRP C 646 1.98 3.26 -8.91
N VAL C 647 1.39 4.42 -8.56
CA VAL C 647 1.51 5.61 -9.41
C VAL C 647 2.97 6.12 -9.45
N VAL C 648 3.64 6.09 -8.30
CA VAL C 648 5.06 6.45 -8.21
C VAL C 648 5.87 5.53 -9.13
N SER C 649 5.54 4.23 -9.09
CA SER C 649 6.19 3.25 -9.94
C SER C 649 5.96 3.57 -11.42
N LEU C 650 4.73 3.97 -11.76
CA LEU C 650 4.39 4.31 -13.15
C LEU C 650 5.31 5.42 -13.70
N TYR C 651 5.58 6.47 -12.89
CA TYR C 651 6.37 7.65 -13.32
C TYR C 651 7.86 7.36 -13.24
N SER C 652 8.27 6.41 -12.39
CA SER C 652 9.66 5.96 -12.31
C SER C 652 9.98 5.10 -13.52
N ARG C 653 11.23 4.61 -13.59
CA ARG C 653 11.71 3.73 -14.68
C ARG C 653 11.45 2.25 -14.36
N ASP C 654 10.68 1.93 -13.32
CA ASP C 654 10.27 0.55 -13.03
C ASP C 654 9.66 -0.14 -14.23
N HIS C 655 9.72 -1.47 -14.25
CA HIS C 655 9.02 -2.27 -15.25
C HIS C 655 7.53 -2.04 -15.03
N PRO C 656 6.68 -2.15 -16.06
CA PRO C 656 5.24 -1.97 -15.88
C PRO C 656 4.68 -3.09 -14.99
N CYS C 657 3.67 -2.79 -14.16
CA CYS C 657 2.96 -3.79 -13.39
C CYS C 657 1.52 -3.39 -13.22
N ASP C 658 0.69 -4.36 -12.85
CA ASP C 658 -0.73 -4.14 -12.67
C ASP C 658 -0.98 -3.35 -11.41
N MET C 659 -1.99 -2.49 -11.46
CA MET C 659 -2.55 -1.83 -10.29
C MET C 659 -2.91 -2.89 -9.26
N PRO C 660 -2.76 -2.60 -7.95
CA PRO C 660 -3.22 -3.52 -6.91
C PRO C 660 -4.74 -3.73 -6.97
N ARG C 661 -5.18 -4.95 -6.65
CA ARG C 661 -6.60 -5.36 -6.61
C ARG C 661 -7.30 -4.67 -5.44
N VAL C 662 -8.50 -4.17 -5.68
CA VAL C 662 -9.39 -3.68 -4.63
C VAL C 662 -9.86 -4.83 -3.73
N PHE C 663 -10.14 -5.99 -4.34
CA PHE C 663 -10.58 -7.18 -3.58
C PHE C 663 -9.63 -8.34 -3.89
N PRO C 664 -8.63 -8.58 -3.02
CA PRO C 664 -7.62 -9.63 -3.27
C PRO C 664 -8.19 -11.01 -3.61
N GLU C 665 -9.32 -11.39 -3.04
CA GLU C 665 -9.90 -12.75 -3.22
C GLU C 665 -11.11 -12.73 -4.17
N ALA C 666 -11.24 -11.68 -4.97
CA ALA C 666 -12.40 -11.57 -5.89
C ALA C 666 -12.48 -12.78 -6.80
N ALA C 667 -11.37 -13.14 -7.44
CA ALA C 667 -11.34 -14.25 -8.39
C ALA C 667 -11.95 -15.53 -7.82
N THR C 668 -11.48 -15.92 -6.64
CA THR C 668 -11.93 -17.16 -6.00
C THR C 668 -13.35 -17.08 -5.45
N LEU C 669 -13.73 -15.92 -4.93
CA LEU C 669 -15.08 -15.70 -4.41
C LEU C 669 -16.10 -15.73 -5.53
N ILE C 670 -15.75 -15.15 -6.67
CA ILE C 670 -16.62 -15.10 -7.83
C ILE C 670 -16.80 -16.51 -8.40
N ALA C 671 -15.73 -17.31 -8.40
CA ALA C 671 -15.76 -18.70 -8.89
C ALA C 671 -16.38 -19.68 -7.91
N SER C 672 -16.58 -19.27 -6.66
CA SER C 672 -17.02 -20.15 -5.56
C SER C 672 -16.09 -21.35 -5.35
N TYR C 673 -14.80 -21.18 -5.67
CA TYR C 673 -13.76 -22.22 -5.53
C TYR C 673 -12.44 -21.57 -5.13
N ARG C 674 -11.88 -22.00 -4.00
CA ARG C 674 -10.50 -21.69 -3.54
C ARG C 674 -9.72 -23.01 -3.52
N LYS C 675 -8.69 -23.11 -4.35
CA LYS C 675 -7.86 -24.29 -4.41
C LYS C 675 -7.39 -24.67 -3.00
N GLN C 676 -7.45 -25.96 -2.68
CA GLN C 676 -6.80 -26.54 -1.52
C GLN C 676 -5.85 -27.60 -2.05
N VAL C 677 -4.63 -27.62 -1.51
CA VAL C 677 -3.64 -28.65 -1.91
C VAL C 677 -4.07 -29.98 -1.29
N MET C 678 -4.23 -31.00 -2.13
CA MET C 678 -4.57 -32.35 -1.66
C MET C 678 -3.47 -33.29 -2.17
N ASP C 679 -2.67 -33.83 -1.25
CA ASP C 679 -1.50 -34.64 -1.65
C ASP C 679 -1.88 -36.10 -1.91
N THR C 680 -1.53 -36.58 -3.08
CA THR C 680 -1.79 -37.98 -3.46
C THR C 680 -0.70 -38.91 -2.92
N ARG C 681 0.40 -38.37 -2.38
CA ARG C 681 1.56 -39.17 -1.89
C ARG C 681 1.40 -39.56 -0.43
N VAL C 682 0.36 -39.08 0.24
CA VAL C 682 0.16 -39.32 1.69
C VAL C 682 0.05 -40.80 2.05
N VAL C 683 0.60 -41.19 3.19
CA VAL C 683 0.46 -42.58 3.70
C VAL C 683 -0.94 -42.68 4.31
N ILE C 684 -1.73 -43.67 3.86
CA ILE C 684 -3.13 -43.84 4.35
C ILE C 684 -3.15 -44.95 5.41
N THR D 24 -13.02 2.47 -29.75
CA THR D 24 -12.41 3.76 -29.36
C THR D 24 -11.49 4.24 -30.49
N ARG D 25 -10.16 4.24 -30.27
CA ARG D 25 -9.20 4.56 -31.36
C ARG D 25 -8.61 3.26 -31.88
N LEU D 26 -9.14 2.77 -33.00
CA LEU D 26 -8.69 1.50 -33.61
C LEU D 26 -8.27 1.70 -35.06
N SER D 27 -7.63 0.69 -35.64
CA SER D 27 -7.29 0.70 -37.07
C SER D 27 -8.56 0.39 -37.87
N LEU D 28 -8.61 0.85 -39.11
CA LEU D 28 -9.78 0.57 -39.99
C LEU D 28 -9.85 -0.94 -40.20
N GLU D 29 -8.69 -1.58 -40.24
CA GLU D 29 -8.63 -3.04 -40.38
C GLU D 29 -9.37 -3.70 -39.22
N ALA D 30 -9.08 -3.24 -38.00
CA ALA D 30 -9.73 -3.72 -36.79
C ALA D 30 -11.23 -3.42 -36.80
N MET D 31 -11.59 -2.18 -37.17
CA MET D 31 -12.98 -1.78 -37.34
C MET D 31 -13.75 -2.69 -38.29
N LEU D 32 -13.14 -3.04 -39.42
CA LEU D 32 -13.74 -4.02 -40.35
C LEU D 32 -13.96 -5.38 -39.73
N ALA D 33 -12.99 -5.84 -38.93
CA ALA D 33 -13.10 -7.11 -38.22
C ALA D 33 -14.26 -7.10 -37.22
N GLU D 34 -14.40 -6.00 -36.45
CA GLU D 34 -15.51 -5.86 -35.52
C GLU D 34 -16.86 -5.95 -36.24
N ARG D 35 -16.99 -5.20 -37.34
CA ARG D 35 -18.20 -5.22 -38.21
C ARG D 35 -18.48 -6.65 -38.71
N ALA D 36 -17.43 -7.41 -39.03
CA ALA D 36 -17.56 -8.79 -39.55
C ALA D 36 -18.20 -9.70 -38.52
N MET D 37 -17.67 -9.70 -37.29
CA MET D 37 -18.22 -10.50 -36.17
C MET D 37 -19.67 -10.16 -35.88
N VAL D 38 -19.97 -8.87 -35.72
CA VAL D 38 -21.34 -8.41 -35.49
C VAL D 38 -22.28 -8.87 -36.62
N ALA D 39 -21.84 -8.69 -37.87
CA ALA D 39 -22.66 -8.98 -39.05
C ALA D 39 -23.14 -10.44 -39.13
N ARG D 40 -22.30 -11.38 -38.71
CA ARG D 40 -22.56 -12.85 -38.78
C ARG D 40 -23.60 -13.26 -37.71
N GLN D 41 -24.01 -12.32 -36.84
CA GLN D 41 -25.05 -12.56 -35.85
C GLN D 41 -26.39 -11.95 -36.22
N ASP D 42 -26.39 -11.11 -37.25
CA ASP D 42 -27.61 -10.45 -37.73
C ASP D 42 -28.14 -11.22 -38.95
N LEU D 43 -28.98 -12.22 -38.70
CA LEU D 43 -29.52 -13.09 -39.76
C LEU D 43 -30.16 -12.34 -40.91
N ALA D 44 -30.97 -11.32 -40.58
CA ALA D 44 -31.67 -10.53 -41.58
C ALA D 44 -30.70 -9.78 -42.50
N GLY D 45 -29.61 -9.29 -41.90
CA GLY D 45 -28.55 -8.58 -42.62
C GLY D 45 -27.70 -9.50 -43.47
N LEU D 46 -27.38 -10.68 -42.93
CA LEU D 46 -26.73 -11.73 -43.70
C LEU D 46 -27.54 -12.13 -44.93
N LYS D 47 -28.83 -12.38 -44.73
CA LYS D 47 -29.76 -12.74 -45.80
C LYS D 47 -29.68 -11.75 -46.93
N ARG D 48 -29.73 -10.46 -46.59
CA ARG D 48 -29.71 -9.34 -47.56
C ARG D 48 -28.34 -9.31 -48.26
N LYS D 49 -27.24 -9.47 -47.55
CA LYS D 49 -25.88 -9.32 -48.15
C LYS D 49 -25.46 -10.53 -48.99
N LEU D 50 -26.07 -11.71 -48.77
CA LEU D 50 -25.65 -12.97 -49.46
C LEU D 50 -26.70 -13.46 -50.47
N ALA D 51 -27.75 -12.70 -50.75
CA ALA D 51 -28.86 -13.18 -51.60
C ALA D 51 -28.40 -13.70 -52.96
N GLY D 52 -27.56 -12.94 -53.67
CA GLY D 52 -27.11 -13.37 -55.00
C GLY D 52 -25.71 -13.93 -55.02
N ALA D 53 -25.19 -14.38 -53.89
CA ALA D 53 -23.79 -14.85 -53.79
C ALA D 53 -23.53 -16.10 -54.64
N ASP D 54 -22.37 -16.14 -55.29
CA ASP D 54 -21.95 -17.30 -56.06
C ASP D 54 -21.82 -18.47 -55.10
N ARG D 55 -22.52 -19.56 -55.40
CA ARG D 55 -22.68 -20.70 -54.46
C ARG D 55 -22.07 -21.97 -55.09
N VAL D 56 -21.11 -22.58 -54.41
CA VAL D 56 -20.48 -23.83 -54.83
C VAL D 56 -21.39 -24.96 -54.36
N LEU D 57 -22.23 -25.45 -55.28
CA LEU D 57 -23.26 -26.43 -54.95
C LEU D 57 -22.68 -27.80 -54.74
N ALA D 58 -23.24 -28.54 -53.77
CA ALA D 58 -22.88 -29.94 -53.56
C ALA D 58 -23.60 -30.75 -54.63
N PRO D 59 -23.08 -31.94 -55.01
CA PRO D 59 -23.83 -32.90 -55.82
C PRO D 59 -25.11 -33.32 -55.08
N GLN D 60 -26.24 -33.35 -55.79
CA GLN D 60 -27.51 -33.70 -55.18
C GLN D 60 -28.38 -34.50 -56.14
N SER D 61 -29.31 -35.29 -55.58
CA SER D 61 -30.31 -35.97 -56.35
C SER D 61 -31.43 -34.98 -56.62
N PRO D 62 -32.25 -35.23 -57.67
CA PRO D 62 -33.31 -34.30 -58.03
C PRO D 62 -34.50 -34.36 -57.06
N GLU D 63 -35.24 -33.26 -56.98
CA GLU D 63 -36.49 -33.14 -56.25
C GLU D 63 -37.46 -34.22 -56.74
N GLN D 64 -38.20 -34.83 -55.81
CA GLN D 64 -39.23 -35.83 -56.13
C GLN D 64 -40.62 -35.26 -55.98
N CYS D 65 -40.80 -34.37 -55.03
CA CYS D 65 -42.07 -33.69 -54.82
C CYS D 65 -41.81 -32.40 -54.09
N GLY D 66 -42.84 -31.56 -54.01
CA GLY D 66 -42.72 -30.28 -53.30
C GLY D 66 -42.83 -30.44 -51.80
N ARG D 67 -42.52 -29.37 -51.07
CA ARG D 67 -42.54 -29.40 -49.59
C ARG D 67 -43.93 -29.76 -49.05
N GLU D 68 -44.99 -29.18 -49.58
CA GLU D 68 -46.35 -29.42 -49.03
C GLU D 68 -46.62 -30.92 -49.07
N SER D 69 -46.34 -31.60 -50.19
CA SER D 69 -46.50 -33.03 -50.30
C SER D 69 -45.59 -33.80 -49.34
N ALA D 70 -44.33 -33.35 -49.25
CA ALA D 70 -43.34 -33.98 -48.38
C ALA D 70 -43.72 -33.85 -46.90
N GLN D 71 -44.23 -32.68 -46.52
CA GLN D 71 -44.68 -32.43 -45.14
C GLN D 71 -45.86 -33.32 -44.80
N ALA D 72 -46.80 -33.45 -45.74
CA ALA D 72 -47.97 -34.31 -45.56
C ALA D 72 -47.59 -35.78 -45.35
N GLN D 73 -46.62 -36.25 -46.14
CA GLN D 73 -46.12 -37.63 -46.01
C GLN D 73 -45.36 -37.84 -44.71
N ALA D 74 -44.59 -36.84 -44.31
CA ALA D 74 -43.90 -36.84 -43.02
C ALA D 74 -44.90 -36.88 -41.84
N ARG D 75 -45.94 -36.05 -41.90
CA ARG D 75 -47.06 -35.99 -40.91
C ARG D 75 -47.69 -37.37 -40.77
N SER D 76 -48.00 -38.02 -41.91
CA SER D 76 -48.62 -39.33 -41.92
C SER D 76 -47.77 -40.38 -41.20
N VAL D 77 -46.46 -40.41 -41.49
CA VAL D 77 -45.54 -41.35 -40.85
C VAL D 77 -45.39 -41.05 -39.34
N THR D 78 -45.26 -39.76 -39.01
CA THR D 78 -45.10 -39.30 -37.64
C THR D 78 -46.31 -39.68 -36.79
N SER D 79 -47.49 -39.65 -37.41
CA SER D 79 -48.74 -39.98 -36.76
C SER D 79 -48.80 -41.45 -36.35
N GLU D 80 -48.30 -42.34 -37.23
CA GLU D 80 -48.28 -43.77 -36.96
C GLU D 80 -47.28 -44.11 -35.89
N LEU D 81 -46.08 -43.51 -35.98
CA LEU D 81 -45.04 -43.70 -34.98
C LEU D 81 -45.51 -43.28 -33.60
N LYS D 82 -46.23 -42.15 -33.54
CA LYS D 82 -46.69 -41.61 -32.27
C LYS D 82 -47.65 -42.59 -31.56
N SER D 83 -48.58 -43.17 -32.33
CA SER D 83 -49.50 -44.16 -31.77
C SER D 83 -48.78 -45.45 -31.34
N ALA D 84 -47.84 -45.94 -32.16
CA ALA D 84 -47.05 -47.13 -31.82
C ALA D 84 -46.27 -46.94 -30.52
N VAL D 85 -45.63 -45.78 -30.35
CA VAL D 85 -44.87 -45.44 -29.16
C VAL D 85 -45.80 -45.30 -27.95
N LYS D 86 -46.92 -44.58 -28.14
CA LYS D 86 -47.88 -44.35 -27.06
C LYS D 86 -48.46 -45.68 -26.53
N GLU D 87 -48.77 -46.61 -27.45
CA GLU D 87 -49.25 -47.95 -27.10
C GLU D 87 -48.23 -48.75 -26.30
N ALA D 88 -46.98 -48.75 -26.74
CA ALA D 88 -45.93 -49.52 -26.09
C ALA D 88 -45.62 -48.94 -24.71
N GLN D 89 -45.73 -47.61 -24.57
CA GLN D 89 -45.49 -46.92 -23.31
C GLN D 89 -46.59 -47.19 -22.30
N GLY D 90 -47.78 -47.55 -22.81
CA GLY D 90 -48.92 -47.92 -22.00
C GLY D 90 -48.86 -49.32 -21.39
N LEU D 91 -47.90 -50.14 -21.84
CA LEU D 91 -47.75 -51.53 -21.40
C LEU D 91 -47.28 -51.59 -19.95
N GLU D 92 -47.84 -52.55 -19.20
CA GLU D 92 -47.48 -52.75 -17.81
C GLU D 92 -46.06 -53.27 -17.74
N HIS D 93 -45.33 -52.84 -16.70
CA HIS D 93 -43.97 -53.27 -16.49
C HIS D 93 -43.94 -54.30 -15.38
N GLN D 94 -43.00 -55.24 -15.50
CA GLN D 94 -42.86 -56.29 -14.51
C GLN D 94 -42.21 -55.72 -13.22
N THR D 95 -42.41 -56.45 -12.12
CA THR D 95 -41.98 -56.05 -10.80
C THR D 95 -40.46 -55.91 -10.68
N LEU D 96 -40.01 -55.05 -9.76
CA LEU D 96 -38.59 -54.82 -9.48
C LEU D 96 -38.06 -55.67 -8.32
N ASP D 97 -38.71 -56.82 -8.08
CA ASP D 97 -38.37 -57.76 -7.00
C ASP D 97 -37.00 -58.42 -7.11
N PHE D 98 -36.44 -58.44 -8.32
CA PHE D 98 -35.15 -59.09 -8.60
C PHE D 98 -33.96 -58.29 -8.06
N LEU D 99 -34.24 -57.06 -7.59
CA LEU D 99 -33.25 -56.20 -6.98
C LEU D 99 -33.38 -56.21 -5.47
N GLU D 100 -32.25 -55.96 -4.81
CA GLU D 100 -32.19 -55.77 -3.37
C GLU D 100 -32.78 -54.40 -3.03
N GLN D 101 -33.61 -54.34 -1.98
CA GLN D 101 -34.21 -53.11 -1.49
C GLN D 101 -33.39 -52.61 -0.31
N LEU D 102 -33.13 -51.29 -0.27
CA LEU D 102 -32.34 -50.69 0.80
C LEU D 102 -33.07 -49.57 1.56
N GLY D 103 -34.38 -49.41 1.30
CA GLY D 103 -35.19 -48.37 1.90
C GLY D 103 -35.03 -47.02 1.23
N GLU D 104 -35.30 -45.95 1.97
CA GLU D 104 -35.19 -44.59 1.49
C GLU D 104 -33.93 -43.95 2.07
N TYR D 105 -33.33 -43.02 1.32
CA TYR D 105 -32.12 -42.26 1.73
C TYR D 105 -32.54 -40.84 2.09
N PRO D 106 -31.98 -40.25 3.17
CA PRO D 106 -32.23 -38.84 3.49
C PRO D 106 -31.53 -37.92 2.48
N VAL D 107 -32.16 -36.78 2.14
CA VAL D 107 -31.52 -35.78 1.29
C VAL D 107 -30.30 -35.25 2.03
N CYS D 108 -29.22 -35.02 1.27
CA CYS D 108 -27.95 -34.56 1.80
C CYS D 108 -28.13 -33.19 2.43
N GLY D 109 -27.57 -33.02 3.64
CA GLY D 109 -27.67 -31.76 4.36
C GLY D 109 -26.50 -30.81 4.15
N ILE D 110 -25.48 -31.24 3.41
CA ILE D 110 -24.23 -30.49 3.29
C ILE D 110 -24.44 -29.13 2.61
N LEU D 111 -23.91 -28.08 3.25
CA LEU D 111 -23.98 -26.72 2.75
C LEU D 111 -22.62 -26.30 2.18
N HIS D 112 -22.66 -25.61 1.05
CA HIS D 112 -21.51 -24.89 0.52
C HIS D 112 -21.84 -23.40 0.57
N GLY D 113 -21.44 -22.75 1.67
CA GLY D 113 -21.73 -21.36 1.92
C GLY D 113 -23.20 -21.14 2.23
N ASP D 114 -23.85 -20.30 1.41
CA ASP D 114 -25.24 -19.87 1.59
C ASP D 114 -26.33 -20.79 0.99
N HIS D 115 -25.93 -21.92 0.40
CA HIS D 115 -26.86 -22.87 -0.23
C HIS D 115 -26.52 -24.34 0.06
N PRO D 116 -27.53 -25.25 0.12
CA PRO D 116 -27.28 -26.68 0.18
C PRO D 116 -26.79 -27.21 -1.17
N VAL D 117 -25.95 -28.25 -1.17
CA VAL D 117 -25.46 -28.86 -2.40
C VAL D 117 -26.61 -29.61 -3.13
N HIS D 118 -27.53 -30.17 -2.34
CA HIS D 118 -28.80 -30.69 -2.82
C HIS D 118 -29.80 -29.52 -2.80
N PRO D 119 -30.15 -28.94 -3.97
CA PRO D 119 -30.99 -27.74 -4.00
C PRO D 119 -32.33 -27.94 -3.28
N SER D 120 -32.81 -26.89 -2.60
CA SER D 120 -34.13 -26.87 -1.99
C SER D 120 -35.20 -27.05 -3.07
N GLY D 121 -36.19 -27.88 -2.76
CA GLY D 121 -37.35 -28.07 -3.60
C GLY D 121 -37.21 -28.98 -4.80
N THR D 122 -36.08 -29.69 -4.92
CA THR D 122 -35.87 -30.66 -6.00
C THR D 122 -35.50 -32.00 -5.40
N HIS D 123 -35.97 -33.06 -6.05
CA HIS D 123 -35.58 -34.44 -5.74
C HIS D 123 -35.64 -34.74 -4.25
N ASN D 124 -36.77 -34.34 -3.66
CA ASN D 124 -36.99 -34.41 -2.23
C ASN D 124 -38.47 -34.65 -2.02
N ASN D 125 -38.83 -35.85 -1.53
CA ASN D 125 -40.23 -36.14 -1.27
C ASN D 125 -40.68 -35.69 0.11
N ASN D 126 -40.11 -36.27 1.16
CA ASN D 126 -40.43 -35.85 2.52
C ASN D 126 -39.18 -35.89 3.36
N GLY D 127 -38.15 -35.17 2.90
CA GLY D 127 -36.78 -35.33 3.35
C GLY D 127 -36.03 -36.54 2.79
N LYS D 128 -36.68 -37.28 1.88
CA LYS D 128 -36.08 -38.44 1.20
C LYS D 128 -35.77 -38.13 -0.27
N VAL D 129 -34.65 -38.66 -0.75
CA VAL D 129 -34.23 -38.44 -2.14
C VAL D 129 -35.25 -39.14 -3.02
N SER D 130 -35.67 -38.44 -4.09
CA SER D 130 -36.67 -38.92 -5.02
C SER D 130 -36.32 -38.52 -6.44
N VAL D 131 -36.90 -39.26 -7.40
CA VAL D 131 -36.55 -39.16 -8.79
C VAL D 131 -37.77 -39.66 -9.58
N LYS D 132 -37.95 -39.13 -10.80
CA LYS D 132 -39.11 -39.46 -11.65
C LYS D 132 -38.61 -39.77 -13.05
N ARG D 133 -38.78 -41.02 -13.51
CA ARG D 133 -38.40 -41.45 -14.88
C ARG D 133 -39.31 -40.75 -15.90
N GLN D 134 -38.77 -40.39 -17.06
CA GLN D 134 -39.52 -39.72 -18.11
C GLN D 134 -39.64 -40.63 -19.33
N PHE D 135 -40.88 -40.97 -19.67
CA PHE D 135 -41.12 -41.77 -20.90
C PHE D 135 -42.16 -41.02 -21.73
N ALA D 136 -41.70 -40.07 -22.53
CA ALA D 136 -42.61 -39.25 -23.36
C ALA D 136 -42.61 -39.73 -24.81
N ALA D 137 -43.52 -39.18 -25.63
CA ALA D 137 -43.51 -39.50 -27.07
C ALA D 137 -43.10 -38.25 -27.85
N THR D 141 -42.48 -32.16 -35.56
CA THR D 141 -42.53 -33.40 -36.38
C THR D 141 -41.09 -33.80 -36.72
N SER D 142 -40.83 -34.15 -37.98
CA SER D 142 -39.44 -34.40 -38.39
C SER D 142 -39.16 -33.59 -39.66
N ASP D 143 -38.21 -32.67 -39.54
CA ASP D 143 -37.80 -31.87 -40.72
C ASP D 143 -36.94 -32.76 -41.59
N ALA D 144 -36.20 -33.69 -40.97
CA ALA D 144 -35.36 -34.64 -41.70
C ALA D 144 -36.26 -35.54 -42.55
N LEU D 145 -37.36 -36.00 -41.97
CA LEU D 145 -38.23 -36.89 -42.68
C LEU D 145 -38.84 -36.21 -43.89
N THR D 146 -39.18 -34.93 -43.73
CA THR D 146 -39.68 -34.11 -44.82
C THR D 146 -38.65 -34.03 -45.95
N CYS D 147 -37.39 -33.71 -45.62
CA CYS D 147 -36.30 -33.70 -46.59
C CYS D 147 -36.19 -35.05 -47.35
N ALA D 148 -36.30 -36.16 -46.60
CA ALA D 148 -36.17 -37.49 -47.18
C ALA D 148 -37.22 -37.70 -48.27
N PHE D 149 -38.50 -37.44 -47.92
CA PHE D 149 -39.61 -37.62 -48.88
C PHE D 149 -39.45 -36.67 -50.07
N ARG D 150 -38.88 -35.48 -49.86
CA ARG D 150 -38.75 -34.46 -50.93
C ARG D 150 -37.70 -34.88 -51.96
N PHE D 151 -36.78 -35.75 -51.61
CA PHE D 151 -35.69 -36.08 -52.56
C PHE D 151 -35.55 -37.59 -52.79
N GLU D 152 -36.32 -38.43 -52.09
CA GLU D 152 -36.16 -39.89 -52.23
C GLU D 152 -37.48 -40.61 -52.43
N ASP D 153 -37.37 -41.87 -52.86
CA ASP D 153 -38.52 -42.73 -53.11
C ASP D 153 -39.38 -42.86 -51.83
N SER D 154 -40.66 -42.49 -51.97
CA SER D 154 -41.65 -42.55 -50.88
C SER D 154 -41.73 -43.89 -50.18
N ASP D 155 -41.86 -44.99 -50.94
CA ASP D 155 -42.00 -46.32 -50.36
C ASP D 155 -40.83 -46.62 -49.44
N LEU D 156 -39.62 -46.31 -49.91
CA LEU D 156 -38.41 -46.58 -49.18
C LEU D 156 -38.25 -45.70 -47.92
N VAL D 157 -38.53 -44.40 -48.05
CA VAL D 157 -38.46 -43.49 -46.91
C VAL D 157 -39.45 -43.94 -45.84
N ARG D 158 -40.68 -44.23 -46.29
CA ARG D 158 -41.80 -44.61 -45.41
C ARG D 158 -41.48 -45.89 -44.64
N GLU D 159 -41.05 -46.95 -45.34
CA GLU D 159 -40.77 -48.20 -44.65
C GLU D 159 -39.56 -48.07 -43.72
N THR D 160 -38.57 -47.28 -44.13
CA THR D 160 -37.42 -46.99 -43.27
C THR D 160 -37.78 -46.25 -41.97
N ALA D 161 -38.63 -45.21 -42.09
CA ALA D 161 -39.02 -44.39 -40.95
C ALA D 161 -39.94 -45.14 -39.97
N LEU D 162 -40.71 -46.09 -40.48
CA LEU D 162 -41.63 -46.88 -39.65
C LEU D 162 -40.92 -48.00 -38.89
N LYS D 163 -39.68 -48.31 -39.27
CA LYS D 163 -38.92 -49.40 -38.67
C LYS D 163 -38.20 -49.01 -37.37
N THR D 164 -37.65 -47.80 -37.30
CA THR D 164 -36.89 -47.36 -36.14
C THR D 164 -37.27 -45.93 -35.75
N THR D 165 -37.18 -45.64 -34.46
CA THR D 165 -37.52 -44.32 -33.94
C THR D 165 -36.62 -43.92 -32.76
N TYR D 166 -36.31 -42.62 -32.66
CA TYR D 166 -35.52 -42.03 -31.55
C TYR D 166 -36.48 -41.72 -30.40
N THR D 167 -36.40 -42.47 -29.30
CA THR D 167 -37.42 -42.41 -28.27
C THR D 167 -36.86 -42.70 -26.88
N ASP D 168 -37.51 -42.14 -25.86
CA ASP D 168 -37.27 -42.46 -24.43
C ASP D 168 -37.47 -43.95 -24.10
N GLY D 169 -38.21 -44.68 -24.95
CA GLY D 169 -38.47 -46.09 -24.74
C GLY D 169 -39.72 -46.29 -23.91
N THR D 170 -39.76 -47.39 -23.15
CA THR D 170 -40.94 -47.78 -22.38
C THR D 170 -40.55 -48.32 -21.02
N TRP D 171 -41.46 -48.17 -20.04
CA TRP D 171 -41.32 -48.82 -18.73
C TRP D 171 -41.12 -50.33 -18.85
N ALA D 172 -41.95 -50.97 -19.66
CA ALA D 172 -41.91 -52.41 -19.85
C ALA D 172 -40.54 -52.84 -20.34
N GLY D 173 -40.07 -52.18 -21.40
CA GLY D 173 -38.77 -52.46 -21.99
C GLY D 173 -37.62 -52.14 -21.07
N PHE D 174 -37.70 -51.00 -20.37
CA PHE D 174 -36.72 -50.56 -19.38
C PHE D 174 -36.48 -51.63 -18.31
N VAL D 175 -37.57 -52.11 -17.70
CA VAL D 175 -37.45 -53.07 -16.60
C VAL D 175 -36.95 -54.44 -17.09
N GLN D 176 -37.44 -54.88 -18.26
CA GLN D 176 -37.00 -56.13 -18.84
C GLN D 176 -35.48 -56.13 -19.07
N ARG D 177 -34.95 -55.07 -19.69
CA ARG D 177 -33.49 -54.97 -19.96
C ARG D 177 -32.74 -54.82 -18.63
N LEU D 178 -33.28 -54.06 -17.67
CA LEU D 178 -32.67 -53.93 -16.35
C LEU D 178 -32.48 -55.30 -15.68
N LYS D 179 -33.53 -56.13 -15.71
CA LYS D 179 -33.46 -57.47 -15.14
C LYS D 179 -32.38 -58.31 -15.83
N MET D 180 -32.37 -58.29 -17.16
CA MET D 180 -31.40 -59.02 -17.96
C MET D 180 -29.95 -58.57 -17.67
N GLN D 181 -29.80 -57.27 -17.39
CA GLN D 181 -28.50 -56.67 -17.09
C GLN D 181 -27.99 -56.99 -15.67
N THR D 182 -28.91 -57.24 -14.72
CA THR D 182 -28.57 -57.36 -13.31
C THR D 182 -28.60 -58.77 -12.72
N THR D 183 -29.07 -59.75 -13.51
CA THR D 183 -29.30 -61.10 -13.02
C THR D 183 -28.77 -62.20 -13.96
N ARG D 184 -27.77 -61.90 -14.78
CA ARG D 184 -27.20 -62.90 -15.71
C ARG D 184 -26.15 -63.73 -14.98
N LYS D 185 -26.14 -65.05 -15.23
CA LYS D 185 -25.12 -65.95 -14.69
C LYS D 185 -23.84 -65.74 -15.48
N CYS D 186 -22.81 -65.25 -14.81
CA CYS D 186 -21.53 -64.92 -15.43
C CYS D 186 -20.51 -66.01 -15.14
N VAL D 187 -19.37 -65.93 -15.82
CA VAL D 187 -18.22 -66.78 -15.60
C VAL D 187 -17.03 -65.90 -15.23
N GLN D 188 -16.34 -66.23 -14.13
CA GLN D 188 -15.18 -65.46 -13.71
C GLN D 188 -14.04 -65.73 -14.67
N GLU D 189 -13.40 -64.66 -15.17
CA GLU D 189 -12.29 -64.82 -16.10
C GLU D 189 -11.02 -65.12 -15.33
N LYS D 190 -10.12 -65.88 -15.96
CA LYS D 190 -8.77 -66.10 -15.49
C LYS D 190 -7.92 -64.99 -16.04
N VAL D 191 -7.51 -64.09 -15.15
CA VAL D 191 -6.79 -62.89 -15.58
C VAL D 191 -5.59 -62.59 -14.72
N SER D 192 -4.60 -61.88 -15.27
CA SER D 192 -3.48 -61.34 -14.51
C SER D 192 -2.98 -60.08 -15.19
N ARG D 193 -2.16 -59.30 -14.48
CA ARG D 193 -1.49 -58.08 -15.00
C ARG D 193 -0.67 -58.45 -16.25
N LYS D 194 0.09 -59.53 -16.18
CA LYS D 194 0.88 -60.03 -17.30
C LYS D 194 0.05 -60.21 -18.55
N LEU D 195 -1.11 -60.85 -18.41
CA LEU D 195 -2.01 -61.11 -19.54
C LEU D 195 -2.61 -59.80 -20.11
N LEU D 196 -3.00 -58.87 -19.23
CA LEU D 196 -3.52 -57.58 -19.67
C LEU D 196 -2.44 -56.71 -20.33
N LYS D 197 -1.20 -56.76 -19.85
CA LYS D 197 -0.05 -56.09 -20.49
C LYS D 197 0.08 -56.54 -21.93
N GLN D 198 -0.14 -57.83 -22.16
CA GLN D 198 -0.04 -58.43 -23.49
C GLN D 198 -1.19 -58.01 -24.45
N LEU D 199 -2.43 -58.08 -23.96
CA LEU D 199 -3.61 -57.76 -24.75
C LEU D 199 -3.93 -56.26 -24.83
N PHE D 200 -3.58 -55.51 -23.78
CA PHE D 200 -3.86 -54.09 -23.65
C PHE D 200 -2.61 -53.30 -23.31
N PRO D 201 -1.58 -53.37 -24.18
CA PRO D 201 -0.34 -52.61 -23.98
C PRO D 201 -0.60 -51.11 -24.02
N TYR D 202 0.22 -50.37 -23.28
CA TYR D 202 0.14 -48.89 -23.16
C TYR D 202 1.57 -48.35 -23.09
N ASP D 203 1.72 -47.06 -23.35
CA ASP D 203 3.00 -46.36 -23.19
C ASP D 203 3.02 -45.77 -21.78
N PRO D 204 3.86 -46.30 -20.84
CA PRO D 204 3.90 -45.77 -19.47
C PRO D 204 4.22 -44.28 -19.41
N GLN D 205 4.96 -43.75 -20.40
CA GLN D 205 5.41 -42.38 -20.41
C GLN D 205 4.29 -41.40 -20.70
N LYS D 206 3.20 -41.90 -21.31
CA LYS D 206 2.04 -41.08 -21.66
C LYS D 206 1.01 -41.03 -20.54
N LEU D 207 1.21 -41.81 -19.47
CA LEU D 207 0.34 -41.76 -18.30
C LEU D 207 0.54 -40.46 -17.58
N VAL D 208 -0.55 -39.85 -17.13
CA VAL D 208 -0.47 -38.65 -16.28
C VAL D 208 0.24 -38.98 -14.98
N ASP D 209 1.09 -38.05 -14.52
CA ASP D 209 1.76 -38.19 -13.24
C ASP D 209 0.75 -37.97 -12.13
N VAL D 210 0.15 -39.06 -11.67
CA VAL D 210 -0.93 -39.02 -10.71
C VAL D 210 -0.44 -38.88 -9.25
N SER D 211 0.88 -38.71 -9.10
CA SER D 211 1.47 -38.32 -7.82
C SER D 211 1.57 -36.81 -7.67
N GLY D 212 1.07 -36.08 -8.68
CA GLY D 212 0.90 -34.65 -8.58
C GLY D 212 -0.24 -34.37 -7.61
N GLU D 213 -0.43 -33.09 -7.32
CA GLU D 213 -1.49 -32.62 -6.44
C GLU D 213 -2.86 -32.91 -7.10
N LEU D 214 -3.82 -33.35 -6.27
CA LEU D 214 -5.11 -33.88 -6.72
C LEU D 214 -5.98 -32.86 -7.47
N SER D 215 -6.05 -31.63 -6.96
CA SER D 215 -6.91 -30.60 -7.54
C SER D 215 -6.53 -30.36 -8.98
N GLU D 216 -5.23 -30.19 -9.24
CA GLU D 216 -4.70 -29.98 -10.59
C GLU D 216 -5.06 -31.17 -11.52
N LEU D 217 -4.94 -32.40 -11.00
CA LEU D 217 -5.26 -33.60 -11.77
C LEU D 217 -6.76 -33.64 -12.15
N VAL D 218 -7.62 -33.32 -11.17
CA VAL D 218 -9.05 -33.32 -11.38
C VAL D 218 -9.44 -32.22 -12.38
N LEU D 219 -8.83 -31.04 -12.25
CA LEU D 219 -9.09 -29.92 -13.16
C LEU D 219 -8.76 -30.26 -14.61
N GLY D 220 -7.85 -31.24 -14.80
CA GLY D 220 -7.43 -31.71 -16.11
C GLY D 220 -8.35 -32.69 -16.81
N ILE D 221 -9.35 -33.25 -16.11
CA ILE D 221 -10.22 -34.21 -16.73
C ILE D 221 -11.25 -33.51 -17.60
N LYS D 222 -11.64 -34.15 -18.71
CA LYS D 222 -12.63 -33.63 -19.62
C LYS D 222 -13.96 -34.27 -19.28
N THR D 223 -15.05 -33.53 -19.47
CA THR D 223 -16.38 -34.06 -19.23
C THR D 223 -17.46 -33.31 -20.01
N ASN D 224 -18.69 -33.84 -19.97
CA ASN D 224 -19.83 -33.21 -20.58
C ASN D 224 -20.45 -32.19 -19.62
N ALA D 225 -20.29 -30.91 -19.95
CA ALA D 225 -20.76 -29.82 -19.10
C ALA D 225 -22.27 -29.88 -18.78
N ILE D 226 -23.09 -30.39 -19.70
CA ILE D 226 -24.53 -30.46 -19.49
C ILE D 226 -25.09 -31.82 -19.06
N ALA D 227 -24.22 -32.82 -18.90
CA ALA D 227 -24.59 -34.06 -18.23
C ALA D 227 -24.94 -33.79 -16.76
N SER D 228 -25.89 -34.56 -16.22
CA SER D 228 -26.23 -34.53 -14.81
C SER D 228 -24.97 -34.79 -13.97
N ALA D 229 -24.82 -34.02 -12.91
CA ALA D 229 -23.76 -34.24 -11.92
C ALA D 229 -24.12 -35.35 -10.93
N GLY D 230 -25.31 -35.91 -11.07
CA GLY D 230 -25.80 -36.99 -10.21
C GLY D 230 -26.16 -36.56 -8.81
N PRO D 231 -26.55 -37.50 -7.93
CA PRO D 231 -26.78 -37.18 -6.52
C PRO D 231 -25.46 -36.72 -5.87
N PRO D 232 -25.43 -35.73 -4.95
CA PRO D 232 -26.61 -34.97 -4.51
C PRO D 232 -26.82 -33.60 -5.16
N TYR D 233 -26.09 -33.29 -6.21
CA TYR D 233 -26.13 -31.96 -6.86
C TYR D 233 -27.44 -31.74 -7.63
N TRP D 234 -27.93 -32.73 -8.36
CA TRP D 234 -29.18 -32.65 -9.11
C TRP D 234 -29.24 -31.46 -10.05
N ARG D 235 -28.12 -31.21 -10.73
CA ARG D 235 -28.04 -30.21 -11.81
C ARG D 235 -26.85 -30.55 -12.70
N THR D 236 -26.62 -29.76 -13.74
CA THR D 236 -25.57 -30.04 -14.68
C THR D 236 -24.22 -29.99 -13.99
N LYS D 237 -23.24 -30.67 -14.58
CA LYS D 237 -21.88 -30.62 -14.10
C LYS D 237 -21.34 -29.19 -14.08
N ARG D 238 -21.70 -28.40 -15.08
CA ARG D 238 -21.33 -26.96 -15.20
C ARG D 238 -21.81 -26.21 -13.96
N ASP D 239 -23.08 -26.41 -13.58
CA ASP D 239 -23.66 -25.70 -12.44
C ASP D 239 -23.13 -26.21 -11.12
N ALA D 240 -22.90 -27.52 -11.04
CA ALA D 240 -22.46 -28.17 -9.80
C ALA D 240 -20.95 -28.08 -9.54
N LEU D 241 -20.19 -27.62 -10.54
CA LEU D 241 -18.72 -27.76 -10.48
C LEU D 241 -18.11 -27.17 -9.20
N PRO D 242 -18.45 -25.92 -8.80
CA PRO D 242 -17.86 -25.34 -7.58
C PRO D 242 -18.25 -26.12 -6.32
N ASP D 243 -19.53 -26.49 -6.17
CA ASP D 243 -19.96 -27.30 -5.04
C ASP D 243 -19.14 -28.60 -4.96
N MET D 244 -18.87 -29.22 -6.12
CA MET D 244 -18.10 -30.45 -6.17
C MET D 244 -16.64 -30.24 -5.75
N LEU D 245 -15.95 -29.31 -6.41
CA LEU D 245 -14.52 -29.08 -6.19
C LEU D 245 -14.16 -28.48 -4.85
N ASP D 246 -14.99 -27.53 -4.38
CA ASP D 246 -14.66 -26.68 -3.24
C ASP D 246 -15.15 -27.25 -1.91
N CYS D 247 -16.21 -28.07 -1.97
CA CYS D 247 -16.89 -28.57 -0.81
C CYS D 247 -16.82 -30.11 -0.69
N VAL D 248 -17.42 -30.83 -1.64
CA VAL D 248 -17.59 -32.28 -1.52
C VAL D 248 -16.28 -33.08 -1.72
N LEU D 249 -15.49 -32.70 -2.72
CA LEU D 249 -14.25 -33.39 -3.04
C LEU D 249 -13.23 -33.36 -1.90
N PRO D 250 -12.95 -32.20 -1.25
CA PRO D 250 -12.07 -32.18 -0.07
C PRO D 250 -12.61 -33.07 1.06
N LEU D 251 -13.93 -33.00 1.31
CA LEU D 251 -14.57 -33.87 2.30
C LEU D 251 -14.31 -35.34 1.98
N LEU D 252 -14.50 -35.72 0.72
CA LEU D 252 -14.24 -37.09 0.27
C LEU D 252 -12.77 -37.47 0.46
N TYR D 253 -11.87 -36.60 0.00
CA TYR D 253 -10.40 -36.78 0.13
C TYR D 253 -10.04 -37.00 1.62
N ASP D 254 -10.51 -36.14 2.51
CA ASP D 254 -10.20 -36.26 3.94
C ASP D 254 -10.59 -37.62 4.49
N HIS D 255 -11.78 -38.09 4.12
CA HIS D 255 -12.27 -39.38 4.59
C HIS D 255 -11.57 -40.56 3.94
N ILE D 256 -11.12 -40.41 2.69
CA ILE D 256 -10.35 -41.44 2.01
C ILE D 256 -9.01 -41.65 2.75
N VAL D 257 -8.29 -40.54 2.96
CA VAL D 257 -6.95 -40.59 3.48
C VAL D 257 -6.89 -40.96 4.99
N ARG D 258 -8.02 -40.84 5.69
CA ARG D 258 -8.19 -41.23 7.12
C ARG D 258 -8.91 -42.59 7.22
N LYS D 259 -9.10 -43.31 6.12
CA LYS D 259 -9.72 -44.64 6.14
C LYS D 259 -11.12 -44.58 6.79
N ASP D 260 -11.84 -43.51 6.52
CA ASP D 260 -13.05 -43.18 7.25
C ASP D 260 -14.30 -43.12 6.34
N LEU D 261 -14.26 -43.83 5.21
CA LEU D 261 -15.34 -43.72 4.23
C LEU D 261 -16.70 -44.20 4.74
N THR D 262 -16.72 -45.20 5.63
CA THR D 262 -17.97 -45.76 6.13
C THR D 262 -18.71 -44.77 7.03
N THR D 263 -17.95 -43.97 7.80
CA THR D 263 -18.54 -42.86 8.56
C THR D 263 -19.26 -41.90 7.61
N LEU D 264 -18.56 -41.52 6.54
CA LEU D 264 -19.07 -40.58 5.55
C LEU D 264 -20.32 -41.14 4.86
N ARG D 265 -20.24 -42.40 4.40
CA ARG D 265 -21.37 -43.14 3.78
C ARG D 265 -22.60 -43.10 4.70
N ASN D 266 -22.42 -43.41 5.99
CA ASN D 266 -23.52 -43.46 6.94
C ASN D 266 -24.14 -42.11 7.24
N LYS D 267 -23.29 -41.08 7.33
CA LYS D 267 -23.74 -39.74 7.66
C LYS D 267 -24.37 -39.05 6.44
N HIS D 268 -23.82 -39.31 5.24
CA HIS D 268 -24.29 -38.67 4.00
C HIS D 268 -24.45 -39.68 2.87
N PRO D 269 -25.47 -40.58 2.93
CA PRO D 269 -25.63 -41.66 1.96
C PRO D 269 -25.80 -41.19 0.50
N GLU D 270 -26.40 -40.02 0.30
CA GLU D 270 -26.62 -39.49 -1.03
C GLU D 270 -25.30 -39.24 -1.77
N LEU D 271 -24.18 -39.10 -1.04
CA LEU D 271 -22.87 -38.93 -1.67
C LEU D 271 -22.38 -40.17 -2.42
N PHE D 272 -23.01 -41.32 -2.18
CA PHE D 272 -22.64 -42.59 -2.82
C PHE D 272 -23.80 -43.27 -3.58
N LEU D 273 -24.78 -42.45 -3.98
CA LEU D 273 -25.99 -42.91 -4.62
C LEU D 273 -25.92 -42.59 -6.11
N ALA D 274 -26.38 -43.54 -6.92
CA ALA D 274 -26.50 -43.39 -8.36
C ALA D 274 -27.98 -43.29 -8.73
N GLU D 275 -28.23 -42.85 -9.98
CA GLU D 275 -29.57 -42.85 -10.56
C GLU D 275 -29.58 -43.78 -11.76
N CYS D 276 -30.52 -44.73 -11.77
CA CYS D 276 -30.72 -45.61 -12.91
C CYS D 276 -31.71 -44.94 -13.88
N LYS D 277 -31.25 -44.70 -15.11
CA LYS D 277 -32.03 -43.98 -16.12
C LYS D 277 -32.28 -44.79 -17.40
N ASN D 278 -33.38 -44.48 -18.08
CA ASN D 278 -33.68 -45.03 -19.41
C ASN D 278 -32.96 -44.20 -20.47
N LYS D 279 -32.24 -44.87 -21.36
CA LYS D 279 -31.53 -44.21 -22.44
C LYS D 279 -32.46 -43.90 -23.61
N THR D 280 -32.55 -42.62 -23.96
CA THR D 280 -33.18 -42.20 -25.20
C THR D 280 -32.24 -42.63 -26.31
N ASP D 281 -32.78 -43.34 -27.30
CA ASP D 281 -31.96 -43.98 -28.31
C ASP D 281 -32.79 -44.34 -29.55
N ARG D 282 -32.11 -44.77 -30.61
CA ARG D 282 -32.74 -45.35 -31.83
C ARG D 282 -33.17 -46.77 -31.51
N TYR D 283 -34.48 -47.02 -31.40
CA TYR D 283 -35.06 -48.33 -31.02
C TYR D 283 -35.90 -48.86 -32.19
N GLU D 284 -35.90 -50.19 -32.36
CA GLU D 284 -36.76 -50.85 -33.33
C GLU D 284 -38.18 -50.70 -32.82
N VAL D 285 -39.06 -50.11 -33.63
CA VAL D 285 -40.46 -49.92 -33.26
C VAL D 285 -41.11 -51.23 -32.82
N GLU D 286 -40.80 -52.34 -33.52
CA GLU D 286 -41.36 -53.65 -33.20
C GLU D 286 -41.11 -54.07 -31.74
N SER D 287 -39.92 -53.78 -31.24
CA SER D 287 -39.46 -54.28 -29.93
C SER D 287 -39.39 -53.23 -28.81
N LEU D 288 -40.18 -52.15 -28.94
CA LEU D 288 -40.17 -51.04 -27.97
C LEU D 288 -40.50 -51.49 -26.54
N GLY D 289 -41.51 -52.37 -26.43
CA GLY D 289 -41.96 -52.90 -25.16
C GLY D 289 -41.06 -53.95 -24.53
N GLU D 290 -40.08 -54.45 -25.29
CA GLU D 290 -39.12 -55.46 -24.79
C GLU D 290 -37.71 -54.93 -24.53
N LYS D 291 -37.41 -53.74 -25.03
CA LYS D 291 -36.03 -53.25 -25.02
C LYS D 291 -35.96 -51.72 -24.90
N THR D 292 -35.45 -51.28 -23.73
CA THR D 292 -35.01 -49.91 -23.49
C THR D 292 -33.79 -50.03 -22.58
N ARG D 293 -32.66 -49.44 -23.00
CA ARG D 293 -31.35 -49.60 -22.31
C ARG D 293 -31.34 -48.78 -21.03
N PRO D 294 -30.99 -49.41 -19.89
CA PRO D 294 -30.70 -48.70 -18.65
C PRO D 294 -29.22 -48.32 -18.54
N TYR D 295 -28.94 -47.16 -17.97
CA TYR D 295 -27.57 -46.76 -17.55
C TYR D 295 -27.64 -46.09 -16.18
N PHE D 296 -26.48 -45.89 -15.57
CA PHE D 296 -26.39 -45.37 -14.22
C PHE D 296 -25.60 -44.07 -14.26
N SER D 297 -26.17 -43.04 -13.65
CA SER D 297 -25.56 -41.74 -13.48
C SER D 297 -25.03 -41.66 -12.05
N HIS D 298 -23.72 -41.49 -11.91
CA HIS D 298 -23.06 -41.46 -10.61
C HIS D 298 -22.78 -40.04 -10.09
N PRO D 299 -22.49 -39.88 -8.79
CA PRO D 299 -22.07 -38.59 -8.24
C PRO D 299 -20.82 -38.03 -8.92
N PHE D 300 -20.85 -36.75 -9.26
CA PHE D 300 -19.74 -36.04 -9.94
C PHE D 300 -18.40 -36.24 -9.22
N HIS D 301 -18.40 -36.11 -7.88
CA HIS D 301 -17.14 -36.22 -7.12
C HIS D 301 -16.48 -37.58 -7.27
N LEU D 302 -17.27 -38.66 -7.30
CA LEU D 302 -16.73 -40.02 -7.52
C LEU D 302 -16.26 -40.25 -8.96
N SER D 303 -17.07 -39.84 -9.95
CA SER D 303 -16.72 -40.05 -11.34
C SER D 303 -15.47 -39.23 -11.76
N ALA D 304 -15.40 -37.99 -11.26
CA ALA D 304 -14.30 -37.10 -11.59
C ALA D 304 -12.99 -37.65 -11.07
N LEU D 305 -13.04 -38.23 -9.86
CA LEU D 305 -11.88 -38.82 -9.20
C LEU D 305 -11.35 -40.04 -9.99
N VAL D 306 -12.25 -40.94 -10.34
CA VAL D 306 -11.92 -42.13 -11.13
C VAL D 306 -11.47 -41.78 -12.56
N SER D 307 -12.09 -40.75 -13.16
CA SER D 307 -11.69 -40.27 -14.49
C SER D 307 -10.23 -39.87 -14.61
N VAL D 308 -9.62 -39.43 -13.50
CA VAL D 308 -8.19 -39.08 -13.52
C VAL D 308 -7.39 -40.30 -14.00
N LEU D 309 -7.73 -41.47 -13.45
CA LEU D 309 -7.06 -42.72 -13.80
C LEU D 309 -7.48 -43.19 -15.17
N SER D 310 -8.79 -43.21 -15.42
CA SER D 310 -9.37 -43.74 -16.63
C SER D 310 -8.95 -42.98 -17.89
N GLN D 311 -9.10 -41.65 -17.87
CA GLN D 311 -8.70 -40.79 -18.99
C GLN D 311 -7.19 -40.79 -19.21
N SER D 312 -6.41 -40.80 -18.13
CA SER D 312 -4.96 -40.93 -18.24
C SER D 312 -4.62 -42.25 -18.96
N PHE D 313 -5.25 -43.34 -18.54
CA PHE D 313 -4.99 -44.63 -19.14
C PHE D 313 -5.38 -44.70 -20.62
N SER D 314 -6.54 -44.14 -20.97
CA SER D 314 -6.99 -44.05 -22.35
C SER D 314 -5.98 -43.32 -23.23
N GLY D 315 -5.34 -42.29 -22.68
CA GLY D 315 -4.34 -41.53 -23.40
C GLY D 315 -3.07 -42.29 -23.69
N ALA D 316 -2.79 -43.33 -22.89
CA ALA D 316 -1.57 -44.11 -23.00
C ALA D 316 -1.76 -45.41 -23.79
N LEU D 317 -3.02 -45.86 -23.91
CA LEU D 317 -3.37 -47.14 -24.52
C LEU D 317 -2.99 -47.19 -25.97
N LYS D 318 -2.37 -48.29 -26.37
CA LYS D 318 -2.09 -48.53 -27.77
C LYS D 318 -3.32 -49.18 -28.37
N ILE D 319 -3.40 -49.16 -29.70
CA ILE D 319 -4.43 -49.89 -30.45
C ILE D 319 -3.77 -50.98 -31.28
N MET D 320 -4.59 -51.89 -31.80
CA MET D 320 -4.08 -53.08 -32.52
C MET D 320 -3.16 -52.76 -33.71
N THR D 321 -3.40 -51.63 -34.37
CA THR D 321 -2.60 -51.24 -35.54
C THR D 321 -1.21 -50.73 -35.19
N GLU D 322 -0.96 -50.44 -33.90
CA GLU D 322 0.32 -49.95 -33.41
C GLU D 322 1.18 -51.03 -32.72
N ASP D 323 0.56 -52.14 -32.33
CA ASP D 323 1.22 -53.19 -31.57
C ASP D 323 0.54 -54.51 -31.87
N SER D 324 1.30 -55.45 -32.44
CA SER D 324 0.77 -56.69 -32.98
C SER D 324 0.17 -57.64 -31.95
N THR D 325 0.49 -57.43 -30.66
CA THR D 325 -0.08 -58.25 -29.58
C THR D 325 -1.42 -57.72 -29.06
N SER D 326 -1.68 -56.42 -29.29
CA SER D 326 -2.87 -55.77 -28.75
C SER D 326 -4.16 -56.26 -29.41
N PHE D 327 -5.17 -56.54 -28.58
CA PHE D 327 -6.53 -56.87 -29.02
C PHE D 327 -7.44 -55.64 -28.96
N ASN D 328 -6.85 -54.45 -28.82
CA ASN D 328 -7.59 -53.25 -28.49
C ASN D 328 -7.87 -52.33 -29.68
N ALA D 329 -9.16 -52.05 -29.90
CA ALA D 329 -9.62 -51.10 -30.92
C ALA D 329 -10.21 -49.82 -30.32
N TYR D 330 -10.34 -49.78 -29.00
CA TYR D 330 -10.74 -48.58 -28.21
C TYR D 330 -9.64 -47.51 -28.44
N GLY D 331 -9.93 -46.52 -29.29
CA GLY D 331 -8.95 -45.55 -29.74
C GLY D 331 -8.72 -45.51 -31.25
N PHE D 332 -9.18 -46.54 -31.97
CA PHE D 332 -9.05 -46.62 -33.43
C PHE D 332 -9.84 -45.51 -34.11
N SER D 333 -9.23 -44.93 -35.16
CA SER D 333 -9.83 -43.89 -36.02
C SER D 333 -9.80 -44.40 -37.44
N TRP D 334 -10.92 -44.23 -38.16
CA TRP D 334 -10.97 -44.57 -39.59
C TRP D 334 -10.17 -43.58 -40.44
N THR D 335 -10.06 -42.33 -39.95
CA THR D 335 -9.48 -41.25 -40.71
C THR D 335 -7.95 -41.32 -40.72
N ASN D 336 -7.35 -40.50 -41.59
CA ASN D 336 -5.92 -40.36 -41.67
C ASN D 336 -5.19 -41.71 -41.84
N GLY D 337 -5.73 -42.55 -42.74
CA GLY D 337 -5.13 -43.82 -43.10
C GLY D 337 -5.56 -45.01 -42.25
N GLY D 338 -6.35 -44.72 -41.21
CA GLY D 338 -6.85 -45.73 -40.29
C GLY D 338 -7.55 -46.88 -40.99
N ALA D 339 -8.43 -46.56 -41.94
CA ALA D 339 -9.17 -47.59 -42.66
C ALA D 339 -8.21 -48.55 -43.40
N GLU D 340 -7.15 -48.00 -44.01
CA GLU D 340 -6.12 -48.81 -44.64
C GLU D 340 -5.26 -49.58 -43.63
N ASP D 341 -4.96 -48.95 -42.48
CA ASP D 341 -4.23 -49.59 -41.38
C ASP D 341 -4.93 -50.86 -40.90
N LEU D 342 -6.26 -50.83 -40.82
CA LEU D 342 -7.04 -52.00 -40.44
C LEU D 342 -6.76 -53.15 -41.41
N ALA D 343 -6.80 -52.84 -42.71
CA ALA D 343 -6.60 -53.84 -43.75
C ALA D 343 -5.18 -54.42 -43.70
N ILE D 344 -4.18 -53.54 -43.52
CA ILE D 344 -2.78 -53.94 -43.46
C ILE D 344 -2.58 -54.86 -42.25
N TRP D 345 -3.08 -54.43 -41.10
CA TRP D 345 -3.06 -55.24 -39.88
C TRP D 345 -3.75 -56.61 -40.11
N ALA D 346 -4.91 -56.62 -40.74
CA ALA D 346 -5.70 -57.84 -40.93
C ALA D 346 -4.95 -58.89 -41.77
N ARG D 347 -4.24 -58.43 -42.80
CA ARG D 347 -3.61 -59.30 -43.83
C ARG D 347 -2.49 -60.13 -43.21
N GLN D 348 -1.84 -59.62 -42.15
CA GLN D 348 -0.77 -60.37 -41.51
C GLN D 348 -1.26 -61.50 -40.58
N ALA D 349 -2.59 -61.69 -40.52
CA ALA D 349 -3.17 -62.85 -39.83
C ALA D 349 -2.69 -64.14 -40.46
N GLY D 350 -2.47 -65.15 -39.60
CA GLY D 350 -1.91 -66.42 -40.01
C GLY D 350 -2.90 -67.56 -40.10
N GLU D 351 -2.38 -68.70 -40.57
CA GLU D 351 -3.13 -69.93 -40.75
C GLU D 351 -3.62 -70.40 -39.38
N ALA D 352 -4.94 -70.63 -39.30
CA ALA D 352 -5.60 -71.04 -38.08
C ALA D 352 -5.02 -72.35 -37.56
N GLY D 353 -4.66 -72.35 -36.27
CA GLY D 353 -4.07 -73.50 -35.59
C GLY D 353 -2.57 -73.61 -35.73
N LYS D 354 -1.94 -72.68 -36.46
CA LYS D 354 -0.50 -72.63 -36.64
C LYS D 354 0.13 -71.27 -36.25
N LYS D 355 -0.51 -70.18 -36.72
CA LYS D 355 -0.02 -68.84 -36.48
C LYS D 355 -1.13 -67.95 -35.93
N PRO D 356 -0.78 -66.84 -35.23
CA PRO D 356 -1.77 -66.00 -34.57
C PRO D 356 -2.79 -65.38 -35.54
N PRO D 357 -4.08 -65.36 -35.15
CA PRO D 357 -5.08 -64.59 -35.88
C PRO D 357 -4.89 -63.09 -35.57
N ARG D 358 -5.72 -62.26 -36.19
CA ARG D 358 -5.80 -60.81 -35.90
C ARG D 358 -7.20 -60.54 -35.35
N ILE D 359 -7.25 -60.16 -34.07
CA ILE D 359 -8.47 -59.96 -33.34
C ILE D 359 -8.38 -58.60 -32.68
N ALA D 360 -9.44 -57.80 -32.83
CA ALA D 360 -9.50 -56.48 -32.22
C ALA D 360 -10.90 -56.21 -31.74
N CYS D 361 -10.99 -55.69 -30.51
CA CYS D 361 -12.24 -55.50 -29.77
C CYS D 361 -12.45 -54.04 -29.41
N TYR D 362 -13.70 -53.60 -29.55
CA TYR D 362 -14.24 -52.31 -29.07
C TYR D 362 -15.59 -52.59 -28.42
N GLY D 363 -15.66 -52.56 -27.10
CA GLY D 363 -16.84 -53.01 -26.39
C GLY D 363 -17.25 -54.41 -26.81
N ASP D 364 -18.50 -54.58 -27.24
CA ASP D 364 -19.03 -55.87 -27.65
C ASP D 364 -18.77 -56.23 -29.12
N ASP D 365 -18.00 -55.38 -29.81
CA ASP D 365 -17.84 -55.42 -31.25
C ASP D 365 -16.41 -55.86 -31.54
N THR D 366 -16.27 -56.91 -32.34
CA THR D 366 -14.99 -57.54 -32.59
C THR D 366 -14.80 -57.84 -34.08
N ASP D 367 -13.58 -57.59 -34.59
CA ASP D 367 -13.14 -57.97 -35.93
C ASP D 367 -12.08 -59.10 -35.80
N ILE D 368 -12.34 -60.22 -36.50
CA ILE D 368 -11.50 -61.43 -36.45
C ILE D 368 -11.06 -61.85 -37.86
N TYR D 369 -9.74 -62.00 -38.03
CA TYR D 369 -9.09 -62.47 -39.28
C TYR D 369 -8.24 -63.71 -38.99
N TYR D 370 -8.37 -64.73 -39.85
CA TYR D 370 -7.58 -65.98 -39.84
C TYR D 370 -7.48 -66.49 -41.28
N ARG D 371 -6.60 -67.46 -41.54
CA ARG D 371 -6.44 -68.08 -42.88
C ARG D 371 -6.77 -69.58 -42.79
N LYS D 372 -7.50 -70.06 -43.80
CA LYS D 372 -7.74 -71.47 -44.03
C LYS D 372 -7.15 -71.75 -45.40
N ASP D 373 -6.13 -72.62 -45.45
CA ASP D 373 -5.40 -72.96 -46.67
C ASP D 373 -4.85 -71.69 -47.33
N GLY D 374 -4.31 -70.80 -46.50
CA GLY D 374 -3.70 -69.55 -46.94
C GLY D 374 -4.64 -68.42 -47.33
N LYS D 375 -5.96 -68.66 -47.32
CA LYS D 375 -6.95 -67.68 -47.76
C LYS D 375 -7.49 -66.96 -46.52
N LEU D 376 -7.61 -65.63 -46.63
CA LEU D 376 -8.02 -64.78 -45.51
C LEU D 376 -9.53 -64.77 -45.32
N TYR D 377 -9.98 -65.10 -44.12
CA TYR D 377 -11.39 -65.07 -43.68
C TYR D 377 -11.58 -63.99 -42.62
N ARG D 378 -12.82 -63.48 -42.51
CA ARG D 378 -13.21 -62.42 -41.54
C ARG D 378 -14.52 -62.83 -40.85
N ILE D 379 -14.57 -62.65 -39.54
CA ILE D 379 -15.79 -62.77 -38.76
C ILE D 379 -15.96 -61.43 -38.02
N CYS D 380 -17.20 -60.98 -37.90
CA CYS D 380 -17.52 -59.73 -37.19
C CYS D 380 -18.63 -60.00 -36.20
N PRO D 381 -18.36 -60.81 -35.16
CA PRO D 381 -19.39 -61.18 -34.20
C PRO D 381 -19.69 -60.06 -33.17
N ASP D 382 -20.90 -60.09 -32.60
CA ASP D 382 -21.30 -59.20 -31.51
C ASP D 382 -21.90 -60.01 -30.39
N PHE D 383 -21.79 -59.46 -29.18
CA PHE D 383 -22.36 -60.05 -27.99
C PHE D 383 -23.64 -59.30 -27.61
N LYS D 384 -24.63 -60.07 -27.13
CA LYS D 384 -25.91 -59.57 -26.69
C LYS D 384 -25.89 -59.15 -25.20
N GLN D 385 -26.50 -57.99 -24.91
CA GLN D 385 -26.57 -57.36 -23.58
C GLN D 385 -25.32 -57.69 -22.78
N MET D 386 -24.19 -57.21 -23.30
CA MET D 386 -22.90 -57.58 -22.82
C MET D 386 -22.59 -57.16 -21.39
N ASP D 387 -23.00 -55.95 -21.00
CA ASP D 387 -22.69 -55.45 -19.66
C ASP D 387 -23.15 -56.41 -18.56
N GLY D 388 -24.30 -57.08 -18.79
CA GLY D 388 -24.81 -58.09 -17.88
C GLY D 388 -23.87 -59.29 -17.68
N SER D 389 -23.03 -59.57 -18.69
CA SER D 389 -22.11 -60.70 -18.70
C SER D 389 -20.71 -60.37 -18.16
N VAL D 390 -20.45 -59.09 -17.84
CA VAL D 390 -19.14 -58.70 -17.35
C VAL D 390 -18.99 -59.09 -15.88
N ASP D 391 -18.13 -60.07 -15.62
CA ASP D 391 -17.95 -60.65 -14.29
C ASP D 391 -17.14 -59.71 -13.38
N ALA D 392 -17.41 -59.81 -12.08
CA ALA D 392 -16.71 -59.04 -11.06
C ALA D 392 -15.18 -59.23 -11.06
N THR D 393 -14.69 -60.42 -11.42
CA THR D 393 -13.26 -60.65 -11.46
C THR D 393 -12.60 -59.78 -12.53
N THR D 394 -13.18 -59.77 -13.73
CA THR D 394 -12.73 -58.90 -14.83
C THR D 394 -12.72 -57.43 -14.42
N ILE D 395 -13.79 -56.98 -13.78
CA ILE D 395 -13.90 -55.60 -13.33
C ILE D 395 -12.77 -55.26 -12.34
N GLU D 396 -12.58 -56.15 -11.35
CA GLU D 396 -11.53 -56.00 -10.34
C GLU D 396 -10.13 -55.99 -10.96
N ALA D 397 -9.92 -56.87 -11.95
CA ALA D 397 -8.63 -56.99 -12.63
C ALA D 397 -8.29 -55.74 -13.44
N VAL D 398 -9.30 -55.20 -14.14
CA VAL D 398 -9.11 -54.00 -14.95
C VAL D 398 -8.78 -52.80 -14.07
N VAL D 399 -9.51 -52.65 -12.95
CA VAL D 399 -9.22 -51.57 -12.01
C VAL D 399 -7.80 -51.70 -11.48
N ASP D 400 -7.44 -52.92 -11.07
CA ASP D 400 -6.10 -53.22 -10.56
C ASP D 400 -5.02 -52.87 -11.59
N TYR D 401 -5.26 -53.25 -12.85
CA TYR D 401 -4.32 -53.07 -13.98
C TYR D 401 -4.09 -51.57 -14.20
N VAL D 402 -5.18 -50.80 -14.22
CA VAL D 402 -5.09 -49.36 -14.39
C VAL D 402 -4.40 -48.70 -13.21
N VAL D 403 -4.84 -49.01 -12.00
CA VAL D 403 -4.19 -48.44 -10.81
C VAL D 403 -2.70 -48.79 -10.78
N ASP D 404 -2.39 -50.08 -10.98
CA ASP D 404 -1.03 -50.57 -10.90
C ASP D 404 -0.14 -49.95 -11.96
N ALA D 405 -0.67 -49.78 -13.18
CA ALA D 405 0.07 -49.14 -14.25
C ALA D 405 0.56 -47.75 -13.82
N HIS D 406 -0.29 -47.03 -13.09
CA HIS D 406 0.05 -45.69 -12.61
C HIS D 406 1.08 -45.72 -11.47
N VAL D 407 0.84 -46.58 -10.48
CA VAL D 407 1.71 -46.62 -9.31
C VAL D 407 3.10 -47.26 -9.58
N LYS D 408 3.22 -48.06 -10.64
CA LYS D 408 4.53 -48.56 -11.08
C LYS D 408 5.36 -47.43 -11.66
N GLN D 409 4.68 -46.48 -12.30
CA GLN D 409 5.33 -45.35 -12.95
C GLN D 409 5.54 -44.20 -11.96
N TYR D 410 4.63 -44.05 -10.99
CA TYR D 410 4.62 -42.93 -10.00
C TYR D 410 4.38 -43.51 -8.60
N PRO D 411 5.35 -44.26 -8.04
CA PRO D 411 5.13 -45.08 -6.84
C PRO D 411 4.77 -44.34 -5.55
N THR D 412 5.06 -43.04 -5.49
CA THR D 412 4.84 -42.25 -4.29
C THR D 412 3.37 -42.10 -3.93
N ALA D 413 2.47 -42.42 -4.87
CA ALA D 413 1.02 -42.23 -4.66
C ALA D 413 0.18 -43.52 -4.63
N ARG D 414 0.82 -44.64 -4.31
CA ARG D 414 0.22 -45.99 -4.35
C ARG D 414 -1.08 -46.03 -3.53
N GLN D 415 -0.99 -45.70 -2.25
CA GLN D 415 -2.09 -45.97 -1.32
C GLN D 415 -3.36 -45.21 -1.66
N PHE D 416 -3.24 -43.91 -1.93
CA PHE D 416 -4.40 -43.10 -2.30
C PHE D 416 -5.15 -43.72 -3.47
N TRP D 417 -4.43 -44.00 -4.57
CA TRP D 417 -5.06 -44.51 -5.79
C TRP D 417 -5.63 -45.93 -5.66
N GLU D 418 -5.05 -46.74 -4.75
CA GLU D 418 -5.64 -48.02 -4.41
C GLU D 418 -7.00 -47.87 -3.72
N GLU D 419 -7.14 -46.84 -2.90
CA GLU D 419 -8.41 -46.53 -2.24
C GLU D 419 -9.45 -46.08 -3.27
N VAL D 420 -9.02 -45.29 -4.24
CA VAL D 420 -9.88 -44.85 -5.32
C VAL D 420 -10.31 -46.06 -6.16
N GLY D 421 -9.38 -47.00 -6.35
CA GLY D 421 -9.64 -48.27 -7.01
C GLY D 421 -10.81 -49.01 -6.39
N LYS D 422 -10.89 -49.01 -5.06
CA LYS D 422 -11.97 -49.71 -4.34
C LYS D 422 -13.32 -49.05 -4.62
N LEU D 423 -13.36 -47.71 -4.56
CA LEU D 423 -14.55 -46.96 -4.91
C LEU D 423 -14.98 -47.25 -6.34
N TRP D 424 -14.00 -47.26 -7.25
CA TRP D 424 -14.24 -47.55 -8.65
C TRP D 424 -15.00 -48.89 -8.79
N VAL D 425 -14.44 -49.95 -8.19
CA VAL D 425 -15.01 -51.29 -8.28
C VAL D 425 -16.43 -51.31 -7.74
N GLU D 426 -16.64 -50.62 -6.61
CA GLU D 426 -17.95 -50.54 -6.00
C GLU D 426 -18.97 -49.87 -6.95
N MET D 427 -18.57 -48.75 -7.55
CA MET D 427 -19.42 -48.03 -8.48
C MET D 427 -19.80 -48.89 -9.70
N ALA D 428 -18.86 -49.73 -10.13
CA ALA D 428 -19.05 -50.55 -11.31
C ALA D 428 -19.98 -51.75 -11.06
N THR D 429 -20.11 -52.18 -9.80
CA THR D 429 -20.77 -53.44 -9.45
C THR D 429 -21.91 -53.36 -8.44
N GLN D 430 -21.82 -52.43 -7.48
CA GLN D 430 -22.65 -52.48 -6.28
C GLN D 430 -23.23 -51.17 -5.79
N SER D 431 -23.15 -50.12 -6.61
CA SER D 431 -23.62 -48.81 -6.19
C SER D 431 -25.10 -48.90 -5.89
N PRO D 432 -25.59 -48.37 -4.75
CA PRO D 432 -27.03 -48.24 -4.56
C PRO D 432 -27.56 -47.22 -5.56
N PHE D 433 -28.85 -47.34 -5.93
CA PHE D 433 -29.42 -46.47 -6.93
C PHE D 433 -30.91 -46.29 -6.82
N LEU D 434 -31.37 -45.12 -7.28
CA LEU D 434 -32.78 -44.83 -7.45
C LEU D 434 -33.19 -45.22 -8.86
N ILE D 435 -34.49 -45.46 -9.06
CA ILE D 435 -35.09 -45.69 -10.37
C ILE D 435 -36.23 -44.69 -10.56
N ASP D 436 -37.25 -44.80 -9.70
CA ASP D 436 -38.42 -43.97 -9.74
C ASP D 436 -39.00 -43.93 -8.34
N GLY D 437 -39.18 -42.72 -7.80
CA GLY D 437 -39.63 -42.51 -6.44
C GLY D 437 -38.46 -42.50 -5.48
N THR D 438 -38.73 -42.88 -4.22
CA THR D 438 -37.75 -42.79 -3.14
C THR D 438 -37.00 -44.08 -2.82
N LYS D 439 -37.44 -45.21 -3.39
CA LYS D 439 -36.89 -46.52 -3.09
C LYS D 439 -35.51 -46.65 -3.68
N VAL D 440 -34.57 -47.09 -2.85
CA VAL D 440 -33.18 -47.29 -3.23
C VAL D 440 -32.97 -48.77 -3.41
N TYR D 441 -32.35 -49.13 -4.53
CA TYR D 441 -32.10 -50.53 -4.93
C TYR D 441 -30.59 -50.79 -4.98
N ARG D 442 -30.24 -52.07 -5.04
CA ARG D 442 -28.87 -52.52 -5.37
C ARG D 442 -28.97 -53.87 -6.12
N LYS D 443 -28.02 -54.10 -7.03
CA LYS D 443 -27.86 -55.36 -7.71
C LYS D 443 -27.51 -56.43 -6.69
N MET D 444 -28.26 -57.53 -6.68
CA MET D 444 -28.06 -58.61 -5.72
C MET D 444 -26.70 -59.27 -5.83
N GLN D 445 -26.22 -59.50 -7.06
CA GLN D 445 -24.92 -60.12 -7.29
C GLN D 445 -23.90 -59.04 -7.63
N LYS D 446 -22.63 -59.34 -7.38
CA LYS D 446 -21.51 -58.46 -7.72
C LYS D 446 -21.28 -58.44 -9.25
N ASP D 447 -21.42 -59.60 -9.88
CA ASP D 447 -21.28 -59.73 -11.33
C ASP D 447 -22.26 -58.83 -12.06
N GLY D 448 -21.85 -58.36 -13.23
CA GLY D 448 -22.63 -57.48 -14.07
C GLY D 448 -22.18 -56.03 -13.92
N LEU D 449 -21.90 -55.40 -15.07
CA LEU D 449 -21.37 -54.05 -15.11
C LEU D 449 -22.52 -53.07 -15.04
N MET D 450 -22.39 -52.07 -14.14
CA MET D 450 -23.35 -50.98 -14.03
C MET D 450 -23.00 -49.89 -15.04
N THR D 451 -23.43 -50.13 -16.28
CA THR D 451 -23.26 -49.27 -17.44
C THR D 451 -23.46 -47.82 -17.09
N GLY D 452 -22.43 -46.99 -17.37
CA GLY D 452 -22.44 -45.58 -17.02
C GLY D 452 -21.33 -45.18 -16.08
N VAL D 453 -20.80 -46.16 -15.33
CA VAL D 453 -19.60 -45.96 -14.54
C VAL D 453 -18.47 -45.54 -15.46
N VAL D 454 -17.57 -44.70 -14.95
CA VAL D 454 -16.33 -44.38 -15.64
C VAL D 454 -15.64 -45.69 -15.97
N GLY D 455 -15.14 -45.79 -17.21
CA GLY D 455 -14.48 -46.97 -17.70
C GLY D 455 -15.36 -48.06 -18.31
N THR D 456 -16.67 -47.78 -18.44
CA THR D 456 -17.66 -48.74 -18.95
C THR D 456 -17.18 -49.47 -20.20
N THR D 457 -16.78 -48.69 -21.20
CA THR D 457 -16.33 -49.23 -22.47
C THR D 457 -15.06 -50.09 -22.36
N LEU D 458 -14.12 -49.68 -21.50
CA LEU D 458 -12.89 -50.42 -21.30
C LEU D 458 -13.19 -51.79 -20.69
N PHE D 459 -14.07 -51.81 -19.67
CA PHE D 459 -14.49 -53.06 -19.02
C PHE D 459 -15.09 -54.05 -20.01
N ASP D 460 -15.98 -53.56 -20.88
CA ASP D 460 -16.61 -54.40 -21.90
C ASP D 460 -15.55 -54.94 -22.86
N THR D 461 -14.66 -54.04 -23.30
CA THR D 461 -13.59 -54.36 -24.24
C THR D 461 -12.68 -55.48 -23.70
N VAL D 462 -12.32 -55.38 -22.42
CA VAL D 462 -11.40 -56.32 -21.78
C VAL D 462 -12.03 -57.69 -21.62
N LYS D 463 -13.28 -57.74 -21.15
CA LYS D 463 -14.03 -58.99 -21.02
C LYS D 463 -14.08 -59.68 -22.37
N SER D 464 -14.48 -58.93 -23.39
CA SER D 464 -14.54 -59.41 -24.75
C SER D 464 -13.17 -59.96 -25.21
N ALA D 465 -12.10 -59.20 -24.96
CA ALA D 465 -10.76 -59.60 -25.40
C ALA D 465 -10.20 -60.84 -24.67
N LEU D 466 -10.50 -60.97 -23.37
CA LEU D 466 -10.15 -62.17 -22.61
C LEU D 466 -10.78 -63.41 -23.23
N ALA D 467 -12.07 -63.28 -23.60
CA ALA D 467 -12.80 -64.38 -24.20
C ALA D 467 -12.16 -64.79 -25.53
N TYR D 468 -11.88 -63.80 -26.39
CA TYR D 468 -11.31 -64.04 -27.74
C TYR D 468 -9.86 -64.50 -27.61
N ASN D 469 -9.12 -64.08 -26.58
CA ASN D 469 -7.74 -64.58 -26.32
C ASN D 469 -7.80 -66.09 -26.03
N ASP D 470 -8.74 -66.50 -25.17
CA ASP D 470 -8.95 -67.94 -24.86
C ASP D 470 -9.33 -68.67 -26.15
N TRP D 471 -10.30 -68.17 -26.91
CA TRP D 471 -10.70 -68.74 -28.22
C TRP D 471 -9.46 -69.00 -29.08
N ALA D 472 -8.60 -68.00 -29.23
CA ALA D 472 -7.39 -68.14 -30.07
C ALA D 472 -6.44 -69.20 -29.49
N ASP D 473 -6.29 -69.25 -28.17
CA ASP D 473 -5.45 -70.29 -27.52
C ASP D 473 -6.00 -71.68 -27.89
N GLN D 474 -7.33 -71.85 -27.82
CA GLN D 474 -7.97 -73.16 -28.11
C GLN D 474 -7.68 -73.54 -29.57
N LEU D 475 -7.66 -72.59 -30.50
CA LEU D 475 -7.29 -72.89 -31.90
C LEU D 475 -5.87 -73.47 -31.93
N MET D 476 -4.97 -72.91 -31.12
CA MET D 476 -3.55 -73.35 -31.14
C MET D 476 -3.45 -74.75 -30.53
N PHE D 477 -4.15 -74.99 -29.42
CA PHE D 477 -4.10 -76.30 -28.72
C PHE D 477 -4.60 -77.40 -29.66
N GLY D 478 -5.49 -77.05 -30.60
CA GLY D 478 -5.96 -78.05 -31.59
C GLY D 478 -7.41 -77.86 -31.97
N SER D 479 -8.27 -77.50 -31.02
CA SER D 479 -9.74 -77.37 -31.30
C SER D 479 -9.99 -76.28 -32.34
N LEU D 480 -10.09 -76.67 -33.62
CA LEU D 480 -10.34 -75.70 -34.72
C LEU D 480 -11.83 -75.68 -35.06
N ASN D 481 -12.62 -76.56 -34.43
CA ASN D 481 -14.09 -76.58 -34.66
C ASN D 481 -14.66 -75.24 -34.20
N LEU D 482 -13.87 -74.48 -33.44
CA LEU D 482 -14.37 -73.19 -32.87
C LEU D 482 -14.57 -72.17 -34.00
N LEU D 483 -13.90 -72.36 -35.15
CA LEU D 483 -14.14 -71.48 -36.29
C LEU D 483 -15.57 -71.54 -36.78
N GLU D 484 -16.30 -72.59 -36.37
CA GLU D 484 -17.65 -72.83 -36.83
C GLU D 484 -18.66 -72.29 -35.82
N GLU D 485 -19.67 -71.59 -36.37
CA GLU D 485 -20.78 -71.01 -35.62
C GLU D 485 -21.25 -71.84 -34.43
N LYS D 486 -21.54 -73.12 -34.68
CA LYS D 486 -22.16 -74.00 -33.69
C LYS D 486 -21.35 -74.08 -32.40
N TYR D 487 -20.04 -74.31 -32.57
CA TYR D 487 -19.06 -74.56 -31.47
C TYR D 487 -18.58 -73.23 -30.90
N ALA D 488 -18.47 -72.21 -31.74
CA ALA D 488 -18.12 -70.85 -31.28
C ALA D 488 -19.15 -70.35 -30.27
N ILE D 489 -20.44 -70.46 -30.63
CA ILE D 489 -21.53 -69.99 -29.77
C ILE D 489 -21.55 -70.75 -28.46
N GLU D 490 -21.42 -72.08 -28.56
CA GLU D 490 -21.31 -72.96 -27.41
C GLU D 490 -20.15 -72.53 -26.48
N PHE D 491 -18.98 -72.30 -27.08
CA PHE D 491 -17.77 -71.94 -26.36
C PHE D 491 -17.90 -70.66 -25.54
N PHE D 492 -18.36 -69.58 -26.19
CA PHE D 492 -18.48 -68.28 -25.53
C PHE D 492 -19.52 -68.29 -24.43
N LYS D 493 -20.62 -69.04 -24.63
CA LYS D 493 -21.67 -69.21 -23.62
C LYS D 493 -21.13 -69.97 -22.41
N ASN D 494 -20.68 -71.20 -22.65
CA ASN D 494 -20.26 -72.10 -21.58
C ASN D 494 -19.02 -71.63 -20.84
N LYS D 495 -17.99 -71.20 -21.60
CA LYS D 495 -16.70 -70.85 -21.03
C LYS D 495 -16.55 -69.37 -20.62
N HIS D 496 -17.42 -68.48 -21.11
CA HIS D 496 -17.28 -67.05 -20.82
C HIS D 496 -18.55 -66.28 -20.48
N GLY D 497 -19.70 -66.96 -20.48
CA GLY D 497 -20.98 -66.37 -20.12
C GLY D 497 -21.42 -65.27 -21.08
N LEU D 498 -20.96 -65.40 -22.34
CA LEU D 498 -21.17 -64.40 -23.37
C LEU D 498 -22.03 -64.98 -24.46
N VAL D 499 -23.02 -64.19 -24.89
CA VAL D 499 -24.01 -64.65 -25.87
C VAL D 499 -23.76 -63.98 -27.21
N ILE D 500 -23.37 -64.77 -28.21
CA ILE D 500 -23.18 -64.28 -29.57
C ILE D 500 -24.54 -63.91 -30.16
N LYS D 501 -24.66 -62.66 -30.61
CA LYS D 501 -25.87 -62.16 -31.22
C LYS D 501 -26.17 -62.98 -32.49
N GLU D 502 -27.43 -63.40 -32.64
CA GLU D 502 -27.89 -64.22 -33.76
C GLU D 502 -27.41 -63.64 -35.10
N GLY D 503 -26.89 -64.52 -35.94
CA GLY D 503 -26.46 -64.16 -37.28
C GLY D 503 -25.19 -63.33 -37.42
N THR D 504 -24.43 -63.18 -36.32
CA THR D 504 -23.18 -62.42 -36.37
C THR D 504 -21.90 -63.27 -36.55
N TRP D 505 -22.02 -64.59 -36.42
CA TRP D 505 -20.89 -65.50 -36.66
C TRP D 505 -21.04 -66.12 -38.04
N LYS D 506 -20.56 -65.39 -39.07
CA LYS D 506 -20.66 -65.75 -40.48
C LYS D 506 -19.33 -65.45 -41.18
N PRO D 507 -18.34 -66.36 -41.05
CA PRO D 507 -17.04 -66.14 -41.68
C PRO D 507 -17.21 -65.83 -43.17
N ALA D 508 -16.40 -64.92 -43.70
CA ALA D 508 -16.47 -64.48 -45.08
C ALA D 508 -15.07 -64.37 -45.68
N LEU D 509 -14.97 -64.79 -46.95
CA LEU D 509 -13.76 -64.65 -47.76
C LEU D 509 -13.50 -63.16 -47.93
N VAL D 510 -12.28 -62.73 -47.58
CA VAL D 510 -11.91 -61.33 -47.67
C VAL D 510 -11.39 -61.04 -49.06
N ASN D 511 -11.80 -59.89 -49.61
CA ASN D 511 -11.20 -59.36 -50.83
C ASN D 511 -9.93 -58.60 -50.45
N GLU D 512 -8.84 -59.36 -50.28
CA GLU D 512 -7.58 -58.86 -49.72
C GLU D 512 -6.97 -57.66 -50.41
N ASP D 513 -7.20 -57.52 -51.71
CA ASP D 513 -6.70 -56.38 -52.49
C ASP D 513 -7.86 -55.87 -53.33
N PRO D 514 -8.80 -55.07 -52.76
CA PRO D 514 -10.05 -54.76 -53.45
C PRO D 514 -9.83 -53.87 -54.69
N GLY D 515 -10.69 -54.04 -55.71
CA GLY D 515 -10.71 -53.19 -56.87
C GLY D 515 -11.37 -51.86 -56.53
N PHE D 516 -11.17 -50.87 -57.40
CA PHE D 516 -11.81 -49.56 -57.29
C PHE D 516 -13.32 -49.77 -57.12
N GLY D 517 -13.88 -49.21 -56.05
CA GLY D 517 -15.30 -49.29 -55.79
C GLY D 517 -15.78 -50.58 -55.14
N GLU D 518 -14.85 -51.51 -54.90
CA GLU D 518 -15.19 -52.78 -54.24
C GLU D 518 -15.01 -52.75 -52.72
N LEU D 519 -15.76 -53.62 -52.05
CA LEU D 519 -15.71 -53.83 -50.62
C LEU D 519 -14.64 -54.87 -50.23
N TRP D 520 -14.13 -54.70 -49.01
CA TRP D 520 -13.20 -55.67 -48.38
C TRP D 520 -14.05 -56.90 -48.09
N THR D 521 -15.07 -56.78 -47.24
CA THR D 521 -16.12 -57.82 -47.04
C THR D 521 -17.43 -57.03 -46.94
N GLU D 522 -18.59 -57.68 -46.91
CA GLU D 522 -19.83 -56.88 -46.75
C GLU D 522 -20.15 -56.71 -45.27
N GLN D 523 -19.39 -57.37 -44.40
CA GLN D 523 -19.63 -57.30 -42.94
C GLN D 523 -19.35 -55.90 -42.38
N LYS D 524 -19.86 -55.65 -41.18
CA LYS D 524 -19.67 -54.33 -40.56
C LYS D 524 -18.85 -54.44 -39.27
N PHE D 525 -17.83 -53.60 -39.14
CA PHE D 525 -17.08 -53.47 -37.89
C PHE D 525 -17.20 -52.01 -37.45
N LEU D 526 -17.50 -51.79 -36.17
CA LEU D 526 -17.76 -50.45 -35.65
C LEU D 526 -18.87 -49.75 -36.48
N GLY D 527 -19.86 -50.53 -36.90
CA GLY D 527 -21.01 -50.03 -37.63
C GLY D 527 -20.84 -49.69 -39.10
N LEU D 528 -19.65 -49.93 -39.66
CA LEU D 528 -19.32 -49.55 -41.03
C LEU D 528 -18.63 -50.65 -41.85
N GLN D 529 -18.89 -50.65 -43.15
CA GLN D 529 -18.18 -51.49 -44.08
C GLN D 529 -16.91 -50.76 -44.53
N LEU D 530 -15.95 -51.53 -45.03
CA LEU D 530 -14.69 -51.03 -45.54
C LEU D 530 -14.69 -51.21 -47.05
N LYS D 531 -14.31 -50.14 -47.75
CA LYS D 531 -14.43 -50.04 -49.20
C LYS D 531 -13.23 -49.30 -49.72
N VAL D 532 -12.87 -49.63 -50.96
CA VAL D 532 -11.75 -48.93 -51.66
C VAL D 532 -12.36 -48.04 -52.73
N VAL D 533 -11.91 -46.81 -52.78
CA VAL D 533 -12.39 -45.84 -53.81
C VAL D 533 -11.18 -45.37 -54.61
N ARG D 534 -11.43 -44.80 -55.78
CA ARG D 534 -10.32 -44.39 -56.65
C ARG D 534 -9.96 -42.91 -56.50
N ARG D 535 -8.68 -42.62 -56.38
CA ARG D 535 -8.21 -41.23 -56.41
C ARG D 535 -7.08 -41.20 -57.42
N GLU D 536 -7.30 -40.59 -58.58
CA GLU D 536 -6.28 -40.60 -59.65
C GLU D 536 -5.98 -42.06 -59.99
N ASN D 537 -4.80 -42.55 -59.65
CA ASN D 537 -4.42 -43.96 -59.89
C ASN D 537 -4.22 -44.62 -58.54
N GLU D 538 -4.66 -43.98 -57.46
CA GLU D 538 -4.42 -44.50 -56.09
C GLU D 538 -5.67 -45.14 -55.50
N LYS D 539 -5.47 -46.10 -54.59
CA LYS D 539 -6.60 -46.66 -53.84
C LYS D 539 -6.65 -46.03 -52.45
N VAL D 540 -7.80 -45.45 -52.09
CA VAL D 540 -8.04 -44.94 -50.75
C VAL D 540 -9.11 -45.80 -50.09
N TYR D 541 -8.79 -46.30 -48.89
CA TYR D 541 -9.70 -47.11 -48.03
C TYR D 541 -10.58 -46.15 -47.23
N VAL D 542 -11.90 -46.38 -47.30
CA VAL D 542 -12.87 -45.47 -46.69
C VAL D 542 -14.04 -46.26 -46.08
N PRO D 543 -14.77 -45.69 -45.09
CA PRO D 543 -15.96 -46.34 -44.56
C PRO D 543 -17.13 -46.25 -45.55
N ASN D 544 -18.13 -47.11 -45.39
CA ASN D 544 -19.23 -47.22 -46.33
C ASN D 544 -20.40 -47.93 -45.65
N LEU D 545 -21.61 -47.53 -46.06
CA LEU D 545 -22.83 -48.27 -45.75
C LEU D 545 -23.78 -48.22 -46.94
N PRO D 546 -24.72 -49.17 -47.06
CA PRO D 546 -25.80 -49.05 -48.02
C PRO D 546 -26.73 -47.87 -47.67
N PHE D 547 -27.40 -47.33 -48.70
CA PHE D 547 -28.27 -46.18 -48.58
C PHE D 547 -29.25 -46.31 -47.40
N GLU D 548 -29.88 -47.48 -47.27
CA GLU D 548 -30.89 -47.74 -46.24
C GLU D 548 -30.41 -47.38 -44.83
N ASP D 549 -29.16 -47.72 -44.51
CA ASP D 549 -28.57 -47.44 -43.22
C ASP D 549 -28.37 -45.93 -43.01
N TRP D 550 -27.80 -45.26 -44.00
CA TRP D 550 -27.62 -43.80 -43.97
C TRP D 550 -28.98 -43.12 -43.80
N LEU D 551 -29.99 -43.64 -44.49
CA LEU D 551 -31.33 -43.08 -44.45
C LEU D 551 -31.99 -43.24 -43.09
N THR D 552 -31.76 -44.39 -42.44
CA THR D 552 -32.22 -44.65 -41.08
C THR D 552 -31.65 -43.61 -40.11
N MET D 553 -30.34 -43.41 -40.21
CA MET D 553 -29.66 -42.40 -39.42
C MET D 553 -30.24 -41.00 -39.73
N TRP D 554 -30.43 -40.69 -41.00
CA TRP D 554 -30.93 -39.39 -41.40
C TRP D 554 -32.29 -39.08 -40.77
N VAL D 555 -33.23 -40.03 -40.87
CA VAL D 555 -34.61 -39.80 -40.45
C VAL D 555 -34.85 -40.00 -38.97
N THR D 556 -33.85 -40.48 -38.22
CA THR D 556 -33.96 -40.56 -36.75
C THR D 556 -32.91 -39.70 -36.05
N PRO D 557 -33.00 -38.36 -36.12
CA PRO D 557 -32.04 -37.49 -35.46
C PRO D 557 -31.98 -37.78 -33.96
N ARG D 558 -30.77 -37.77 -33.39
CA ARG D 558 -30.54 -37.90 -31.93
C ARG D 558 -30.63 -36.51 -31.28
N SER D 559 -31.82 -35.91 -31.26
CA SER D 559 -32.05 -34.61 -30.64
C SER D 559 -32.13 -34.69 -29.10
N GLU D 565 -37.38 -24.20 -29.93
CA GLU D 565 -36.26 -23.80 -30.77
C GLU D 565 -36.72 -23.21 -32.12
N THR D 566 -36.05 -22.13 -32.53
CA THR D 566 -36.38 -21.35 -33.70
C THR D 566 -36.23 -22.12 -35.03
N GLU D 567 -36.90 -21.61 -36.05
CA GLU D 567 -36.82 -22.10 -37.41
C GLU D 567 -35.38 -22.10 -37.90
N THR D 568 -34.62 -21.07 -37.50
CA THR D 568 -33.24 -20.89 -37.92
C THR D 568 -32.34 -22.02 -37.41
N MET D 569 -32.47 -22.35 -36.13
CA MET D 569 -31.68 -23.41 -35.52
C MET D 569 -32.03 -24.78 -36.10
N ARG D 570 -33.30 -24.97 -36.45
CA ARG D 570 -33.81 -26.21 -37.10
C ARG D 570 -33.17 -26.34 -38.48
N GLU D 571 -33.20 -25.27 -39.28
CA GLU D 571 -32.56 -25.25 -40.59
C GLU D 571 -31.05 -25.54 -40.49
N ARG D 572 -30.41 -24.96 -39.49
CA ARG D 572 -28.95 -25.10 -39.24
C ARG D 572 -28.62 -26.54 -38.82
N THR D 573 -29.45 -27.14 -37.97
CA THR D 573 -29.27 -28.52 -37.56
C THR D 573 -29.29 -29.48 -38.79
N LEU D 574 -30.24 -29.28 -39.70
CA LEU D 574 -30.32 -30.08 -40.91
C LEU D 574 -29.00 -30.00 -41.66
N PHE D 575 -28.49 -28.78 -41.84
CA PHE D 575 -27.23 -28.52 -42.51
C PHE D 575 -26.09 -29.29 -41.85
N ASP D 576 -25.97 -29.16 -40.52
CA ASP D 576 -24.90 -29.81 -39.78
C ASP D 576 -24.95 -31.34 -39.83
N ARG D 577 -26.15 -31.91 -39.71
CA ARG D 577 -26.34 -33.38 -39.72
C ARG D 577 -25.97 -33.93 -41.10
N ALA D 578 -26.39 -33.23 -42.16
CA ALA D 578 -26.07 -33.62 -43.54
C ALA D 578 -24.57 -33.65 -43.77
N ARG D 579 -23.86 -32.64 -43.26
CA ARG D 579 -22.39 -32.56 -43.35
C ARG D 579 -21.79 -33.75 -42.58
N GLY D 580 -22.21 -33.92 -41.33
CA GLY D 580 -21.73 -35.00 -40.49
C GLY D 580 -21.82 -36.36 -41.18
N LEU D 581 -23.00 -36.67 -41.73
CA LEU D 581 -23.23 -37.96 -42.37
C LEU D 581 -22.33 -38.17 -43.57
N LEU D 582 -22.23 -37.15 -44.43
CA LEU D 582 -21.27 -37.16 -45.54
C LEU D 582 -19.87 -37.57 -45.06
N VAL D 583 -19.38 -36.88 -44.03
CA VAL D 583 -18.04 -37.12 -43.48
C VAL D 583 -17.85 -38.55 -42.94
N THR D 584 -18.87 -39.05 -42.24
CA THR D 584 -18.85 -40.41 -41.70
C THR D 584 -18.74 -41.48 -42.81
N GLY D 585 -19.22 -41.15 -44.01
CA GLY D 585 -19.12 -42.03 -45.16
C GLY D 585 -20.27 -42.02 -46.17
N ALA D 586 -21.33 -41.25 -45.87
CA ALA D 586 -22.48 -41.12 -46.76
C ALA D 586 -22.10 -40.61 -48.14
N VAL D 587 -20.98 -39.86 -48.22
CA VAL D 587 -20.52 -39.33 -49.48
C VAL D 587 -20.12 -40.42 -50.49
N PHE D 588 -19.85 -41.63 -49.99
CA PHE D 588 -19.43 -42.75 -50.83
C PHE D 588 -20.55 -43.66 -51.31
N ASP D 589 -21.78 -43.33 -50.94
CA ASP D 589 -22.98 -43.98 -51.47
C ASP D 589 -23.69 -42.96 -52.32
N GLU D 590 -24.03 -43.33 -53.55
CA GLU D 590 -24.58 -42.40 -54.52
C GLU D 590 -25.86 -41.69 -54.05
N ARG D 591 -26.81 -42.46 -53.52
CA ARG D 591 -28.13 -41.93 -53.09
C ARG D 591 -27.98 -41.11 -51.81
N ALA D 592 -27.12 -41.54 -50.88
CA ALA D 592 -26.97 -40.82 -49.63
C ALA D 592 -26.28 -39.48 -49.86
N ARG D 593 -25.24 -39.52 -50.72
CA ARG D 593 -24.46 -38.32 -51.13
C ARG D 593 -25.45 -37.30 -51.71
N GLY D 594 -26.37 -37.80 -52.54
CA GLY D 594 -27.37 -36.99 -53.16
C GLY D 594 -28.37 -36.36 -52.23
N LEU D 595 -28.74 -37.08 -51.17
CA LEU D 595 -29.70 -36.62 -50.20
C LEU D 595 -29.07 -35.51 -49.36
N MET D 596 -27.89 -35.80 -48.79
CA MET D 596 -27.18 -34.84 -47.98
C MET D 596 -26.84 -33.56 -48.76
N GLY D 597 -26.45 -33.72 -50.03
CA GLY D 597 -26.14 -32.59 -50.90
C GLY D 597 -27.36 -31.72 -51.13
N ALA D 598 -28.51 -32.36 -51.36
CA ALA D 598 -29.77 -31.66 -51.56
C ALA D 598 -30.12 -30.85 -50.30
N VAL D 599 -29.91 -31.41 -49.12
CA VAL D 599 -30.19 -30.70 -47.86
C VAL D 599 -29.27 -29.49 -47.72
N ILE D 600 -27.97 -29.73 -47.93
CA ILE D 600 -26.98 -28.66 -47.95
C ILE D 600 -27.35 -27.53 -48.92
N ASN D 601 -27.63 -27.87 -50.19
CA ASN D 601 -28.01 -26.86 -51.17
C ASN D 601 -29.34 -26.14 -50.84
N SER D 602 -30.22 -26.79 -50.07
CA SER D 602 -31.48 -26.18 -49.60
C SER D 602 -31.31 -25.19 -48.47
N THR D 603 -30.16 -25.21 -47.80
CA THR D 603 -29.95 -24.40 -46.63
C THR D 603 -29.75 -22.97 -47.09
N ALA D 604 -30.51 -22.04 -46.51
CA ALA D 604 -30.40 -20.62 -46.88
C ALA D 604 -28.99 -20.10 -46.62
N PRO D 605 -28.48 -19.15 -47.45
CA PRO D 605 -27.11 -18.65 -47.31
C PRO D 605 -26.84 -18.13 -45.89
N GLU D 606 -27.78 -17.39 -45.29
CA GLU D 606 -27.62 -16.84 -43.95
C GLU D 606 -27.43 -17.93 -42.91
N VAL D 607 -28.09 -19.08 -43.09
CA VAL D 607 -27.95 -20.20 -42.16
C VAL D 607 -26.60 -20.90 -42.32
N VAL D 608 -26.13 -21.03 -43.56
CA VAL D 608 -24.79 -21.57 -43.82
C VAL D 608 -23.70 -20.69 -43.18
N CYS D 609 -23.88 -19.37 -43.25
CA CYS D 609 -22.83 -18.42 -42.89
C CYS D 609 -22.92 -17.77 -41.47
N MET D 610 -24.00 -18.05 -40.73
CA MET D 610 -24.20 -17.46 -39.40
C MET D 610 -23.16 -17.97 -38.43
N ARG D 611 -22.91 -17.20 -37.37
CA ARG D 611 -22.05 -17.58 -36.22
C ARG D 611 -22.75 -18.72 -35.46
N VAL D 612 -21.99 -19.75 -35.03
CA VAL D 612 -22.60 -20.94 -34.39
C VAL D 612 -21.84 -21.43 -33.16
N ILE D 637 -18.75 -19.46 -37.02
CA ILE D 637 -18.98 -19.61 -38.46
C ILE D 637 -18.30 -20.86 -39.06
N SER D 638 -19.08 -21.93 -39.30
CA SER D 638 -18.61 -23.05 -40.14
C SER D 638 -19.45 -23.11 -41.42
N ASP D 639 -18.87 -22.54 -42.48
CA ASP D 639 -19.58 -22.31 -43.73
C ASP D 639 -18.95 -23.08 -44.89
N GLY D 640 -18.23 -24.15 -44.55
CA GLY D 640 -17.72 -25.11 -45.52
C GLY D 640 -18.65 -26.31 -45.64
N TYR D 641 -18.38 -27.18 -46.62
CA TYR D 641 -19.16 -28.42 -46.84
C TYR D 641 -18.21 -29.54 -47.24
N PRO D 642 -18.53 -30.80 -46.89
CA PRO D 642 -17.70 -31.94 -47.27
C PRO D 642 -17.96 -32.39 -48.72
N SER D 643 -17.09 -31.95 -49.64
CA SER D 643 -17.04 -32.46 -50.99
C SER D 643 -16.44 -33.86 -50.96
N TYR D 644 -16.74 -34.64 -52.00
CA TYR D 644 -16.20 -36.01 -52.21
C TYR D 644 -14.68 -35.95 -52.05
N ASP D 645 -14.02 -35.05 -52.77
CA ASP D 645 -12.56 -34.95 -52.75
C ASP D 645 -12.02 -34.66 -51.36
N TRP D 646 -12.68 -33.77 -50.61
CA TRP D 646 -12.23 -33.42 -49.28
C TRP D 646 -12.36 -34.60 -48.31
N VAL D 647 -13.48 -35.33 -48.42
CA VAL D 647 -13.71 -36.50 -47.56
C VAL D 647 -12.70 -37.62 -47.87
N VAL D 648 -12.42 -37.83 -49.16
CA VAL D 648 -11.39 -38.80 -49.58
C VAL D 648 -10.04 -38.42 -48.96
N SER D 649 -9.73 -37.12 -49.00
CA SER D 649 -8.52 -36.60 -48.40
C SER D 649 -8.49 -36.89 -46.88
N LEU D 650 -9.63 -36.71 -46.22
CA LEU D 650 -9.72 -36.96 -44.79
C LEU D 650 -9.32 -38.40 -44.41
N TYR D 651 -9.77 -39.38 -45.19
CA TYR D 651 -9.54 -40.84 -44.92
C TYR D 651 -8.15 -41.26 -45.40
N SER D 652 -7.59 -40.54 -46.38
CA SER D 652 -6.23 -40.77 -46.83
C SER D 652 -5.24 -40.24 -45.79
N ARG D 653 -3.94 -40.39 -46.07
CA ARG D 653 -2.85 -39.91 -45.19
C ARG D 653 -2.47 -38.47 -45.52
N ASP D 654 -3.23 -37.76 -46.37
CA ASP D 654 -3.00 -36.33 -46.65
C ASP D 654 -2.90 -35.52 -45.38
N HIS D 655 -2.20 -34.37 -45.44
CA HIS D 655 -2.20 -33.40 -44.36
C HIS D 655 -3.63 -32.89 -44.22
N PRO D 656 -4.07 -32.45 -43.02
CA PRO D 656 -5.43 -31.93 -42.86
C PRO D 656 -5.59 -30.63 -43.66
N CYS D 657 -6.79 -30.36 -44.18
CA CYS D 657 -7.13 -29.06 -44.76
C CYS D 657 -8.58 -28.76 -44.50
N ASP D 658 -8.95 -27.49 -44.66
CA ASP D 658 -10.31 -27.06 -44.43
C ASP D 658 -11.22 -27.55 -45.54
N MET D 659 -12.47 -27.85 -45.18
CA MET D 659 -13.54 -28.09 -46.11
C MET D 659 -13.63 -26.91 -47.07
N PRO D 660 -13.99 -27.14 -48.36
CA PRO D 660 -14.23 -26.04 -49.28
C PRO D 660 -15.41 -25.18 -48.84
N ARG D 661 -15.33 -23.88 -49.10
CA ARG D 661 -16.40 -22.89 -48.79
C ARG D 661 -17.60 -23.13 -49.70
N VAL D 662 -18.81 -23.08 -49.13
CA VAL D 662 -20.05 -23.03 -49.89
C VAL D 662 -20.15 -21.72 -50.69
N PHE D 663 -19.73 -20.61 -50.07
CA PHE D 663 -19.77 -19.27 -50.68
C PHE D 663 -18.36 -18.68 -50.66
N PRO D 664 -17.57 -18.82 -51.74
CA PRO D 664 -16.19 -18.32 -51.77
C PRO D 664 -16.05 -16.83 -51.40
N GLU D 665 -17.04 -15.97 -51.67
CA GLU D 665 -16.91 -14.55 -51.37
C GLU D 665 -17.71 -14.12 -50.12
N ALA D 666 -18.06 -15.09 -49.26
CA ALA D 666 -18.86 -14.79 -48.08
C ALA D 666 -18.18 -13.73 -47.19
N ALA D 667 -16.89 -13.91 -46.92
CA ALA D 667 -16.14 -13.02 -46.03
C ALA D 667 -16.29 -11.55 -46.45
N THR D 668 -16.07 -11.28 -47.74
CA THR D 668 -16.11 -9.92 -48.27
C THR D 668 -17.53 -9.36 -48.36
N LEU D 669 -18.50 -10.20 -48.70
CA LEU D 669 -19.90 -9.79 -48.76
C LEU D 669 -20.43 -9.42 -47.37
N ILE D 670 -20.03 -10.21 -46.36
CA ILE D 670 -20.43 -9.98 -44.99
C ILE D 670 -19.85 -8.66 -44.48
N ALA D 671 -18.60 -8.37 -44.86
CA ALA D 671 -17.91 -7.14 -44.45
C ALA D 671 -18.29 -5.90 -45.28
N SER D 672 -19.02 -6.10 -46.37
CA SER D 672 -19.39 -5.05 -47.32
C SER D 672 -18.19 -4.30 -47.91
N TYR D 673 -17.08 -5.04 -48.08
CA TYR D 673 -15.85 -4.50 -48.71
C TYR D 673 -15.25 -5.55 -49.66
N ARG D 674 -15.09 -5.18 -50.93
CA ARG D 674 -14.30 -5.95 -51.92
C ARG D 674 -13.04 -5.14 -52.28
N LYS D 675 -11.88 -5.66 -51.91
CA LYS D 675 -10.61 -5.04 -52.20
C LYS D 675 -10.53 -4.69 -53.67
N GLN D 676 -10.05 -3.47 -53.95
CA GLN D 676 -9.57 -3.09 -55.27
C GLN D 676 -8.14 -2.65 -55.07
N VAL D 677 -7.22 -3.18 -55.87
CA VAL D 677 -5.83 -2.76 -55.85
C VAL D 677 -5.75 -1.33 -56.38
N MET D 678 -5.21 -0.46 -55.53
CA MET D 678 -5.00 0.94 -55.92
C MET D 678 -3.50 1.17 -55.75
N ASP D 679 -2.77 1.20 -56.86
CA ASP D 679 -1.30 1.27 -56.80
C ASP D 679 -0.88 2.72 -56.49
N THR D 680 0.07 2.86 -55.60
CA THR D 680 0.51 4.23 -55.20
C THR D 680 1.68 4.63 -56.11
N ARG D 681 2.14 3.68 -56.92
CA ARG D 681 3.23 3.82 -57.92
C ARG D 681 2.66 4.12 -59.30
N VAL D 682 1.34 4.27 -59.43
CA VAL D 682 0.66 4.61 -60.71
C VAL D 682 1.38 5.77 -61.40
N VAL D 683 1.60 5.64 -62.71
CA VAL D 683 2.16 6.78 -63.49
C VAL D 683 1.01 7.78 -63.73
N ILE D 684 1.19 8.98 -63.24
CA ILE D 684 0.13 10.02 -63.35
C ILE D 684 0.62 11.11 -64.31
PA 2KH M . 5.55 -26.91 30.48
O1A 2KH M . 6.44 -27.79 31.33
O2A 2KH M . 5.31 -25.65 31.18
N3A 2KH M . 4.14 -27.76 30.26
O5' 2KH M . 6.25 -26.52 29.01
PB 2KH M . 3.79 -28.35 28.72
O1B 2KH M . 4.90 -29.12 28.13
O2B 2KH M . 3.49 -27.18 27.88
O3B 2KH M . 2.50 -29.32 28.82
PG 2KH M . 1.50 -29.54 27.50
O1G 2KH M . 0.27 -28.70 27.68
O2G 2KH M . 2.25 -29.14 26.24
O3G 2KH M . 1.09 -30.98 27.41
C5' 2KH M . 7.41 -27.21 28.50
C4' 2KH M . 8.61 -26.47 28.58
O4' 2KH M . 8.49 -25.03 28.11
C1' 2KH M . 9.01 -24.26 29.07
C2' 2KH M . 9.03 -25.13 30.41
O2' 2KH M . 10.24 -24.80 31.17
C3' 2KH M . 8.97 -26.40 30.07
O3' 2KH M . 10.25 -27.20 30.19
N1 2KH M . 8.19 -23.10 29.28
C6 2KH M . 6.87 -23.02 28.70
C2 2KH M . 8.67 -21.95 30.11
O2 2KH M . 9.72 -21.93 30.62
N3 2KH M . 7.80 -20.76 30.32
C4 2KH M . 6.51 -20.70 29.74
O4 2KH M . 5.81 -19.69 29.93
C5 2KH M . 6.00 -21.83 28.91
MN MN N . 6.13 -25.66 25.76
PA 2KH O . 18.24 53.36 29.95
O1A 2KH O . 17.63 52.19 30.48
O2A 2KH O . 19.42 53.35 30.90
N3A 2KH O . 17.38 54.75 30.29
O5' 2KH O . 18.52 52.91 28.37
PB 2KH O . 16.94 56.10 29.38
O1B 2KH O . 15.59 55.90 28.88
O2B 2KH O . 17.82 56.47 28.27
O3B 2KH O . 17.02 57.36 30.41
PG 2KH O . 16.63 57.20 32.03
O1G 2KH O . 17.73 56.44 32.72
O2G 2KH O . 15.33 56.42 32.04
O3G 2KH O . 16.49 58.51 32.71
C5' 2KH O . 18.54 53.70 27.17
C4' 2KH O . 17.84 53.14 26.09
O4' 2KH O . 17.92 51.61 26.11
C1' 2KH O . 16.73 51.18 25.74
C2' 2KH O . 15.84 52.49 25.48
O2' 2KH O . 15.92 52.79 24.06
C3' 2KH O . 16.35 53.43 26.25
O3' 2KH O . 16.07 54.87 25.86
N1 2KH O . 16.16 50.34 26.75
C6 2KH O . 16.36 50.54 28.15
C2 2KH O . 15.33 49.18 26.33
O2 2KH O . 15.15 48.97 25.20
N3 2KH O . 14.73 48.31 27.36
C4 2KH O . 14.92 48.53 28.75
O4 2KH O . 14.39 47.76 29.57
C5 2KH O . 15.76 49.66 29.21
C1 PEG P . -6.12 27.94 -29.25
O1 PEG P . -4.85 28.49 -28.94
C2 PEG P . -7.19 28.37 -28.28
O2 PEG P . -6.95 29.70 -27.83
C3 PEG P . -7.12 29.85 -26.43
C4 PEG P . -6.48 31.12 -25.99
O4 PEG P . -7.18 31.73 -24.93
#